data_4O5M
#
_entry.id   4O5M
#
_cell.length_a   82.210
_cell.length_b   91.070
_cell.length_c   102.140
_cell.angle_alpha   90.000
_cell.angle_beta   99.250
_cell.angle_gamma   90.000
#
_symmetry.space_group_name_H-M   'P 1 21 1'
#
loop_
_entity.id
_entity.type
_entity.pdbx_description
1 polymer 'Isovaleryl-CoA dehydrogenase'
2 non-polymer 'CALCIUM ION'
3 non-polymer 1-METHOXY-2-[2-(2-METHOXY-ETHOXY]-ETHANE
4 water water
#
_entity_poly.entity_id   1
_entity_poly.type   'polypeptide(L)'
_entity_poly.pdbx_seq_one_letter_code
;MAHHHHHHMNFGLGEEIEALRDTVRRFAESRIAPLAAETDRNNQFPMHLWREFGELGVLGITAPEDYGGAGMGYLAHCIA
MEEISRASASIGLSYGAHSNLCVNQITRNGSPEQRAKYLPKLISGEHVGALAMSEPGAGSDVVSMKLAAEKRGDRYVLNG
NKMWITNGPDADVLVVYAKTDLSAGPRGISAFIIEKGFKGFSTAQKLDKLGMRGSNTCELVFEDCEVPAENLLGTEGKGV
NVLMSGLDYERVVLAGGPLGIMAACLDVVVPYVHERKQFDQPIGEFQLMQCKLADMYVTFNASRAYVYAVAAACDRGETT
RKDAAGCILYSAENATQMALQAIQSLGGNGYINDYPTGRLLRDAKLYEIGAGTSEIRRMLIGRELFQETR
;
_entity_poly.pdbx_strand_id   A,B,C,D
#
loop_
_chem_comp.id
_chem_comp.type
_chem_comp.name
_chem_comp.formula
CA non-polymer 'CALCIUM ION' 'Ca 2'
PG5 non-polymer 1-METHOXY-2-[2-(2-METHOXY-ETHOXY]-ETHANE 'C8 H18 O4'
#
# COMPACT_ATOMS: atom_id res chain seq x y z
N HIS A 5 -19.07 5.17 21.47
CA HIS A 5 -17.94 4.62 20.74
C HIS A 5 -17.96 3.09 20.73
N HIS A 6 -17.98 2.51 19.54
CA HIS A 6 -17.99 1.06 19.39
C HIS A 6 -16.91 0.57 18.43
N HIS A 7 -15.75 1.22 18.44
CA HIS A 7 -14.66 0.80 17.57
C HIS A 7 -13.53 0.13 18.36
N HIS A 8 -13.84 -0.25 19.59
CA HIS A 8 -12.91 -1.02 20.42
C HIS A 8 -13.35 -2.48 20.50
N MET A 9 -12.52 -3.39 20.00
CA MET A 9 -12.74 -4.82 20.21
C MET A 9 -12.43 -5.18 21.66
N ASN A 10 -13.20 -6.09 22.23
CA ASN A 10 -12.95 -6.56 23.59
C ASN A 10 -12.02 -7.76 23.58
N PHE A 11 -10.94 -7.68 24.36
CA PHE A 11 -9.93 -8.73 24.38
C PHE A 11 -10.02 -9.63 25.61
N GLY A 12 -11.06 -9.45 26.41
CA GLY A 12 -11.28 -10.28 27.60
C GLY A 12 -10.09 -10.29 28.54
N LEU A 13 -9.63 -9.11 28.92
CA LEU A 13 -8.38 -8.95 29.66
C LEU A 13 -8.52 -9.10 31.17
N GLY A 14 -9.74 -9.32 31.65
CA GLY A 14 -9.96 -9.54 33.07
C GLY A 14 -10.47 -8.31 33.80
N GLU A 15 -11.12 -8.54 34.94
CA GLU A 15 -11.80 -7.50 35.69
C GLU A 15 -10.89 -6.35 36.15
N GLU A 16 -9.66 -6.69 36.55
CA GLU A 16 -8.76 -5.68 37.11
C GLU A 16 -8.26 -4.70 36.04
N ILE A 17 -7.89 -5.22 34.88
CA ILE A 17 -7.44 -4.38 33.78
C ILE A 17 -8.59 -3.57 33.19
N GLU A 18 -9.76 -4.18 33.08
CA GLU A 18 -10.93 -3.50 32.55
C GLU A 18 -11.38 -2.38 33.48
N ALA A 19 -11.15 -2.55 34.78
CA ALA A 19 -11.46 -1.52 35.76
C ALA A 19 -10.49 -0.36 35.62
N LEU A 20 -9.22 -0.69 35.38
CA LEU A 20 -8.18 0.31 35.16
C LEU A 20 -8.49 1.14 33.92
N ARG A 21 -8.84 0.48 32.83
CA ARG A 21 -9.18 1.16 31.58
C ARG A 21 -10.33 2.13 31.78
N ASP A 22 -11.40 1.67 32.43
CA ASP A 22 -12.58 2.49 32.65
C ASP A 22 -12.31 3.70 33.55
N THR A 23 -11.53 3.49 34.60
CA THR A 23 -11.17 4.57 35.51
C THR A 23 -10.36 5.64 34.82
N VAL A 24 -9.35 5.22 34.07
CA VAL A 24 -8.48 6.15 33.35
C VAL A 24 -9.25 6.86 32.25
N ARG A 25 -10.11 6.12 31.55
CA ARG A 25 -10.94 6.69 30.50
C ARG A 25 -11.85 7.80 31.01
N ARG A 26 -12.50 7.57 32.15
CA ARG A 26 -13.40 8.57 32.72
C ARG A 26 -12.62 9.80 33.19
N PHE A 27 -11.44 9.57 33.76
CA PHE A 27 -10.56 10.65 34.18
C PHE A 27 -10.08 11.46 32.98
N ALA A 28 -9.63 10.77 31.94
CA ALA A 28 -9.11 11.41 30.74
C ALA A 28 -10.18 12.29 30.10
N GLU A 29 -11.40 11.78 30.06
CA GLU A 29 -12.53 12.49 29.45
C GLU A 29 -12.87 13.78 30.19
N SER A 30 -12.79 13.74 31.52
CA SER A 30 -13.20 14.88 32.33
C SER A 30 -12.05 15.84 32.64
N ARG A 31 -10.85 15.29 32.80
CA ARG A 31 -9.73 16.10 33.28
C ARG A 31 -8.61 16.35 32.26
N ILE A 32 -8.56 15.58 31.19
CA ILE A 32 -7.46 15.74 30.23
C ILE A 32 -7.93 16.34 28.90
N ALA A 33 -8.94 15.74 28.30
CA ALA A 33 -9.45 16.17 27.00
C ALA A 33 -9.80 17.67 26.91
N PRO A 34 -10.47 18.25 27.95
CA PRO A 34 -10.78 19.67 27.81
C PRO A 34 -9.58 20.61 27.71
N LEU A 35 -8.43 20.21 28.26
CA LEU A 35 -7.24 21.06 28.23
C LEU A 35 -6.25 20.65 27.15
N ALA A 36 -6.64 19.67 26.34
CA ALA A 36 -5.75 19.10 25.32
C ALA A 36 -5.29 20.16 24.32
N ALA A 37 -6.24 20.95 23.82
CA ALA A 37 -5.93 21.99 22.84
C ALA A 37 -5.06 23.09 23.44
N GLU A 38 -5.38 23.49 24.67
CA GLU A 38 -4.63 24.55 25.35
C GLU A 38 -3.22 24.10 25.69
N THR A 39 -3.07 22.82 26.00
CA THR A 39 -1.77 22.25 26.31
C THR A 39 -0.85 22.31 25.10
N ASP A 40 -1.40 21.96 23.94
CA ASP A 40 -0.65 21.98 22.69
C ASP A 40 -0.29 23.40 22.27
N ARG A 41 -1.24 24.32 22.48
CA ARG A 41 -1.05 25.71 22.10
C ARG A 41 0.00 26.41 22.94
N ASN A 42 -0.08 26.22 24.25
CA ASN A 42 0.80 26.89 25.19
C ASN A 42 2.15 26.22 25.38
N ASN A 43 2.27 24.98 24.87
CA ASN A 43 3.50 24.19 25.02
C ASN A 43 3.89 24.04 26.50
N GLN A 44 2.89 23.84 27.36
CA GLN A 44 3.14 23.73 28.78
C GLN A 44 2.35 22.58 29.38
N PHE A 45 3.02 21.75 30.16
CA PHE A 45 2.34 20.68 30.87
C PHE A 45 1.53 21.28 32.02
N PRO A 46 0.26 20.87 32.13
CA PRO A 46 -0.54 21.31 33.27
C PRO A 46 -0.11 20.55 34.53
N MET A 47 0.65 21.24 35.38
CA MET A 47 1.33 20.61 36.50
C MET A 47 0.37 20.03 37.54
N HIS A 48 -0.86 20.53 37.55
CA HIS A 48 -1.87 20.06 38.49
C HIS A 48 -2.24 18.59 38.23
N LEU A 49 -1.94 18.10 37.03
CA LEU A 49 -2.29 16.74 36.67
C LEU A 49 -1.46 15.69 37.41
N TRP A 50 -0.27 16.07 37.82
CA TRP A 50 0.62 15.13 38.50
C TRP A 50 0.02 14.62 39.80
N ARG A 51 -0.53 15.53 40.60
CA ARG A 51 -1.17 15.15 41.84
C ARG A 51 -2.48 14.41 41.58
N GLU A 52 -3.18 14.78 40.51
CA GLU A 52 -4.43 14.14 40.14
C GLU A 52 -4.19 12.72 39.63
N PHE A 53 -3.12 12.55 38.85
CA PHE A 53 -2.68 11.23 38.43
C PHE A 53 -2.37 10.38 39.66
N GLY A 54 -1.68 11.00 40.61
CA GLY A 54 -1.31 10.35 41.85
C GLY A 54 -2.50 9.86 42.66
N GLU A 55 -3.49 10.73 42.85
CA GLU A 55 -4.68 10.38 43.60
C GLU A 55 -5.52 9.36 42.85
N LEU A 56 -5.37 9.34 41.52
CA LEU A 56 -6.05 8.36 40.69
C LEU A 56 -5.39 6.99 40.85
N GLY A 57 -4.11 6.99 41.21
CA GLY A 57 -3.38 5.76 41.46
C GLY A 57 -2.80 5.12 40.23
N VAL A 58 -2.41 5.93 39.25
CA VAL A 58 -1.92 5.40 37.98
C VAL A 58 -0.44 5.71 37.71
N LEU A 59 0.21 6.39 38.65
CA LEU A 59 1.62 6.75 38.47
C LEU A 59 2.57 5.62 38.84
N GLY A 60 2.02 4.58 39.48
CA GLY A 60 2.83 3.44 39.87
C GLY A 60 2.18 2.11 39.50
N ILE A 61 1.69 2.02 38.26
CA ILE A 61 0.98 0.85 37.78
C ILE A 61 1.79 -0.44 37.96
N THR A 62 3.07 -0.39 37.58
CA THR A 62 3.94 -1.55 37.68
C THR A 62 4.84 -1.48 38.92
N ALA A 63 4.52 -0.56 39.83
CA ALA A 63 5.28 -0.40 41.07
C ALA A 63 4.68 -1.24 42.19
N PRO A 64 5.52 -1.69 43.14
CA PRO A 64 5.01 -2.51 44.26
C PRO A 64 3.97 -1.76 45.08
N GLU A 65 3.01 -2.50 45.61
CA GLU A 65 1.91 -1.93 46.39
C GLU A 65 2.38 -1.41 47.74
N ASP A 66 3.54 -1.88 48.18
CA ASP A 66 4.12 -1.46 49.46
C ASP A 66 4.59 -0.02 49.42
N TYR A 67 4.78 0.52 48.22
CA TYR A 67 5.19 1.90 48.05
C TYR A 67 4.08 2.74 47.43
N GLY A 68 2.87 2.19 47.39
CA GLY A 68 1.72 2.89 46.85
C GLY A 68 1.42 2.53 45.41
N GLY A 69 2.19 1.60 44.86
CA GLY A 69 1.98 1.16 43.48
C GLY A 69 0.76 0.29 43.33
N ALA A 70 0.43 -0.03 42.09
CA ALA A 70 -0.75 -0.86 41.80
C ALA A 70 -0.38 -2.34 41.75
N GLY A 71 0.91 -2.62 41.59
CA GLY A 71 1.41 -3.98 41.52
C GLY A 71 0.89 -4.73 40.30
N MET A 72 0.64 -4.00 39.22
CA MET A 72 0.16 -4.61 37.99
C MET A 72 1.29 -4.78 36.98
N GLY A 73 0.94 -5.13 35.74
CA GLY A 73 1.93 -5.45 34.73
C GLY A 73 2.01 -4.46 33.57
N TYR A 74 2.79 -4.83 32.56
CA TYR A 74 3.04 -3.96 31.42
C TYR A 74 1.84 -3.88 30.47
N LEU A 75 1.02 -4.92 30.47
CA LEU A 75 -0.22 -4.91 29.69
C LEU A 75 -1.16 -3.84 30.23
N ALA A 76 -1.34 -3.85 31.55
CA ALA A 76 -2.15 -2.85 32.23
C ALA A 76 -1.63 -1.44 32.02
N HIS A 77 -0.31 -1.28 32.12
CA HIS A 77 0.32 0.02 31.98
C HIS A 77 0.18 0.55 30.56
N CYS A 78 0.34 -0.34 29.58
CA CYS A 78 0.17 0.01 28.18
C CYS A 78 -1.21 0.60 27.91
N ILE A 79 -2.22 0.01 28.55
CA ILE A 79 -3.60 0.41 28.35
C ILE A 79 -3.94 1.74 29.05
N ALA A 80 -3.34 1.97 30.22
CA ALA A 80 -3.45 3.25 30.89
C ALA A 80 -2.83 4.34 30.01
N MET A 81 -1.66 4.02 29.46
CA MET A 81 -0.96 4.90 28.52
C MET A 81 -1.84 5.22 27.32
N GLU A 82 -2.49 4.19 26.80
CA GLU A 82 -3.38 4.32 25.64
C GLU A 82 -4.52 5.30 25.88
N GLU A 83 -5.24 5.11 26.99
CA GLU A 83 -6.42 5.93 27.27
C GLU A 83 -6.07 7.39 27.57
N ILE A 84 -4.91 7.61 28.19
CA ILE A 84 -4.44 8.97 28.46
C ILE A 84 -4.02 9.64 27.16
N SER A 85 -3.26 8.90 26.34
CA SER A 85 -2.79 9.41 25.06
C SER A 85 -3.95 9.68 24.11
N ARG A 86 -5.02 8.92 24.30
CA ARG A 86 -6.26 9.11 23.53
C ARG A 86 -6.82 10.52 23.71
N ALA A 87 -6.70 11.04 24.93
CA ALA A 87 -7.16 12.39 25.23
C ALA A 87 -6.11 13.43 24.88
N SER A 88 -4.85 13.10 25.15
CA SER A 88 -3.73 13.99 24.81
C SER A 88 -2.43 13.19 24.71
N ALA A 89 -1.85 13.17 23.50
CA ALA A 89 -0.63 12.42 23.27
C ALA A 89 0.55 13.02 24.02
N SER A 90 0.59 14.35 24.09
CA SER A 90 1.63 15.07 24.82
C SER A 90 1.65 14.68 26.29
N ILE A 91 0.48 14.76 26.92
CA ILE A 91 0.34 14.43 28.33
C ILE A 91 0.62 12.94 28.55
N GLY A 92 0.22 12.12 27.58
CA GLY A 92 0.52 10.70 27.60
C GLY A 92 2.01 10.41 27.63
N LEU A 93 2.77 11.13 26.81
CA LEU A 93 4.21 10.95 26.74
C LEU A 93 4.87 11.30 28.06
N SER A 94 4.48 12.44 28.64
CA SER A 94 4.99 12.87 29.93
C SER A 94 4.63 11.87 31.02
N TYR A 95 3.39 11.38 30.98
CA TYR A 95 2.93 10.38 31.94
C TYR A 95 3.75 9.09 31.80
N GLY A 96 4.01 8.71 30.56
CA GLY A 96 4.76 7.50 30.29
C GLY A 96 6.20 7.59 30.76
N ALA A 97 6.83 8.73 30.52
CA ALA A 97 8.21 8.93 30.94
C ALA A 97 8.34 8.86 32.46
N HIS A 98 7.33 9.37 33.15
CA HIS A 98 7.32 9.37 34.61
C HIS A 98 7.01 7.99 35.18
N SER A 99 5.79 7.52 34.90
CA SER A 99 5.26 6.31 35.53
C SER A 99 5.89 5.03 35.00
N ASN A 100 6.42 5.08 33.78
CA ASN A 100 6.97 3.88 33.16
C ASN A 100 8.49 3.91 33.03
N LEU A 101 9.03 4.93 32.35
CA LEU A 101 10.47 5.01 32.16
C LEU A 101 11.25 5.22 33.45
N CYS A 102 10.77 6.12 34.32
CA CYS A 102 11.49 6.42 35.56
C CYS A 102 11.13 5.45 36.67
N VAL A 103 9.85 5.43 37.05
CA VAL A 103 9.38 4.62 38.17
C VAL A 103 9.69 3.14 38.05
N ASN A 104 9.40 2.54 36.89
CA ASN A 104 9.62 1.12 36.71
C ASN A 104 11.11 0.75 36.68
N GLN A 105 11.96 1.69 36.27
CA GLN A 105 13.40 1.46 36.30
C GLN A 105 13.89 1.37 37.74
N ILE A 106 13.39 2.28 38.58
CA ILE A 106 13.72 2.26 40.00
C ILE A 106 13.10 1.04 40.65
N THR A 107 11.88 0.70 40.22
CA THR A 107 11.19 -0.49 40.72
C THR A 107 11.99 -1.76 40.44
N ARG A 108 12.46 -1.90 39.21
CA ARG A 108 13.15 -3.13 38.79
C ARG A 108 14.61 -3.20 39.21
N ASN A 109 15.31 -2.07 39.15
CA ASN A 109 16.75 -2.08 39.32
C ASN A 109 17.23 -1.42 40.62
N GLY A 110 16.30 -0.79 41.34
CA GLY A 110 16.64 -0.11 42.57
C GLY A 110 16.78 -1.05 43.76
N SER A 111 17.70 -0.73 44.66
CA SER A 111 17.83 -1.46 45.91
C SER A 111 16.62 -1.15 46.81
N PRO A 112 16.35 -2.02 47.79
CA PRO A 112 15.23 -1.79 48.73
C PRO A 112 15.28 -0.40 49.38
N GLU A 113 16.48 0.07 49.70
CA GLU A 113 16.65 1.38 50.31
C GLU A 113 16.29 2.49 49.31
N GLN A 114 16.69 2.30 48.06
CA GLN A 114 16.41 3.27 47.01
C GLN A 114 14.92 3.35 46.68
N ARG A 115 14.24 2.20 46.72
CA ARG A 115 12.82 2.16 46.42
C ARG A 115 12.00 2.87 47.50
N ALA A 116 12.32 2.59 48.75
CA ALA A 116 11.62 3.19 49.88
C ALA A 116 11.79 4.71 49.93
N LYS A 117 12.91 5.19 49.39
CA LYS A 117 13.23 6.61 49.42
C LYS A 117 12.61 7.42 48.28
N TYR A 118 12.66 6.88 47.06
CA TYR A 118 12.32 7.66 45.88
C TYR A 118 10.94 7.36 45.29
N LEU A 119 10.49 6.12 45.38
CA LEU A 119 9.21 5.73 44.78
C LEU A 119 7.96 6.41 45.38
N PRO A 120 7.85 6.49 46.73
CA PRO A 120 6.62 7.04 47.31
C PRO A 120 6.19 8.42 46.80
N LYS A 121 7.13 9.35 46.69
CA LYS A 121 6.80 10.71 46.26
C LYS A 121 6.53 10.76 44.76
N LEU A 122 7.19 9.88 44.01
CA LEU A 122 6.95 9.77 42.57
C LEU A 122 5.57 9.21 42.28
N ILE A 123 5.17 8.21 43.05
CA ILE A 123 3.88 7.54 42.86
C ILE A 123 2.73 8.44 43.30
N SER A 124 2.98 9.31 44.27
CA SER A 124 1.95 10.24 44.74
C SER A 124 1.82 11.43 43.80
N GLY A 125 2.87 11.69 43.02
CA GLY A 125 2.87 12.82 42.11
C GLY A 125 3.46 14.09 42.69
N GLU A 126 3.95 14.01 43.93
CA GLU A 126 4.59 15.15 44.57
C GLU A 126 5.95 15.39 43.92
N HIS A 127 6.56 14.32 43.43
CA HIS A 127 7.78 14.42 42.64
C HIS A 127 7.54 13.98 41.19
N VAL A 128 8.20 14.67 40.25
CA VAL A 128 8.13 14.29 38.85
C VAL A 128 9.41 13.55 38.46
N GLY A 129 9.25 12.48 37.68
CA GLY A 129 10.38 11.65 37.30
C GLY A 129 10.71 11.71 35.82
N ALA A 130 11.95 11.37 35.48
CA ALA A 130 12.39 11.34 34.09
C ALA A 130 13.45 10.27 33.87
N LEU A 131 13.69 9.93 32.60
CA LEU A 131 14.71 8.96 32.25
C LEU A 131 15.62 9.52 31.16
N ALA A 132 16.92 9.37 31.35
CA ALA A 132 17.91 9.82 30.38
C ALA A 132 18.78 8.66 29.92
N MET A 133 18.37 8.01 28.83
CA MET A 133 19.09 6.86 28.30
C MET A 133 20.15 7.29 27.29
N LYS A 146 28.02 10.43 25.40
CA LYS A 146 28.05 11.88 25.59
C LYS A 146 28.12 12.23 27.07
N LEU A 147 27.90 11.23 27.92
CA LEU A 147 27.90 11.43 29.36
C LEU A 147 28.85 10.45 30.03
N ALA A 148 29.76 10.98 30.85
CA ALA A 148 30.75 10.14 31.52
C ALA A 148 30.68 10.23 33.04
N ALA A 149 30.84 9.10 33.70
CA ALA A 149 30.88 9.04 35.16
C ALA A 149 32.19 8.41 35.61
N GLU A 150 32.79 8.97 36.66
CA GLU A 150 34.07 8.47 37.14
C GLU A 150 34.01 8.23 38.65
N LYS A 151 34.32 7.00 39.05
CA LYS A 151 34.32 6.66 40.47
C LYS A 151 35.49 7.33 41.18
N ARG A 152 35.19 8.04 42.26
CA ARG A 152 36.22 8.69 43.07
C ARG A 152 35.96 8.46 44.55
N GLY A 153 36.25 7.25 45.02
CA GLY A 153 36.04 6.87 46.40
C GLY A 153 34.57 6.77 46.79
N ASP A 154 34.14 7.65 47.68
CA ASP A 154 32.77 7.62 48.19
C ASP A 154 31.73 8.13 47.19
N ARG A 155 32.18 8.94 46.22
CA ARG A 155 31.24 9.56 45.30
C ARG A 155 31.54 9.28 43.83
N TYR A 156 30.55 9.54 42.99
CA TYR A 156 30.71 9.49 41.55
C TYR A 156 30.71 10.90 40.99
N VAL A 157 31.53 11.16 39.97
CA VAL A 157 31.58 12.47 39.35
C VAL A 157 31.13 12.39 37.89
N LEU A 158 30.01 13.04 37.60
CA LEU A 158 29.41 12.98 36.27
C LEU A 158 29.67 14.26 35.47
N ASN A 159 30.09 14.09 34.23
CA ASN A 159 30.21 15.22 33.30
C ASN A 159 29.71 14.86 31.91
N GLY A 160 29.09 15.84 31.25
CA GLY A 160 28.48 15.62 29.96
C GLY A 160 27.06 16.13 29.94
N ASN A 161 26.31 15.73 28.91
CA ASN A 161 24.93 16.17 28.77
C ASN A 161 24.02 15.08 28.20
N LYS A 162 22.72 15.25 28.41
CA LYS A 162 21.72 14.36 27.83
C LYS A 162 20.64 15.21 27.16
N MET A 163 20.38 14.93 25.90
CA MET A 163 19.45 15.75 25.12
C MET A 163 18.06 15.13 25.05
N TRP A 164 17.06 15.97 24.80
CA TRP A 164 15.70 15.52 24.52
C TRP A 164 15.08 14.69 25.65
N ILE A 165 15.12 15.21 26.87
CA ILE A 165 14.58 14.49 28.02
C ILE A 165 13.19 14.96 28.44
N THR A 166 12.22 14.06 28.35
CA THR A 166 10.84 14.33 28.74
C THR A 166 10.74 14.55 30.25
N ASN A 167 9.96 15.56 30.65
CA ASN A 167 9.80 15.98 32.05
C ASN A 167 11.08 16.60 32.61
N GLY A 168 12.06 16.81 31.75
CA GLY A 168 13.33 17.40 32.11
C GLY A 168 13.31 18.63 33.01
N PRO A 169 12.58 19.68 32.60
CA PRO A 169 12.55 20.92 33.39
C PRO A 169 11.90 20.77 34.77
N ASP A 170 11.02 19.78 34.93
CA ASP A 170 10.24 19.65 36.15
C ASP A 170 10.67 18.48 37.03
N ALA A 171 11.54 17.63 36.50
CA ALA A 171 11.89 16.38 37.17
C ALA A 171 12.63 16.61 38.51
N ASP A 172 12.09 16.02 39.56
CA ASP A 172 12.74 16.03 40.87
C ASP A 172 13.68 14.83 41.00
N VAL A 173 13.29 13.73 40.35
CA VAL A 173 14.09 12.51 40.36
C VAL A 173 14.33 12.04 38.93
N LEU A 174 15.58 11.73 38.61
CA LEU A 174 15.92 11.32 37.25
C LEU A 174 16.79 10.07 37.24
N VAL A 175 16.42 9.10 36.42
CA VAL A 175 17.27 7.93 36.18
C VAL A 175 18.17 8.20 35.00
N VAL A 176 19.48 8.15 35.23
CA VAL A 176 20.44 8.56 34.23
C VAL A 176 21.51 7.50 33.97
N TYR A 177 21.82 7.28 32.69
CA TYR A 177 22.88 6.35 32.29
C TYR A 177 24.14 7.08 31.85
N ALA A 178 25.30 6.58 32.29
CA ALA A 178 26.57 7.18 31.95
C ALA A 178 27.63 6.12 31.61
N LYS A 179 28.70 6.56 30.95
CA LYS A 179 29.79 5.68 30.52
C LYS A 179 30.92 5.57 31.55
N THR A 180 31.45 4.36 31.71
CA THR A 180 32.55 4.10 32.64
C THR A 180 33.85 3.90 31.86
N GLY A 188 30.40 -1.44 31.14
CA GLY A 188 30.88 -0.20 30.59
C GLY A 188 29.90 0.94 30.81
N ILE A 189 28.66 0.59 31.10
CA ILE A 189 27.60 1.57 31.32
C ILE A 189 26.95 1.36 32.68
N SER A 190 26.68 2.45 33.39
CA SER A 190 26.04 2.38 34.69
C SER A 190 24.88 3.36 34.79
N ALA A 191 23.93 3.06 35.67
CA ALA A 191 22.77 3.92 35.88
C ALA A 191 22.81 4.58 37.26
N PHE A 192 22.29 5.80 37.33
CA PHE A 192 22.32 6.56 38.58
C PHE A 192 20.97 7.21 38.85
N ILE A 193 20.67 7.40 40.14
CA ILE A 193 19.49 8.17 40.52
C ILE A 193 19.91 9.60 40.84
N ILE A 194 19.41 10.55 40.05
CA ILE A 194 19.79 11.94 40.20
C ILE A 194 18.66 12.74 40.84
N GLU A 195 19.03 13.60 41.79
CA GLU A 195 18.08 14.53 42.39
C GLU A 195 18.30 15.92 41.85
N LYS A 196 17.21 16.69 41.76
CA LYS A 196 17.24 18.05 41.24
C LYS A 196 18.23 18.91 42.04
N GLY A 197 18.37 18.59 43.33
CA GLY A 197 19.24 19.34 44.22
C GLY A 197 20.70 18.99 44.19
N PHE A 198 21.10 18.04 43.33
CA PHE A 198 22.50 17.65 43.24
C PHE A 198 23.38 18.76 42.69
N LYS A 199 24.49 19.04 43.36
CA LYS A 199 25.46 20.03 42.90
C LYS A 199 26.07 19.58 41.58
N GLY A 200 26.11 20.49 40.61
CA GLY A 200 26.65 20.19 39.30
C GLY A 200 25.60 19.79 38.29
N PHE A 201 24.38 19.58 38.75
CA PHE A 201 23.27 19.23 37.86
C PHE A 201 22.40 20.44 37.52
N SER A 202 22.16 20.64 36.23
CA SER A 202 21.34 21.75 35.77
C SER A 202 20.54 21.37 34.53
N THR A 203 19.49 22.14 34.24
CA THR A 203 18.65 21.89 33.08
C THR A 203 18.57 23.12 32.20
N ALA A 204 18.59 22.92 30.89
CA ALA A 204 18.51 24.01 29.93
C ALA A 204 17.06 24.40 29.66
N GLN A 205 16.89 25.43 28.83
CA GLN A 205 15.58 25.91 28.44
C GLN A 205 14.78 24.81 27.75
N LYS A 206 13.49 24.68 28.08
CA LYS A 206 12.69 23.60 27.52
C LYS A 206 12.48 23.80 26.01
N LEU A 207 12.31 22.69 25.30
CA LEU A 207 12.19 22.74 23.84
C LEU A 207 10.80 23.20 23.38
N ASP A 208 10.76 23.86 22.23
CA ASP A 208 9.50 24.19 21.58
C ASP A 208 9.41 23.32 20.33
N LYS A 209 8.78 22.17 20.44
CA LYS A 209 8.81 21.19 19.37
C LYS A 209 7.60 21.31 18.46
N LEU A 210 7.72 20.75 17.26
CA LEU A 210 6.64 20.72 16.28
C LEU A 210 5.42 20.00 16.85
N GLY A 211 5.67 18.91 17.57
CA GLY A 211 4.59 18.15 18.17
C GLY A 211 4.94 17.76 19.59
N MET A 212 4.05 16.99 20.22
CA MET A 212 4.17 16.67 21.64
C MET A 212 4.33 17.94 22.46
N ARG A 213 3.64 18.99 22.04
CA ARG A 213 3.68 20.27 22.74
C ARG A 213 2.92 20.16 24.04
N GLY A 214 3.54 20.65 25.12
CA GLY A 214 2.96 20.50 26.44
C GLY A 214 3.57 19.31 27.17
N SER A 215 4.46 18.61 26.49
CA SER A 215 5.31 17.62 27.15
C SER A 215 6.69 18.24 27.36
N ASN A 216 6.94 18.71 28.58
CA ASN A 216 8.13 19.52 28.84
C ASN A 216 9.42 18.74 28.64
N THR A 217 10.18 19.16 27.64
CA THR A 217 11.41 18.49 27.24
C THR A 217 12.59 19.46 27.23
N CYS A 218 13.72 19.03 27.80
CA CYS A 218 14.90 19.90 27.85
C CYS A 218 16.21 19.13 27.94
N GLU A 219 17.31 19.85 27.83
CA GLU A 219 18.65 19.27 27.97
C GLU A 219 19.06 19.15 29.43
N LEU A 220 19.65 18.01 29.76
CA LEU A 220 20.26 17.83 31.08
C LEU A 220 21.74 18.16 31.01
N VAL A 221 22.25 18.91 31.98
CA VAL A 221 23.65 19.30 31.98
C VAL A 221 24.35 18.88 33.27
N PHE A 222 25.44 18.13 33.12
CA PHE A 222 26.23 17.67 34.26
C PHE A 222 27.65 18.25 34.21
N GLU A 223 27.97 19.09 35.17
CA GLU A 223 29.30 19.67 35.28
C GLU A 223 29.89 19.38 36.66
N ASP A 224 30.76 18.38 36.72
CA ASP A 224 31.33 17.91 37.99
C ASP A 224 30.20 17.59 38.97
N CYS A 225 29.19 16.87 38.50
CA CYS A 225 28.04 16.55 39.32
C CYS A 225 28.37 15.45 40.31
N GLU A 226 28.24 15.76 41.60
CA GLU A 226 28.58 14.83 42.65
C GLU A 226 27.39 13.92 42.96
N VAL A 227 27.57 12.62 42.72
CA VAL A 227 26.54 11.63 42.99
C VAL A 227 27.04 10.62 44.02
N PRO A 228 26.29 10.46 45.11
CA PRO A 228 26.65 9.49 46.16
C PRO A 228 26.68 8.07 45.62
N ALA A 229 27.52 7.22 46.21
CA ALA A 229 27.61 5.82 45.80
C ALA A 229 26.32 5.09 46.09
N GLU A 230 25.57 5.60 47.07
CA GLU A 230 24.28 5.02 47.44
C GLU A 230 23.21 5.26 46.38
N ASN A 231 23.52 6.11 45.41
CA ASN A 231 22.57 6.42 44.34
C ASN A 231 22.90 5.69 43.04
N LEU A 232 23.90 4.81 43.09
CA LEU A 232 24.20 3.95 41.94
C LEU A 232 23.10 2.92 41.72
N LEU A 233 22.57 2.88 40.50
CA LEU A 233 21.51 1.94 40.16
C LEU A 233 22.02 0.64 39.52
N GLY A 234 21.56 -0.50 40.04
CA GLY A 234 21.98 -1.81 39.57
C GLY A 234 23.45 -2.04 39.26
N LEU A 247 14.40 -1.98 29.71
CA LEU A 247 14.19 -0.94 28.71
C LEU A 247 13.19 -1.38 27.66
N ASP A 248 13.31 -2.65 27.24
CA ASP A 248 12.43 -3.22 26.23
C ASP A 248 10.98 -3.28 26.70
N TYR A 249 10.75 -3.79 27.91
CA TYR A 249 9.40 -3.87 28.46
C TYR A 249 8.78 -2.49 28.57
N GLU A 250 9.59 -1.52 28.98
CA GLU A 250 9.15 -0.14 29.11
C GLU A 250 8.83 0.46 27.74
N ARG A 251 9.65 0.14 26.75
CA ARG A 251 9.46 0.59 25.38
C ARG A 251 8.12 0.11 24.81
N VAL A 252 7.66 -1.06 25.26
CA VAL A 252 6.41 -1.66 24.80
C VAL A 252 5.22 -0.86 25.33
N VAL A 253 5.31 -0.40 26.57
CA VAL A 253 4.25 0.38 27.18
C VAL A 253 4.02 1.67 26.39
N LEU A 254 5.10 2.27 25.91
CA LEU A 254 5.02 3.52 25.15
C LEU A 254 4.34 3.34 23.79
N ALA A 255 4.20 2.09 23.35
CA ALA A 255 3.43 1.80 22.14
C ALA A 255 1.96 2.15 22.34
N GLY A 256 1.56 2.28 23.61
CA GLY A 256 0.23 2.76 23.95
C GLY A 256 -0.06 4.16 23.44
N GLY A 257 1.01 4.93 23.21
CA GLY A 257 0.87 6.26 22.65
C GLY A 257 0.20 6.26 21.29
N PRO A 258 0.84 5.62 20.30
CA PRO A 258 0.24 5.43 18.97
C PRO A 258 -1.14 4.77 19.01
N LEU A 259 -1.34 3.82 19.91
CA LEU A 259 -2.65 3.18 20.06
C LEU A 259 -3.69 4.21 20.47
N GLY A 260 -3.32 5.07 21.41
CA GLY A 260 -4.20 6.13 21.87
C GLY A 260 -4.49 7.13 20.77
N ILE A 261 -3.46 7.45 19.98
CA ILE A 261 -3.63 8.37 18.85
C ILE A 261 -4.59 7.81 17.80
N MET A 262 -4.46 6.52 17.51
CA MET A 262 -5.37 5.86 16.58
C MET A 262 -6.80 5.86 17.10
N ALA A 263 -6.95 5.60 18.40
CA ALA A 263 -8.25 5.66 19.05
C ALA A 263 -8.86 7.05 18.90
N ALA A 264 -8.03 8.07 19.07
CA ALA A 264 -8.46 9.45 18.94
C ALA A 264 -8.89 9.76 17.49
N CYS A 265 -8.22 9.15 16.53
CA CYS A 265 -8.57 9.31 15.12
C CYS A 265 -10.00 8.83 14.86
N LEU A 266 -10.33 7.65 15.39
CA LEU A 266 -11.66 7.07 15.23
C LEU A 266 -12.70 7.87 16.01
N ASP A 267 -12.30 8.41 17.16
CA ASP A 267 -13.18 9.26 17.96
C ASP A 267 -13.67 10.45 17.16
N VAL A 268 -12.83 10.93 16.26
CA VAL A 268 -13.17 12.07 15.42
C VAL A 268 -13.96 11.65 14.17
N VAL A 269 -13.45 10.63 13.48
CA VAL A 269 -13.99 10.25 12.17
C VAL A 269 -15.39 9.62 12.23
N VAL A 270 -15.61 8.72 13.19
CA VAL A 270 -16.89 7.99 13.26
C VAL A 270 -18.11 8.91 13.44
N PRO A 271 -18.07 9.87 14.39
CA PRO A 271 -19.23 10.76 14.46
C PRO A 271 -19.38 11.64 13.23
N TYR A 272 -18.27 11.97 12.57
CA TYR A 272 -18.31 12.83 11.39
C TYR A 272 -19.02 12.17 10.22
N VAL A 273 -18.78 10.87 10.04
CA VAL A 273 -19.40 10.12 8.95
C VAL A 273 -20.91 10.10 9.12
N HIS A 274 -21.37 10.13 10.36
CA HIS A 274 -22.79 10.22 10.66
C HIS A 274 -23.34 11.58 10.22
N GLU A 275 -22.62 12.63 10.57
CA GLU A 275 -23.00 13.99 10.21
C GLU A 275 -23.03 14.16 8.69
N ARG A 276 -22.13 13.47 8.00
CA ARG A 276 -22.02 13.59 6.55
C ARG A 276 -23.07 12.76 5.82
N LYS A 277 -23.66 11.81 6.53
CA LYS A 277 -24.72 10.99 5.96
C LYS A 277 -25.99 11.84 5.86
N GLN A 278 -26.33 12.25 4.64
CA GLN A 278 -27.41 13.21 4.44
C GLN A 278 -28.27 12.88 3.22
N PHE A 279 -29.39 13.59 3.10
CA PHE A 279 -30.36 13.37 2.02
C PHE A 279 -29.81 13.62 0.62
N ASP A 280 -28.94 14.62 0.46
CA ASP A 280 -28.41 14.92 -0.85
C ASP A 280 -27.11 14.16 -1.16
N GLN A 281 -26.65 13.37 -0.19
CA GLN A 281 -25.46 12.55 -0.37
C GLN A 281 -25.73 11.36 -1.30
N PRO A 282 -24.99 11.25 -2.40
CA PRO A 282 -23.97 12.21 -2.77
C PRO A 282 -24.06 12.54 -4.27
N GLY A 284 -22.40 8.27 -4.19
CA GLY A 284 -21.66 7.04 -4.00
C GLY A 284 -20.66 7.15 -2.86
N GLU A 285 -20.66 8.31 -2.20
CA GLU A 285 -19.67 8.64 -1.18
C GLU A 285 -19.85 7.88 0.15
N PHE A 286 -21.10 7.56 0.49
CA PHE A 286 -21.40 6.92 1.76
C PHE A 286 -20.79 5.53 1.92
N GLN A 287 -20.91 4.73 0.86
CA GLN A 287 -20.41 3.36 0.88
C GLN A 287 -18.89 3.31 0.97
N LEU A 288 -18.24 4.23 0.28
CA LEU A 288 -16.79 4.34 0.28
C LEU A 288 -16.29 4.79 1.64
N MET A 289 -17.07 5.63 2.31
CA MET A 289 -16.73 6.10 3.65
C MET A 289 -16.75 4.96 4.65
N GLN A 290 -17.74 4.09 4.53
CA GLN A 290 -17.86 2.93 5.41
C GLN A 290 -16.70 1.96 5.22
N CYS A 291 -16.26 1.80 3.99
CA CYS A 291 -15.12 0.95 3.68
C CYS A 291 -13.85 1.52 4.31
N LYS A 292 -13.74 2.84 4.28
CA LYS A 292 -12.62 3.53 4.92
C LYS A 292 -12.66 3.31 6.43
N LEU A 293 -13.87 3.33 6.99
CA LEU A 293 -14.07 3.05 8.41
C LEU A 293 -13.59 1.66 8.78
N ALA A 294 -13.94 0.68 7.94
CA ALA A 294 -13.57 -0.71 8.17
C ALA A 294 -12.06 -0.86 8.25
N ASP A 295 -11.35 -0.23 7.33
CA ASP A 295 -9.89 -0.30 7.30
C ASP A 295 -9.27 0.31 8.55
N MET A 296 -9.81 1.45 8.98
CA MET A 296 -9.34 2.11 10.21
C MET A 296 -9.61 1.22 11.43
N TYR A 297 -10.81 0.65 11.48
CA TYR A 297 -11.21 -0.22 12.57
C TYR A 297 -10.29 -1.43 12.67
N VAL A 298 -10.02 -2.07 11.53
CA VAL A 298 -9.19 -3.26 11.50
C VAL A 298 -7.75 -2.92 11.87
N THR A 299 -7.21 -1.86 11.28
CA THR A 299 -5.85 -1.42 11.58
C THR A 299 -5.68 -1.12 13.07
N PHE A 300 -6.66 -0.44 13.64
CA PHE A 300 -6.64 -0.08 15.06
C PHE A 300 -6.61 -1.32 15.96
N ASN A 301 -7.53 -2.25 15.72
CA ASN A 301 -7.67 -3.42 16.57
C ASN A 301 -6.62 -4.49 16.32
N ALA A 302 -6.09 -4.54 15.10
CA ALA A 302 -4.96 -5.41 14.80
C ALA A 302 -3.72 -4.92 15.53
N SER A 303 -3.54 -3.60 15.54
CA SER A 303 -2.44 -2.98 16.27
C SER A 303 -2.54 -3.26 17.76
N ARG A 304 -3.74 -3.08 18.32
CA ARG A 304 -3.97 -3.38 19.73
C ARG A 304 -3.66 -4.83 20.06
N ALA A 305 -4.17 -5.74 19.23
CA ALA A 305 -3.96 -7.17 19.43
C ALA A 305 -2.48 -7.52 19.49
N TYR A 306 -1.70 -6.96 18.56
CA TYR A 306 -0.27 -7.23 18.49
C TYR A 306 0.48 -6.64 19.69
N VAL A 307 0.23 -5.37 19.98
CA VAL A 307 0.88 -4.70 21.10
C VAL A 307 0.52 -5.35 22.44
N TYR A 308 -0.77 -5.61 22.66
CA TYR A 308 -1.23 -6.25 23.89
C TYR A 308 -0.59 -7.62 24.09
N ALA A 309 -0.48 -8.37 23.00
CA ALA A 309 0.09 -9.72 23.04
C ALA A 309 1.55 -9.67 23.47
N VAL A 310 2.29 -8.71 22.93
CA VAL A 310 3.68 -8.53 23.28
C VAL A 310 3.80 -8.08 24.73
N ALA A 311 2.89 -7.20 25.14
CA ALA A 311 2.84 -6.72 26.52
C ALA A 311 2.59 -7.87 27.49
N ALA A 312 1.65 -8.75 27.14
CA ALA A 312 1.34 -9.91 27.97
C ALA A 312 2.53 -10.87 28.03
N ALA A 313 3.25 -10.97 26.92
CA ALA A 313 4.45 -11.78 26.87
C ALA A 313 5.53 -11.23 27.80
N CYS A 314 5.61 -9.91 27.87
CA CYS A 314 6.53 -9.25 28.79
C CYS A 314 6.19 -9.60 30.23
N ASP A 315 4.90 -9.62 30.55
CA ASP A 315 4.43 -9.97 31.89
C ASP A 315 4.74 -11.43 32.23
N ARG A 316 4.79 -12.28 31.21
CA ARG A 316 5.11 -13.69 31.44
C ARG A 316 6.61 -13.91 31.61
N GLY A 317 7.41 -12.91 31.28
CA GLY A 317 8.86 -13.03 31.40
C GLY A 317 9.50 -13.65 30.16
N GLU A 318 8.75 -13.68 29.06
CA GLU A 318 9.26 -14.26 27.82
C GLU A 318 10.02 -13.24 26.99
N THR A 319 11.15 -13.66 26.44
CA THR A 319 11.98 -12.79 25.60
C THR A 319 11.17 -12.29 24.41
N THR A 320 11.21 -10.99 24.17
CA THR A 320 10.39 -10.38 23.13
C THR A 320 11.13 -9.31 22.33
N ARG A 321 12.43 -9.48 22.13
CA ARG A 321 13.26 -8.40 21.57
C ARG A 321 12.83 -7.99 20.18
N LYS A 322 12.65 -8.95 19.28
CA LYS A 322 12.24 -8.63 17.92
C LYS A 322 10.77 -8.23 17.88
N ASP A 323 9.96 -8.86 18.74
CA ASP A 323 8.53 -8.56 18.81
C ASP A 323 8.23 -7.24 19.53
N ALA A 324 9.06 -6.87 20.50
CA ALA A 324 8.92 -5.57 21.14
C ALA A 324 9.14 -4.49 20.10
N ALA A 325 10.26 -4.57 19.41
CA ALA A 325 10.58 -3.63 18.34
C ALA A 325 9.54 -3.67 17.23
N GLY A 326 9.02 -4.86 16.97
CA GLY A 326 8.04 -5.04 15.90
C GLY A 326 6.73 -4.31 16.15
N CYS A 327 6.20 -4.42 17.37
CA CYS A 327 4.90 -3.85 17.69
C CYS A 327 4.99 -2.33 17.86
N ILE A 328 6.14 -1.84 18.32
CA ILE A 328 6.34 -0.41 18.45
C ILE A 328 6.44 0.25 17.09
N LEU A 329 7.21 -0.37 16.21
CA LEU A 329 7.34 0.08 14.83
C LEU A 329 6.01 0.05 14.09
N TYR A 330 5.31 -1.08 14.21
CA TYR A 330 4.04 -1.33 13.53
C TYR A 330 2.97 -0.31 13.92
N SER A 331 2.75 -0.17 15.23
CA SER A 331 1.70 0.72 15.73
C SER A 331 2.00 2.20 15.46
N ALA A 332 3.27 2.58 15.57
CA ALA A 332 3.68 3.97 15.34
C ALA A 332 3.39 4.41 13.91
N GLU A 333 3.74 3.56 12.95
CA GLU A 333 3.52 3.86 11.55
C GLU A 333 2.04 3.87 11.20
N ASN A 334 1.29 2.95 11.80
CA ASN A 334 -0.14 2.87 11.59
C ASN A 334 -0.82 4.14 12.10
N ALA A 335 -0.32 4.68 13.21
CA ALA A 335 -0.88 5.89 13.80
C ALA A 335 -0.74 7.08 12.86
N THR A 336 0.43 7.22 12.25
CA THR A 336 0.70 8.31 11.33
C THR A 336 -0.22 8.26 10.10
N GLN A 337 -0.36 7.07 9.51
CA GLN A 337 -1.22 6.91 8.33
C GLN A 337 -2.68 7.16 8.67
N MET A 338 -3.09 6.75 9.86
CA MET A 338 -4.48 6.94 10.28
C MET A 338 -4.76 8.42 10.56
N ALA A 339 -3.75 9.13 11.07
CA ALA A 339 -3.88 10.56 11.29
C ALA A 339 -4.08 11.28 9.97
N LEU A 340 -3.34 10.85 8.95
CA LEU A 340 -3.50 11.38 7.60
C LEU A 340 -4.88 11.05 7.02
N GLN A 341 -5.36 9.85 7.32
CA GLN A 341 -6.68 9.41 6.85
C GLN A 341 -7.80 10.18 7.55
N ALA A 342 -7.59 10.50 8.82
CA ALA A 342 -8.55 11.28 9.58
C ALA A 342 -8.70 12.66 8.96
N ILE A 343 -7.56 13.26 8.60
CA ILE A 343 -7.56 14.53 7.89
C ILE A 343 -8.31 14.41 6.56
N GLN A 344 -8.05 13.32 5.85
CA GLN A 344 -8.72 13.05 4.57
C GLN A 344 -10.24 12.95 4.71
N SER A 345 -10.69 12.24 5.73
CA SER A 345 -12.12 11.98 5.91
C SER A 345 -12.92 13.22 6.27
N LEU A 346 -12.31 14.14 7.01
CA LEU A 346 -13.00 15.34 7.45
C LEU A 346 -12.97 16.45 6.39
N GLY A 347 -12.14 16.28 5.38
CA GLY A 347 -12.05 17.24 4.29
C GLY A 347 -11.65 18.63 4.76
N GLY A 348 -12.37 19.63 4.26
CA GLY A 348 -12.16 21.02 4.62
C GLY A 348 -12.14 21.24 6.12
N ASN A 349 -13.10 20.63 6.82
CA ASN A 349 -13.17 20.77 8.28
C ASN A 349 -11.92 20.21 8.95
N GLY A 350 -11.36 19.15 8.40
CA GLY A 350 -10.15 18.53 8.93
C GLY A 350 -8.89 19.35 8.71
N TYR A 351 -8.96 20.33 7.82
CA TYR A 351 -7.77 21.04 7.38
C TYR A 351 -7.55 22.39 8.07
N ILE A 352 -8.32 22.68 9.11
CA ILE A 352 -8.14 23.92 9.86
C ILE A 352 -7.25 23.63 11.07
N ASN A 353 -6.31 24.53 11.33
CA ASN A 353 -5.33 24.36 12.40
C ASN A 353 -5.96 24.30 13.80
N ASP A 354 -7.20 24.76 13.90
CA ASP A 354 -7.99 24.68 15.12
C ASP A 354 -8.31 23.25 15.57
N TYR A 355 -8.65 22.40 14.60
CA TYR A 355 -9.11 21.03 14.87
C TYR A 355 -7.98 20.11 15.33
N PRO A 356 -8.32 19.04 16.06
CA PRO A 356 -7.26 18.22 16.66
C PRO A 356 -6.62 17.24 15.69
N THR A 357 -7.11 17.17 14.45
CA THR A 357 -6.55 16.24 13.48
C THR A 357 -5.12 16.67 13.14
N GLY A 358 -4.92 17.98 13.11
CA GLY A 358 -3.59 18.55 12.93
C GLY A 358 -2.66 18.13 14.06
N ARG A 359 -3.18 18.17 15.28
CA ARG A 359 -2.40 17.78 16.46
C ARG A 359 -2.06 16.30 16.43
N LEU A 360 -3.01 15.48 16.00
CA LEU A 360 -2.80 14.03 15.94
C LEU A 360 -1.65 13.68 14.98
N LEU A 361 -1.60 14.38 13.86
CA LEU A 361 -0.53 14.17 12.88
C LEU A 361 0.84 14.53 13.45
N ARG A 362 0.92 15.72 14.07
CA ARG A 362 2.17 16.19 14.66
C ARG A 362 2.65 15.26 15.78
N ASP A 363 1.72 14.81 16.61
CA ASP A 363 2.04 13.89 17.69
C ASP A 363 2.49 12.52 17.17
N ALA A 364 1.73 11.98 16.21
CA ALA A 364 2.02 10.67 15.66
C ALA A 364 3.41 10.64 15.04
N LYS A 365 3.78 11.73 14.36
CA LYS A 365 5.06 11.79 13.67
C LYS A 365 6.24 11.64 14.63
N LEU A 366 6.10 12.19 15.83
CA LEU A 366 7.22 12.15 16.77
C LEU A 366 7.45 10.72 17.25
N TYR A 367 6.38 9.94 17.43
CA TYR A 367 6.53 8.55 17.83
C TYR A 367 7.16 7.70 16.74
N GLU A 368 6.93 8.06 15.49
CA GLU A 368 7.51 7.32 14.37
C GLU A 368 8.98 7.66 14.19
N ILE A 369 9.35 8.88 14.58
CA ILE A 369 10.74 9.29 14.52
C ILE A 369 11.51 8.57 15.61
N GLY A 370 10.95 8.54 16.82
CA GLY A 370 11.63 7.96 17.96
C GLY A 370 11.73 6.45 17.87
N ALA A 371 10.95 5.85 16.97
CA ALA A 371 10.97 4.40 16.78
C ALA A 371 11.71 4.03 15.49
N GLY A 372 12.75 4.80 15.17
CA GLY A 372 13.50 4.60 13.94
C GLY A 372 14.90 5.14 14.03
N ILE A 376 15.65 1.27 9.49
CA ILE A 376 16.77 0.99 10.39
C ILE A 376 16.31 0.13 11.56
N ARG A 377 15.10 0.37 12.03
CA ARG A 377 14.50 -0.42 13.10
C ARG A 377 14.25 -1.84 12.61
N ARG A 378 13.84 -1.95 11.36
CA ARG A 378 13.50 -3.23 10.73
C ARG A 378 14.72 -4.11 10.54
N MET A 379 15.86 -3.49 10.34
CA MET A 379 17.09 -4.22 10.08
C MET A 379 17.56 -4.91 11.34
N LEU A 380 17.24 -4.30 12.49
CA LEU A 380 17.55 -4.89 13.78
C LEU A 380 16.74 -6.16 14.01
N ILE A 381 15.47 -6.11 13.65
CA ILE A 381 14.58 -7.26 13.78
C ILE A 381 15.02 -8.41 12.88
N GLY A 382 15.30 -8.08 11.62
CA GLY A 382 15.75 -9.07 10.65
C GLY A 382 17.05 -9.72 11.08
N ARG A 383 17.96 -8.91 11.62
CA ARG A 383 19.24 -9.40 12.11
C ARG A 383 19.03 -10.42 13.23
N GLU A 384 18.07 -10.13 14.12
CA GLU A 384 17.77 -11.01 15.23
C GLU A 384 17.20 -12.35 14.76
N LEU A 385 16.28 -12.30 13.80
CA LEU A 385 15.70 -13.51 13.24
C LEU A 385 16.74 -14.35 12.50
N PHE A 386 17.61 -13.67 11.74
CA PHE A 386 18.64 -14.36 10.95
C PHE A 386 19.66 -15.06 11.85
N GLN A 387 20.11 -14.36 12.89
CA GLN A 387 21.15 -14.89 13.75
C GLN A 387 20.63 -16.01 14.65
N GLU A 388 19.34 -15.96 14.96
CA GLU A 388 18.72 -17.00 15.77
C GLU A 388 18.56 -18.29 14.98
N THR A 389 18.41 -18.15 13.66
CA THR A 389 18.19 -19.30 12.79
C THR A 389 19.47 -19.72 12.08
N HIS B 6 -12.61 0.66 -24.57
CA HIS B 6 -12.17 2.04 -24.69
C HIS B 6 -11.36 2.48 -23.47
N HIS B 7 -10.42 1.64 -23.06
CA HIS B 7 -9.60 1.92 -21.89
C HIS B 7 -8.17 2.35 -22.28
N HIS B 8 -7.99 2.70 -23.55
CA HIS B 8 -6.70 3.23 -24.00
C HIS B 8 -6.71 4.74 -24.22
N MET B 9 -5.89 5.44 -23.45
CA MET B 9 -5.62 6.86 -23.67
C MET B 9 -4.74 7.05 -24.90
N ASN B 10 -4.98 8.10 -25.66
CA ASN B 10 -4.15 8.40 -26.82
C ASN B 10 -2.99 9.33 -26.46
N PHE B 11 -1.78 8.93 -26.84
CA PHE B 11 -0.58 9.69 -26.50
C PHE B 11 -0.04 10.50 -27.68
N GLY B 12 -0.77 10.53 -28.78
CA GLY B 12 -0.38 11.30 -29.95
C GLY B 12 1.02 10.99 -30.45
N LEU B 13 1.28 9.72 -30.68
CA LEU B 13 2.64 9.24 -30.99
C LEU B 13 3.00 9.34 -32.47
N GLY B 14 2.06 9.81 -33.30
CA GLY B 14 2.32 9.97 -34.71
C GLY B 14 1.75 8.88 -35.57
N GLU B 15 1.54 9.20 -36.85
CA GLU B 15 0.85 8.32 -37.78
C GLU B 15 1.52 6.96 -38.02
N GLU B 16 2.85 6.94 -38.07
CA GLU B 16 3.55 5.69 -38.38
C GLU B 16 3.45 4.69 -37.23
N ILE B 17 3.62 5.17 -36.00
CA ILE B 17 3.52 4.32 -34.82
C ILE B 17 2.09 3.85 -34.60
N GLU B 18 1.12 4.73 -34.87
CA GLU B 18 -0.28 4.35 -34.74
C GLU B 18 -0.65 3.30 -35.77
N ALA B 19 0.01 3.35 -36.93
CA ALA B 19 -0.19 2.35 -37.97
C ALA B 19 0.43 1.01 -37.59
N LEU B 20 1.62 1.06 -36.98
CA LEU B 20 2.30 -0.15 -36.52
C LEU B 20 1.49 -0.87 -35.45
N ARG B 21 1.00 -0.11 -34.47
CA ARG B 21 0.20 -0.68 -33.39
C ARG B 21 -1.00 -1.44 -33.93
N ASP B 22 -1.73 -0.82 -34.85
CA ASP B 22 -2.91 -1.42 -35.44
C ASP B 22 -2.58 -2.69 -36.22
N THR B 23 -1.46 -2.64 -36.94
CA THR B 23 -1.00 -3.80 -37.71
C THR B 23 -0.68 -4.97 -36.77
N VAL B 24 0.05 -4.66 -35.70
CA VAL B 24 0.44 -5.68 -34.73
C VAL B 24 -0.80 -6.18 -33.97
N ARG B 25 -1.69 -5.27 -33.61
CA ARG B 25 -2.92 -5.64 -32.90
C ARG B 25 -3.77 -6.64 -33.67
N ARG B 26 -3.95 -6.38 -34.96
CA ARG B 26 -4.78 -7.23 -35.81
C ARG B 26 -4.17 -8.61 -35.98
N PHE B 27 -2.85 -8.66 -36.09
CA PHE B 27 -2.13 -9.93 -36.18
C PHE B 27 -2.27 -10.71 -34.88
N ALA B 28 -2.05 -10.03 -33.76
CA ALA B 28 -2.11 -10.66 -32.44
C ALA B 28 -3.48 -11.25 -32.14
N GLU B 29 -4.54 -10.53 -32.49
CA GLU B 29 -5.90 -10.97 -32.24
C GLU B 29 -6.25 -12.23 -33.03
N SER B 30 -5.78 -12.29 -34.27
CA SER B 30 -6.15 -13.38 -35.16
C SER B 30 -5.19 -14.56 -35.13
N ARG B 31 -3.90 -14.30 -34.93
CA ARG B 31 -2.89 -15.35 -35.06
C ARG B 31 -2.22 -15.76 -33.74
N ILE B 32 -2.35 -14.93 -32.71
CA ILE B 32 -1.71 -15.23 -31.43
C ILE B 32 -2.70 -15.57 -30.32
N ALA B 33 -3.69 -14.70 -30.13
CA ALA B 33 -4.68 -14.86 -29.07
C ALA B 33 -5.37 -16.24 -29.02
N PRO B 34 -5.77 -16.80 -30.18
CA PRO B 34 -6.40 -18.14 -30.09
C PRO B 34 -5.47 -19.23 -29.55
N LEU B 35 -4.16 -19.03 -29.68
CA LEU B 35 -3.19 -20.04 -29.26
C LEU B 35 -2.59 -19.73 -27.88
N ALA B 36 -3.07 -18.67 -27.25
CA ALA B 36 -2.52 -18.23 -25.97
C ALA B 36 -2.68 -19.28 -24.88
N ALA B 37 -3.88 -19.82 -24.75
CA ALA B 37 -4.18 -20.82 -23.72
C ALA B 37 -3.42 -22.12 -23.95
N GLU B 38 -3.37 -22.56 -25.20
CA GLU B 38 -2.71 -23.81 -25.57
C GLU B 38 -1.21 -23.74 -25.35
N THR B 39 -0.64 -22.56 -25.58
CA THR B 39 0.79 -22.35 -25.38
C THR B 39 1.18 -22.52 -23.92
N ASP B 40 0.36 -21.96 -23.02
CA ASP B 40 0.60 -22.06 -21.59
C ASP B 40 0.41 -23.48 -21.08
N ARG B 41 -0.61 -24.16 -21.59
CA ARG B 41 -0.93 -25.51 -21.17
C ARG B 41 0.15 -26.50 -21.58
N ASN B 42 0.60 -26.41 -22.84
CA ASN B 42 1.58 -27.33 -23.38
C ASN B 42 3.02 -26.96 -23.03
N ASN B 43 3.21 -25.74 -22.51
CA ASN B 43 4.54 -25.23 -22.19
C ASN B 43 5.46 -25.28 -23.42
N GLN B 44 4.88 -24.96 -24.58
CA GLN B 44 5.61 -25.03 -25.84
C GLN B 44 5.34 -23.82 -26.73
N PHE B 45 6.40 -23.22 -27.25
CA PHE B 45 6.25 -22.14 -28.23
C PHE B 45 5.80 -22.69 -29.57
N PRO B 46 4.77 -22.07 -30.17
CA PRO B 46 4.34 -22.44 -31.52
C PRO B 46 5.33 -21.91 -32.57
N MET B 47 6.17 -22.81 -33.09
CA MET B 47 7.30 -22.43 -33.92
C MET B 47 6.92 -21.76 -35.24
N HIS B 48 5.70 -22.01 -35.71
CA HIS B 48 5.24 -21.44 -36.96
C HIS B 48 5.12 -19.91 -36.91
N LEU B 49 5.10 -19.35 -35.71
CA LEU B 49 4.96 -17.91 -35.53
C LEU B 49 6.20 -17.12 -35.94
N TRP B 50 7.37 -17.76 -35.90
CA TRP B 50 8.62 -17.08 -36.20
C TRP B 50 8.66 -16.54 -37.62
N ARG B 51 8.26 -17.37 -38.58
CA ARG B 51 8.22 -16.95 -39.98
C ARG B 51 7.11 -15.92 -40.21
N GLU B 52 6.01 -16.07 -39.46
CA GLU B 52 4.89 -15.14 -39.58
C GLU B 52 5.24 -13.77 -39.01
N PHE B 53 5.95 -13.75 -37.89
CA PHE B 53 6.48 -12.50 -37.35
C PHE B 53 7.41 -11.85 -38.37
N GLY B 54 8.27 -12.67 -38.97
CA GLY B 54 9.20 -12.21 -39.98
C GLY B 54 8.50 -11.59 -41.17
N GLU B 55 7.48 -12.28 -41.67
CA GLU B 55 6.72 -11.80 -42.81
C GLU B 55 5.90 -10.57 -42.43
N LEU B 56 5.59 -10.45 -41.14
CA LEU B 56 4.89 -9.28 -40.63
C LEU B 56 5.85 -8.09 -40.60
N GLY B 57 7.13 -8.38 -40.48
CA GLY B 57 8.17 -7.35 -40.49
C GLY B 57 8.40 -6.73 -39.13
N VAL B 58 8.23 -7.52 -38.08
CA VAL B 58 8.35 -7.00 -36.72
C VAL B 58 9.52 -7.58 -35.95
N LEU B 59 10.29 -8.47 -36.58
CA LEU B 59 11.43 -9.09 -35.92
C LEU B 59 12.67 -8.21 -36.00
N GLY B 60 12.60 -7.16 -36.80
CA GLY B 60 13.71 -6.23 -36.94
C GLY B 60 13.28 -4.78 -36.86
N ILE B 61 12.44 -4.46 -35.88
CA ILE B 61 11.89 -3.11 -35.72
C ILE B 61 12.98 -2.05 -35.62
N THR B 62 13.99 -2.30 -34.82
CA THR B 62 15.08 -1.35 -34.62
C THR B 62 16.31 -1.69 -35.47
N ALA B 63 16.12 -2.62 -36.41
CA ALA B 63 17.21 -3.01 -37.31
C ALA B 63 17.17 -2.15 -38.57
N PRO B 64 18.33 -1.90 -39.18
CA PRO B 64 18.41 -1.08 -40.40
C PRO B 64 17.63 -1.70 -41.56
N GLU B 65 17.07 -0.85 -42.42
CA GLU B 65 16.29 -1.32 -43.57
C GLU B 65 17.19 -2.05 -44.56
N ASP B 66 18.49 -1.81 -44.43
CA ASP B 66 19.48 -2.43 -45.30
C ASP B 66 19.62 -3.93 -45.05
N TYR B 67 19.16 -4.37 -43.89
CA TYR B 67 19.16 -5.80 -43.57
C TYR B 67 17.76 -6.35 -43.50
N GLY B 68 16.79 -5.58 -43.99
CA GLY B 68 15.40 -6.00 -43.99
C GLY B 68 14.62 -5.49 -42.80
N GLY B 69 15.28 -4.72 -41.96
CA GLY B 69 14.65 -4.16 -40.78
C GLY B 69 13.67 -3.05 -41.09
N ALA B 70 12.96 -2.59 -40.07
CA ALA B 70 11.97 -1.54 -40.26
C ALA B 70 12.59 -0.16 -40.09
N GLY B 71 13.77 -0.12 -39.46
CA GLY B 71 14.47 1.13 -39.24
C GLY B 71 13.73 2.09 -38.33
N MET B 72 12.95 1.54 -37.41
CA MET B 72 12.21 2.36 -36.45
C MET B 72 12.93 2.40 -35.12
N GLY B 73 12.28 2.94 -34.09
CA GLY B 73 12.93 3.13 -32.81
C GLY B 73 12.39 2.23 -31.72
N TYR B 74 12.85 2.48 -30.50
CA TYR B 74 12.51 1.64 -29.35
C TYR B 74 11.09 1.88 -28.85
N LEU B 75 10.56 3.07 -29.08
CA LEU B 75 9.17 3.36 -28.73
C LEU B 75 8.24 2.48 -29.55
N ALA B 76 8.50 2.44 -30.86
CA ALA B 76 7.75 1.57 -31.77
C ALA B 76 7.90 0.10 -31.38
N HIS B 77 9.11 -0.30 -31.04
CA HIS B 77 9.39 -1.69 -30.68
C HIS B 77 8.70 -2.07 -29.37
N CYS B 78 8.71 -1.14 -28.41
CA CYS B 78 8.02 -1.34 -27.14
C CYS B 78 6.54 -1.58 -27.32
N ILE B 79 5.93 -0.84 -28.24
CA ILE B 79 4.49 -0.91 -28.49
C ILE B 79 4.14 -2.19 -29.23
N ALA B 80 5.02 -2.61 -30.14
CA ALA B 80 4.87 -3.91 -30.79
C ALA B 80 4.92 -5.01 -29.74
N MET B 81 5.87 -4.88 -28.83
CA MET B 81 6.00 -5.79 -27.69
C MET B 81 4.73 -5.80 -26.85
N GLU B 82 4.19 -4.61 -26.61
CA GLU B 82 2.97 -4.45 -25.83
C GLU B 82 1.77 -5.18 -26.45
N GLU B 83 1.51 -4.93 -27.72
CA GLU B 83 0.34 -5.50 -28.39
C GLU B 83 0.44 -7.01 -28.56
N ILE B 84 1.67 -7.51 -28.73
CA ILE B 84 1.89 -8.95 -28.82
C ILE B 84 1.70 -9.61 -27.45
N SER B 85 2.28 -9.00 -26.42
CA SER B 85 2.16 -9.50 -25.06
C SER B 85 0.71 -9.47 -24.58
N ARG B 86 -0.04 -8.52 -25.11
CA ARG B 86 -1.47 -8.38 -24.82
C ARG B 86 -2.24 -9.65 -25.19
N ALA B 87 -1.83 -10.27 -26.30
CA ALA B 87 -2.46 -11.49 -26.76
C ALA B 87 -1.89 -12.71 -26.06
N SER B 88 -0.57 -12.69 -25.85
CA SER B 88 0.11 -13.76 -25.14
C SER B 88 1.43 -13.26 -24.56
N ALA B 89 1.52 -13.26 -23.23
CA ALA B 89 2.71 -12.76 -22.55
C ALA B 89 3.91 -13.67 -22.80
N SER B 90 3.66 -14.98 -22.84
CA SER B 90 4.72 -15.95 -23.10
C SER B 90 5.36 -15.73 -24.46
N ILE B 91 4.52 -15.62 -25.49
CA ILE B 91 4.98 -15.39 -26.85
C ILE B 91 5.65 -14.03 -26.98
N GLY B 92 5.11 -13.04 -26.25
CA GLY B 92 5.71 -11.72 -26.20
C GLY B 92 7.13 -11.76 -25.67
N LEU B 93 7.34 -12.55 -24.62
CA LEU B 93 8.66 -12.68 -24.01
C LEU B 93 9.65 -13.28 -24.99
N SER B 94 9.24 -14.34 -25.67
CA SER B 94 10.07 -14.98 -26.68
C SER B 94 10.38 -14.02 -27.82
N TYR B 95 9.37 -13.27 -28.24
CA TYR B 95 9.52 -12.27 -29.30
C TYR B 95 10.52 -11.19 -28.92
N GLY B 96 10.45 -10.74 -27.67
CA GLY B 96 11.33 -9.70 -27.18
C GLY B 96 12.78 -10.13 -27.14
N ALA B 97 13.01 -11.36 -26.71
CA ALA B 97 14.35 -11.92 -26.64
C ALA B 97 14.98 -12.01 -28.03
N HIS B 98 14.15 -12.32 -29.02
CA HIS B 98 14.62 -12.44 -30.39
C HIS B 98 14.89 -11.08 -31.02
N SER B 99 13.84 -10.27 -31.13
CA SER B 99 13.88 -9.03 -31.90
C SER B 99 14.71 -7.93 -31.23
N ASN B 100 14.83 -7.98 -29.91
CA ASN B 100 15.55 -6.94 -29.17
C ASN B 100 16.87 -7.44 -28.57
N LEU B 101 16.79 -8.49 -27.76
CA LEU B 101 17.99 -8.99 -27.08
C LEU B 101 19.06 -9.47 -28.04
N CYS B 102 18.66 -10.25 -29.03
CA CYS B 102 19.61 -10.80 -29.98
C CYS B 102 19.86 -9.85 -31.14
N VAL B 103 18.81 -9.56 -31.90
CA VAL B 103 18.90 -8.77 -33.12
C VAL B 103 19.48 -7.37 -32.93
N ASN B 104 18.98 -6.63 -31.94
CA ASN B 104 19.44 -5.26 -31.72
C ASN B 104 20.89 -5.22 -31.21
N GLN B 105 21.32 -6.28 -30.54
CA GLN B 105 22.70 -6.40 -30.10
C GLN B 105 23.64 -6.55 -31.29
N ILE B 106 23.25 -7.37 -32.24
CA ILE B 106 24.02 -7.56 -33.46
C ILE B 106 23.99 -6.29 -34.30
N THR B 107 22.84 -5.63 -34.32
CA THR B 107 22.66 -4.37 -35.02
C THR B 107 23.64 -3.30 -34.53
N ARG B 108 23.74 -3.17 -33.21
CA ARG B 108 24.55 -2.12 -32.60
C ARG B 108 26.04 -2.42 -32.54
N ASN B 109 26.40 -3.67 -32.25
CA ASN B 109 27.78 -4.00 -31.93
C ASN B 109 28.49 -4.84 -32.98
N GLY B 110 27.73 -5.31 -33.97
CA GLY B 110 28.29 -6.16 -35.00
C GLY B 110 29.05 -5.41 -36.08
N SER B 111 30.10 -6.04 -36.59
CA SER B 111 30.81 -5.52 -37.75
C SER B 111 29.90 -5.63 -38.97
N PRO B 112 30.18 -4.86 -40.04
CA PRO B 112 29.37 -4.92 -41.25
C PRO B 112 29.18 -6.34 -41.80
N GLU B 113 30.23 -7.16 -41.72
CA GLU B 113 30.15 -8.54 -42.19
C GLU B 113 29.28 -9.41 -41.28
N GLN B 114 29.37 -9.19 -39.97
CA GLN B 114 28.57 -9.97 -39.02
C GLN B 114 27.08 -9.70 -39.18
N ARG B 115 26.73 -8.43 -39.42
CA ARG B 115 25.34 -8.06 -39.62
C ARG B 115 24.80 -8.65 -40.92
N ALA B 116 25.62 -8.56 -41.97
CA ALA B 116 25.23 -9.07 -43.28
C ALA B 116 25.02 -10.60 -43.25
N LYS B 117 25.71 -11.26 -42.34
CA LYS B 117 25.63 -12.72 -42.25
C LYS B 117 24.47 -13.21 -41.38
N TYR B 118 24.25 -12.56 -40.25
CA TYR B 118 23.34 -13.08 -39.24
C TYR B 118 21.96 -12.41 -39.20
N LEU B 119 21.92 -11.10 -39.44
CA LEU B 119 20.66 -10.36 -39.34
C LEU B 119 19.56 -10.78 -40.34
N PRO B 120 19.89 -10.97 -41.63
CA PRO B 120 18.82 -11.29 -42.60
C PRO B 120 17.95 -12.47 -42.21
N LYS B 121 18.57 -13.57 -41.75
CA LYS B 121 17.83 -14.77 -41.40
C LYS B 121 17.08 -14.62 -40.07
N LEU B 122 17.63 -13.81 -39.18
CA LEU B 122 16.98 -13.53 -37.90
C LEU B 122 15.73 -12.67 -38.12
N ILE B 123 15.84 -11.70 -39.01
CA ILE B 123 14.75 -10.77 -39.30
C ILE B 123 13.63 -11.46 -40.11
N SER B 124 14.02 -12.44 -40.93
CA SER B 124 13.06 -13.17 -41.73
C SER B 124 12.30 -14.21 -40.91
N GLY B 125 12.88 -14.60 -39.78
CA GLY B 125 12.27 -15.60 -38.93
C GLY B 125 12.74 -17.01 -39.21
N GLU B 126 13.65 -17.14 -40.17
CA GLU B 126 14.22 -18.45 -40.49
C GLU B 126 15.15 -18.91 -39.38
N HIS B 127 15.79 -17.96 -38.71
CA HIS B 127 16.60 -18.23 -37.54
C HIS B 127 15.99 -17.63 -36.28
N VAL B 128 16.14 -18.33 -35.16
CA VAL B 128 15.70 -17.85 -33.86
C VAL B 128 16.90 -17.32 -33.07
N GLY B 129 16.72 -16.18 -32.40
CA GLY B 129 17.81 -15.56 -31.68
C GLY B 129 17.64 -15.58 -30.18
N ALA B 130 18.75 -15.49 -29.46
CA ALA B 130 18.74 -15.45 -27.99
C ALA B 130 19.91 -14.65 -27.45
N LEU B 131 19.82 -14.28 -26.17
CA LEU B 131 20.89 -13.56 -25.50
C LEU B 131 21.24 -14.22 -24.17
N ALA B 132 22.53 -14.38 -23.91
CA ALA B 132 22.99 -15.00 -22.68
C ALA B 132 23.90 -14.06 -21.89
N ASP B 154 43.99 -18.39 -33.15
CA ASP B 154 43.10 -18.03 -34.25
C ASP B 154 41.65 -18.21 -33.87
N ARG B 155 41.41 -19.07 -32.87
CA ARG B 155 40.05 -19.39 -32.47
C ARG B 155 39.84 -19.10 -30.98
N TYR B 156 38.58 -19.04 -30.56
CA TYR B 156 38.25 -18.91 -29.15
C TYR B 156 37.69 -20.22 -28.63
N VAL B 157 38.04 -20.56 -27.39
CA VAL B 157 37.49 -21.77 -26.78
C VAL B 157 36.68 -21.38 -25.56
N LEU B 158 35.37 -21.60 -25.62
CA LEU B 158 34.48 -21.22 -24.54
C LEU B 158 34.06 -22.46 -23.77
N ASN B 159 34.25 -22.43 -22.45
CA ASN B 159 33.78 -23.49 -21.56
C ASN B 159 33.07 -22.90 -20.36
N GLY B 160 32.05 -23.61 -19.88
CA GLY B 160 31.20 -23.11 -18.81
C GLY B 160 29.72 -23.19 -19.18
N ASN B 161 28.88 -22.51 -18.41
CA ASN B 161 27.45 -22.57 -18.68
C ASN B 161 26.70 -21.27 -18.43
N LYS B 162 25.52 -21.15 -19.06
CA LYS B 162 24.63 -20.01 -18.84
C LYS B 162 23.20 -20.47 -18.59
N MET B 163 22.61 -20.02 -17.50
CA MET B 163 21.28 -20.45 -17.09
C MET B 163 20.22 -19.42 -17.46
N TRP B 164 18.96 -19.86 -17.53
CA TRP B 164 17.80 -18.98 -17.71
C TRP B 164 17.84 -18.18 -19.01
N ILE B 165 18.06 -18.86 -20.12
CA ILE B 165 18.11 -18.19 -21.42
C ILE B 165 16.81 -18.39 -22.22
N THR B 166 16.12 -17.29 -22.50
CA THR B 166 14.91 -17.33 -23.29
C THR B 166 15.21 -17.74 -24.72
N ASN B 167 14.37 -18.61 -25.29
CA ASN B 167 14.55 -19.17 -26.64
C ASN B 167 15.77 -20.06 -26.77
N GLY B 168 16.40 -20.36 -25.63
CA GLY B 168 17.57 -21.23 -25.58
C GLY B 168 17.55 -22.51 -26.39
N PRO B 169 16.52 -23.36 -26.21
CA PRO B 169 16.48 -24.63 -26.93
C PRO B 169 16.33 -24.48 -28.44
N ASP B 170 15.78 -23.36 -28.90
CA ASP B 170 15.43 -23.20 -30.31
C ASP B 170 16.35 -22.24 -31.06
N ALA B 171 17.19 -21.51 -30.32
CA ALA B 171 18.00 -20.45 -30.90
C ALA B 171 19.02 -20.95 -31.90
N ASP B 172 19.00 -20.37 -33.10
CA ASP B 172 19.98 -20.68 -34.13
C ASP B 172 21.20 -19.78 -33.98
N VAL B 173 20.96 -18.56 -33.52
CA VAL B 173 22.02 -17.59 -33.29
C VAL B 173 21.93 -17.04 -31.87
N LEU B 174 23.04 -17.03 -31.15
CA LEU B 174 23.05 -16.58 -29.76
C LEU B 174 24.18 -15.61 -29.47
N VAL B 175 23.84 -14.50 -28.82
CA VAL B 175 24.86 -13.58 -28.32
C VAL B 175 25.22 -13.95 -26.90
N VAL B 176 26.49 -14.27 -26.67
CA VAL B 176 26.94 -14.80 -25.39
C VAL B 176 28.09 -13.98 -24.83
N TYR B 177 28.05 -13.72 -23.53
CA TYR B 177 29.11 -12.98 -22.86
C TYR B 177 30.03 -13.92 -22.10
N ALA B 178 31.34 -13.74 -22.26
CA ALA B 178 32.33 -14.57 -21.60
C ALA B 178 33.53 -13.73 -21.15
N LYS B 179 34.33 -14.28 -20.25
CA LYS B 179 35.51 -13.58 -19.77
C LYS B 179 36.71 -13.93 -20.64
N THR B 180 37.51 -12.93 -20.97
CA THR B 180 38.70 -13.13 -21.81
C THR B 180 39.98 -13.05 -20.99
N SER B 190 33.96 -9.99 -22.72
CA SER B 190 33.85 -10.06 -24.18
C SER B 190 32.50 -10.64 -24.60
N ALA B 191 32.06 -10.30 -25.81
CA ALA B 191 30.83 -10.83 -26.35
C ALA B 191 31.10 -11.71 -27.56
N PHE B 192 30.30 -12.75 -27.73
CA PHE B 192 30.49 -13.68 -28.85
C PHE B 192 29.18 -14.01 -29.55
N ILE B 193 29.27 -14.29 -30.84
CA ILE B 193 28.12 -14.80 -31.60
C ILE B 193 28.24 -16.31 -31.75
N ILE B 194 27.29 -17.04 -31.17
CA ILE B 194 27.33 -18.50 -31.20
C ILE B 194 26.29 -19.07 -32.16
N GLU B 195 26.69 -20.07 -32.95
CA GLU B 195 25.74 -20.78 -33.80
C GLU B 195 25.41 -22.14 -33.18
N LYS B 196 24.18 -22.58 -33.38
CA LYS B 196 23.71 -23.85 -32.83
C LYS B 196 24.54 -25.06 -33.25
N GLY B 197 25.08 -25.01 -34.47
CA GLY B 197 25.84 -26.14 -35.01
C GLY B 197 27.28 -26.22 -34.56
N PHE B 198 27.71 -25.26 -33.75
CA PHE B 198 29.09 -25.24 -33.25
C PHE B 198 29.35 -26.41 -32.30
N LYS B 199 30.46 -27.10 -32.53
CA LYS B 199 30.88 -28.20 -31.67
C LYS B 199 31.19 -27.72 -30.26
N GLY B 200 30.68 -28.43 -29.26
CA GLY B 200 30.89 -28.07 -27.87
C GLY B 200 29.74 -27.29 -27.28
N PHE B 201 28.81 -26.85 -28.13
CA PHE B 201 27.64 -26.12 -27.66
C PHE B 201 26.43 -27.05 -27.56
N SER B 202 25.78 -27.04 -26.39
CA SER B 202 24.61 -27.88 -26.16
C SER B 202 23.62 -27.19 -25.24
N THR B 203 22.38 -27.67 -25.23
CA THR B 203 21.34 -27.10 -24.38
C THR B 203 20.69 -28.15 -23.49
N ALA B 204 20.43 -27.76 -22.24
CA ALA B 204 19.80 -28.64 -21.27
C ALA B 204 18.28 -28.62 -21.41
N GLN B 205 17.61 -29.44 -20.61
CA GLN B 205 16.16 -29.51 -20.58
C GLN B 205 15.54 -28.16 -20.24
N LYS B 206 14.48 -27.79 -20.96
CA LYS B 206 13.83 -26.50 -20.76
C LYS B 206 13.15 -26.43 -19.39
N LEU B 207 13.02 -25.22 -18.86
CA LEU B 207 12.49 -25.04 -17.51
C LEU B 207 10.98 -25.27 -17.42
N ASP B 208 10.54 -25.71 -16.24
CA ASP B 208 9.13 -25.85 -15.95
C ASP B 208 8.72 -24.72 -15.01
N LYS B 209 8.28 -23.61 -15.58
CA LYS B 209 8.05 -22.39 -14.80
C LYS B 209 6.61 -22.20 -14.35
N LEU B 210 6.42 -21.38 -13.33
CA LEU B 210 5.10 -21.03 -12.83
C LEU B 210 4.28 -20.33 -13.91
N GLY B 211 4.93 -19.41 -14.62
CA GLY B 211 4.30 -18.66 -15.68
C GLY B 211 5.24 -18.52 -16.85
N MET B 212 4.83 -17.73 -17.85
CA MET B 212 5.57 -17.60 -19.11
C MET B 212 5.86 -18.96 -19.72
N ARG B 213 4.89 -19.86 -19.58
CA ARG B 213 4.98 -21.20 -20.14
C ARG B 213 4.78 -21.11 -21.65
N GLY B 214 5.65 -21.78 -22.40
CA GLY B 214 5.65 -21.68 -23.84
C GLY B 214 6.68 -20.67 -24.29
N SER B 215 7.33 -20.04 -23.32
CA SER B 215 8.53 -19.26 -23.60
C SER B 215 9.71 -20.12 -23.21
N ASN B 216 10.30 -20.79 -24.19
CA ASN B 216 11.29 -21.83 -23.94
C ASN B 216 12.57 -21.29 -23.31
N THR B 217 12.82 -21.72 -22.08
CA THR B 217 13.98 -21.26 -21.31
C THR B 217 14.81 -22.47 -20.89
N CYS B 218 16.11 -22.39 -21.08
CA CYS B 218 16.97 -23.52 -20.73
C CYS B 218 18.41 -23.11 -20.43
N GLU B 219 19.19 -24.09 -19.97
CA GLU B 219 20.61 -23.90 -19.69
C GLU B 219 21.45 -24.02 -20.96
N LEU B 220 22.40 -23.11 -21.14
CA LEU B 220 23.39 -23.25 -22.21
C LEU B 220 24.64 -23.92 -21.64
N VAL B 221 25.17 -24.90 -22.38
CA VAL B 221 26.34 -25.63 -21.92
C VAL B 221 27.48 -25.56 -22.93
N PHE B 222 28.66 -25.13 -22.46
CA PHE B 222 29.84 -25.03 -23.31
C PHE B 222 30.94 -25.97 -22.85
N GLU B 223 31.25 -26.95 -23.68
CA GLU B 223 32.33 -27.90 -23.39
C GLU B 223 33.35 -27.94 -24.52
N ASP B 224 34.46 -27.24 -24.34
CA ASP B 224 35.49 -27.08 -25.38
C ASP B 224 34.88 -26.59 -26.69
N CYS B 225 34.02 -25.58 -26.59
CA CYS B 225 33.33 -25.05 -27.76
C CYS B 225 34.23 -24.13 -28.58
N GLU B 226 34.42 -24.49 -29.84
CA GLU B 226 35.31 -23.74 -30.73
C GLU B 226 34.58 -22.57 -31.40
N VAL B 227 35.03 -21.36 -31.11
CA VAL B 227 34.45 -20.16 -31.70
C VAL B 227 35.50 -19.40 -32.51
N PRO B 228 35.21 -19.14 -33.78
CA PRO B 228 36.12 -18.39 -34.66
C PRO B 228 36.37 -16.97 -34.14
N ALA B 229 37.55 -16.42 -34.44
CA ALA B 229 37.89 -15.06 -34.03
C ALA B 229 36.99 -14.05 -34.74
N GLU B 230 36.49 -14.44 -35.90
CA GLU B 230 35.58 -13.59 -36.68
C GLU B 230 34.23 -13.44 -36.02
N ASN B 231 33.98 -14.23 -34.98
CA ASN B 231 32.71 -14.19 -34.27
C ASN B 231 32.80 -13.39 -32.96
N LEU B 232 33.95 -12.78 -32.72
CA LEU B 232 34.09 -11.87 -31.59
C LEU B 232 33.25 -10.63 -31.84
N LEU B 233 32.39 -10.29 -30.88
CA LEU B 233 31.52 -9.14 -31.01
C LEU B 233 32.18 -7.90 -30.41
N GLY B 234 32.13 -6.79 -31.15
CA GLY B 234 32.84 -5.57 -30.80
C GLY B 234 34.28 -5.80 -30.38
N THR B 235 34.82 -4.87 -29.59
CA THR B 235 36.23 -4.90 -29.21
C THR B 235 36.48 -5.84 -28.05
N GLU B 236 37.57 -6.59 -28.12
CA GLU B 236 37.96 -7.49 -27.05
C GLU B 236 38.31 -6.70 -25.80
N GLY B 237 37.72 -7.07 -24.68
CA GLY B 237 37.93 -6.36 -23.43
C GLY B 237 36.91 -5.26 -23.22
N LYS B 238 36.13 -4.98 -24.25
CA LYS B 238 35.09 -3.96 -24.17
C LYS B 238 33.71 -4.62 -24.26
N GLY B 239 33.56 -5.74 -23.54
CA GLY B 239 32.31 -6.48 -23.53
C GLY B 239 31.34 -5.94 -22.51
N VAL B 240 31.87 -5.30 -21.48
CA VAL B 240 31.04 -4.71 -20.43
C VAL B 240 30.20 -3.55 -20.98
N ASN B 241 30.77 -2.79 -21.91
CA ASN B 241 30.04 -1.69 -22.53
C ASN B 241 28.98 -2.19 -23.50
N VAL B 242 29.27 -3.32 -24.14
CA VAL B 242 28.31 -3.99 -25.01
C VAL B 242 27.12 -4.56 -24.23
N LEU B 243 27.42 -5.23 -23.13
CA LEU B 243 26.39 -5.81 -22.25
C LEU B 243 25.49 -4.72 -21.67
N MET B 244 26.13 -3.73 -21.06
CA MET B 244 25.44 -2.61 -20.43
C MET B 244 24.55 -1.82 -21.39
N SER B 245 25.07 -1.55 -22.59
CA SER B 245 24.31 -0.89 -23.65
C SER B 245 22.94 -1.51 -23.91
N GLY B 246 22.92 -2.83 -24.10
CA GLY B 246 21.72 -3.53 -24.51
C GLY B 246 20.73 -3.65 -23.38
N LEU B 247 21.25 -3.75 -22.15
CA LEU B 247 20.43 -3.93 -20.95
C LEU B 247 19.36 -2.85 -20.84
N ASP B 248 19.75 -1.61 -21.15
CA ASP B 248 18.84 -0.47 -21.09
C ASP B 248 17.71 -0.62 -22.09
N TYR B 249 18.09 -0.87 -23.34
CA TYR B 249 17.15 -1.06 -24.42
C TYR B 249 16.28 -2.27 -24.14
N GLU B 250 16.87 -3.28 -23.51
CA GLU B 250 16.10 -4.46 -23.13
C GLU B 250 15.05 -4.13 -22.09
N ARG B 251 15.47 -3.41 -21.05
CA ARG B 251 14.55 -3.05 -19.99
C ARG B 251 13.42 -2.17 -20.51
N VAL B 252 13.72 -1.31 -21.47
CA VAL B 252 12.69 -0.43 -22.02
C VAL B 252 11.73 -1.16 -22.96
N VAL B 253 12.27 -1.94 -23.89
CA VAL B 253 11.44 -2.68 -24.84
C VAL B 253 10.64 -3.78 -24.15
N LEU B 254 11.28 -4.51 -23.23
CA LEU B 254 10.60 -5.59 -22.52
C LEU B 254 9.57 -5.07 -21.52
N ALA B 255 9.65 -3.78 -21.21
CA ALA B 255 8.64 -3.15 -20.36
C ALA B 255 7.28 -3.17 -21.04
N GLY B 256 7.29 -3.35 -22.36
CA GLY B 256 6.07 -3.55 -23.13
C GLY B 256 5.33 -4.81 -22.70
N GLY B 257 6.07 -5.76 -22.12
CA GLY B 257 5.48 -6.99 -21.62
C GLY B 257 4.43 -6.74 -20.56
N PRO B 258 4.83 -6.16 -19.42
CA PRO B 258 3.89 -5.75 -18.36
C PRO B 258 2.75 -4.86 -18.88
N LEU B 259 3.06 -3.98 -19.83
CA LEU B 259 2.04 -3.11 -20.42
C LEU B 259 0.97 -3.95 -21.11
N GLY B 260 1.40 -4.96 -21.86
CA GLY B 260 0.49 -5.84 -22.55
C GLY B 260 -0.36 -6.66 -21.60
N ILE B 261 0.26 -7.12 -20.51
CA ILE B 261 -0.45 -7.89 -19.50
C ILE B 261 -1.54 -7.06 -18.82
N MET B 262 -1.21 -5.81 -18.52
CA MET B 262 -2.19 -4.88 -17.94
C MET B 262 -3.33 -4.61 -18.91
N ALA B 263 -2.99 -4.44 -20.19
CA ALA B 263 -4.00 -4.27 -21.24
C ALA B 263 -4.94 -5.48 -21.27
N ALA B 264 -4.35 -6.67 -21.15
CA ALA B 264 -5.10 -7.92 -21.16
C ALA B 264 -6.01 -8.02 -19.94
N CYS B 265 -5.56 -7.47 -18.82
CA CYS B 265 -6.38 -7.43 -17.61
C CYS B 265 -7.66 -6.65 -17.85
N LEU B 266 -7.52 -5.49 -18.49
CA LEU B 266 -8.66 -4.65 -18.80
C LEU B 266 -9.54 -5.28 -19.90
N ASP B 267 -8.90 -5.96 -20.85
CA ASP B 267 -9.62 -6.66 -21.91
C ASP B 267 -10.62 -7.69 -21.36
N VAL B 268 -10.26 -8.31 -20.25
CA VAL B 268 -11.12 -9.31 -19.62
C VAL B 268 -12.14 -8.71 -18.67
N VAL B 269 -11.68 -7.83 -17.77
CA VAL B 269 -12.51 -7.34 -16.68
C VAL B 269 -13.65 -6.44 -17.14
N VAL B 270 -13.37 -5.53 -18.06
CA VAL B 270 -14.37 -4.56 -18.50
C VAL B 270 -15.62 -5.23 -19.10
N PRO B 271 -15.45 -6.18 -20.03
CA PRO B 271 -16.69 -6.84 -20.49
C PRO B 271 -17.38 -7.68 -19.42
N TYR B 272 -16.60 -8.26 -18.50
CA TYR B 272 -17.16 -9.15 -17.50
C TYR B 272 -18.06 -8.42 -16.49
N VAL B 273 -17.62 -7.24 -16.05
CA VAL B 273 -18.39 -6.47 -15.08
C VAL B 273 -19.75 -6.05 -15.65
N HIS B 274 -19.80 -5.86 -16.97
CA HIS B 274 -21.07 -5.58 -17.63
C HIS B 274 -21.98 -6.80 -17.62
N GLU B 275 -21.44 -7.94 -18.03
CA GLU B 275 -22.19 -9.19 -18.09
C GLU B 275 -22.66 -9.68 -16.72
N ARG B 276 -21.85 -9.45 -15.69
CA ARG B 276 -22.16 -9.94 -14.36
C ARG B 276 -23.15 -9.02 -13.64
N GLU B 285 -21.61 -1.80 -12.32
CA GLU B 285 -22.59 -0.81 -11.89
C GLU B 285 -22.46 -0.52 -10.40
N PHE B 286 -22.01 -1.51 -9.64
CA PHE B 286 -21.87 -1.37 -8.20
C PHE B 286 -20.79 -0.32 -7.95
N GLN B 287 -20.88 0.39 -6.83
CA GLN B 287 -19.98 1.52 -6.55
C GLN B 287 -18.51 1.16 -6.31
N LEU B 288 -18.27 0.08 -5.59
CA LEU B 288 -16.90 -0.36 -5.31
C LEU B 288 -16.16 -0.91 -6.53
N MET B 289 -16.88 -1.59 -7.41
CA MET B 289 -16.29 -2.13 -8.63
C MET B 289 -15.81 -1.03 -9.58
N GLN B 290 -16.58 0.05 -9.66
CA GLN B 290 -16.21 1.18 -10.51
C GLN B 290 -14.90 1.79 -10.03
N CYS B 291 -14.71 1.83 -8.72
CA CYS B 291 -13.46 2.32 -8.15
C CYS B 291 -12.30 1.38 -8.50
N LYS B 292 -12.57 0.09 -8.47
CA LYS B 292 -11.57 -0.91 -8.86
C LYS B 292 -11.22 -0.77 -10.34
N LEU B 293 -12.23 -0.51 -11.17
CA LEU B 293 -12.03 -0.27 -12.59
C LEU B 293 -11.18 0.97 -12.82
N ALA B 294 -11.48 2.03 -12.08
CA ALA B 294 -10.76 3.29 -12.19
C ALA B 294 -9.28 3.11 -11.90
N ASP B 295 -8.97 2.38 -10.84
CA ASP B 295 -7.58 2.13 -10.47
C ASP B 295 -6.84 1.35 -11.54
N MET B 296 -7.49 0.35 -12.13
CA MET B 296 -6.88 -0.41 -13.22
C MET B 296 -6.60 0.49 -14.41
N TYR B 297 -7.60 1.30 -14.78
CA TYR B 297 -7.46 2.22 -15.90
C TYR B 297 -6.34 3.23 -15.71
N VAL B 298 -6.30 3.86 -14.55
CA VAL B 298 -5.30 4.89 -14.26
C VAL B 298 -3.90 4.28 -14.20
N THR B 299 -3.75 3.18 -13.49
CA THR B 299 -2.48 2.48 -13.36
C THR B 299 -1.93 2.09 -14.73
N PHE B 300 -2.83 1.59 -15.59
CA PHE B 300 -2.46 1.17 -16.94
C PHE B 300 -1.87 2.31 -17.76
N ASN B 301 -2.57 3.43 -17.81
CA ASN B 301 -2.16 4.56 -18.64
C ASN B 301 -1.00 5.35 -18.04
N ALA B 302 -0.88 5.33 -16.72
CA ALA B 302 0.27 5.93 -16.05
C ALA B 302 1.52 5.12 -16.38
N SER B 303 1.39 3.81 -16.37
CA SER B 303 2.48 2.91 -16.72
C SER B 303 2.91 3.13 -18.17
N ARG B 304 1.92 3.22 -19.07
CA ARG B 304 2.20 3.48 -20.49
C ARG B 304 2.95 4.80 -20.67
N ALA B 305 2.46 5.84 -20.00
CA ALA B 305 3.06 7.17 -20.09
C ALA B 305 4.54 7.16 -19.72
N TYR B 306 4.86 6.49 -18.62
CA TYR B 306 6.23 6.42 -18.13
C TYR B 306 7.12 5.65 -19.09
N VAL B 307 6.67 4.45 -19.48
CA VAL B 307 7.42 3.60 -20.39
C VAL B 307 7.63 4.26 -21.75
N TYR B 308 6.56 4.83 -22.31
CA TYR B 308 6.65 5.50 -23.61
C TYR B 308 7.64 6.66 -23.59
N ALA B 309 7.64 7.42 -22.49
CA ALA B 309 8.52 8.56 -22.34
C ALA B 309 9.99 8.14 -22.32
N VAL B 310 10.27 7.07 -21.59
CA VAL B 310 11.64 6.55 -21.49
C VAL B 310 12.08 6.00 -22.85
N ALA B 311 11.17 5.31 -23.52
CA ALA B 311 11.43 4.79 -24.86
C ALA B 311 11.72 5.92 -25.84
N ALA B 312 10.93 6.98 -25.76
CA ALA B 312 11.10 8.14 -26.62
C ALA B 312 12.43 8.83 -26.31
N ALA B 313 12.81 8.82 -25.04
CA ALA B 313 14.09 9.37 -24.60
C ALA B 313 15.25 8.60 -25.22
N CYS B 314 15.10 7.28 -25.30
CA CYS B 314 16.10 6.43 -25.95
C CYS B 314 16.27 6.80 -27.42
N ASP B 315 15.15 7.03 -28.11
CA ASP B 315 15.18 7.39 -29.51
C ASP B 315 15.84 8.75 -29.76
N ARG B 316 15.75 9.64 -28.76
CA ARG B 316 16.40 10.94 -28.86
C ARG B 316 17.88 10.83 -28.53
N GLY B 317 18.27 9.67 -28.01
CA GLY B 317 19.63 9.40 -27.62
C GLY B 317 19.91 9.88 -26.21
N GLU B 318 18.84 10.23 -25.49
CA GLU B 318 18.95 10.67 -24.10
C GLU B 318 18.82 9.48 -23.16
N THR B 319 19.22 8.30 -23.65
CA THR B 319 19.13 7.07 -22.89
C THR B 319 19.88 7.12 -21.56
N THR B 320 19.20 6.69 -20.50
CA THR B 320 19.76 6.74 -19.15
C THR B 320 19.39 5.47 -18.39
N ARG B 321 20.34 4.93 -17.65
CA ARG B 321 20.21 3.61 -17.03
C ARG B 321 19.08 3.53 -16.01
N LYS B 322 18.96 4.53 -15.16
CA LYS B 322 17.99 4.50 -14.07
C LYS B 322 16.55 4.59 -14.54
N ASP B 323 16.29 5.36 -15.60
CA ASP B 323 14.92 5.50 -16.10
C ASP B 323 14.51 4.25 -16.88
N ALA B 324 15.48 3.62 -17.54
CA ALA B 324 15.24 2.34 -18.21
C ALA B 324 14.86 1.31 -17.15
N ALA B 325 15.71 1.20 -16.13
CA ALA B 325 15.45 0.32 -15.00
C ALA B 325 14.19 0.74 -14.26
N GLY B 326 13.95 2.04 -14.21
CA GLY B 326 12.80 2.59 -13.52
C GLY B 326 11.45 2.21 -14.10
N CYS B 327 11.33 2.29 -15.42
CA CYS B 327 10.04 2.07 -16.07
C CYS B 327 9.67 0.58 -16.13
N ILE B 328 10.67 -0.29 -16.26
CA ILE B 328 10.40 -1.72 -16.24
C ILE B 328 10.03 -2.17 -14.82
N LEU B 329 10.75 -1.65 -13.83
CA LEU B 329 10.44 -1.93 -12.42
C LEU B 329 9.02 -1.49 -12.09
N TYR B 330 8.70 -0.28 -12.50
CA TYR B 330 7.40 0.32 -12.26
C TYR B 330 6.26 -0.48 -12.92
N SER B 331 6.39 -0.73 -14.21
CA SER B 331 5.34 -1.43 -14.96
C SER B 331 5.17 -2.88 -14.54
N ALA B 332 6.29 -3.55 -14.22
CA ALA B 332 6.24 -4.95 -13.79
C ALA B 332 5.47 -5.13 -12.49
N GLU B 333 5.73 -4.27 -11.52
CA GLU B 333 5.06 -4.36 -10.23
C GLU B 333 3.57 -4.04 -10.37
N ASN B 334 3.26 -3.06 -11.23
CA ASN B 334 1.88 -2.69 -11.50
C ASN B 334 1.09 -3.81 -12.16
N ALA B 335 1.73 -4.52 -13.08
CA ALA B 335 1.10 -5.60 -13.83
C ALA B 335 0.68 -6.76 -12.93
N THR B 336 1.57 -7.13 -12.02
CA THR B 336 1.30 -8.23 -11.09
C THR B 336 0.12 -7.92 -10.19
N GLN B 337 0.10 -6.72 -9.63
CA GLN B 337 -0.97 -6.29 -8.74
C GLN B 337 -2.31 -6.17 -9.47
N MET B 338 -2.26 -5.74 -10.73
CA MET B 338 -3.47 -5.61 -11.52
C MET B 338 -4.05 -6.98 -11.88
N ALA B 339 -3.17 -7.94 -12.09
CA ALA B 339 -3.58 -9.31 -12.37
C ALA B 339 -4.33 -9.90 -11.18
N LEU B 340 -3.86 -9.60 -9.98
CA LEU B 340 -4.55 -10.01 -8.76
C LEU B 340 -5.93 -9.38 -8.69
N GLN B 341 -6.01 -8.12 -9.10
CA GLN B 341 -7.27 -7.39 -9.10
C GLN B 341 -8.21 -7.92 -10.18
N ALA B 342 -7.63 -8.34 -11.31
CA ALA B 342 -8.40 -8.93 -12.40
C ALA B 342 -9.05 -10.23 -11.94
N ILE B 343 -8.26 -11.05 -11.25
CA ILE B 343 -8.77 -12.29 -10.66
C ILE B 343 -9.88 -11.98 -9.67
N GLN B 344 -9.64 -10.99 -8.82
CA GLN B 344 -10.61 -10.56 -7.82
C GLN B 344 -11.93 -10.12 -8.44
N SER B 345 -11.85 -9.39 -9.55
CA SER B 345 -13.03 -8.81 -10.17
C SER B 345 -13.96 -9.86 -10.77
N LEU B 346 -13.38 -10.95 -11.27
CA LEU B 346 -14.16 -12.03 -11.86
C LEU B 346 -14.66 -13.01 -10.80
N GLY B 347 -14.17 -12.84 -9.57
CA GLY B 347 -14.55 -13.70 -8.46
C GLY B 347 -14.16 -15.15 -8.69
N GLY B 348 -15.09 -16.07 -8.41
CA GLY B 348 -14.85 -17.49 -8.60
C GLY B 348 -14.32 -17.85 -9.97
N ASN B 349 -14.92 -17.27 -11.01
CA ASN B 349 -14.50 -17.52 -12.39
C ASN B 349 -13.05 -17.11 -12.64
N GLY B 350 -12.60 -16.06 -11.95
CA GLY B 350 -11.24 -15.58 -12.09
C GLY B 350 -10.22 -16.58 -11.57
N TYR B 351 -10.69 -17.52 -10.77
CA TYR B 351 -9.82 -18.51 -10.12
C TYR B 351 -9.84 -19.83 -10.87
N ILE B 352 -10.53 -19.87 -12.01
CA ILE B 352 -10.62 -21.06 -12.83
C ILE B 352 -9.64 -20.99 -14.00
N ASN B 353 -8.97 -22.10 -14.29
CA ASN B 353 -7.98 -22.16 -15.36
C ASN B 353 -8.60 -21.91 -16.73
N ASP B 354 -9.91 -21.99 -16.83
CA ASP B 354 -10.61 -21.66 -18.07
C ASP B 354 -10.38 -20.20 -18.45
N TYR B 355 -10.53 -19.31 -17.46
CA TYR B 355 -10.31 -17.88 -17.70
C TYR B 355 -8.82 -17.57 -17.67
N PRO B 356 -8.40 -16.53 -18.40
CA PRO B 356 -6.97 -16.24 -18.52
C PRO B 356 -6.38 -15.41 -17.37
N THR B 357 -7.19 -15.02 -16.40
CA THR B 357 -6.71 -14.17 -15.30
C THR B 357 -5.66 -14.85 -14.45
N GLY B 358 -5.81 -16.16 -14.25
CA GLY B 358 -4.82 -16.95 -13.54
C GLY B 358 -3.48 -16.91 -14.24
N ARG B 359 -3.51 -17.04 -15.57
CA ARG B 359 -2.30 -17.01 -16.37
C ARG B 359 -1.62 -15.65 -16.34
N LEU B 360 -2.43 -14.59 -16.36
CA LEU B 360 -1.90 -13.23 -16.36
C LEU B 360 -1.09 -12.97 -15.11
N LEU B 361 -1.56 -13.47 -13.97
CA LEU B 361 -0.83 -13.36 -12.71
C LEU B 361 0.49 -14.12 -12.76
N ARG B 362 0.43 -15.36 -13.23
CA ARG B 362 1.60 -16.20 -13.34
C ARG B 362 2.64 -15.61 -14.28
N ASP B 363 2.16 -15.06 -15.40
CA ASP B 363 3.03 -14.42 -16.38
C ASP B 363 3.68 -13.15 -15.85
N ALA B 364 2.89 -12.31 -15.21
CA ALA B 364 3.35 -11.00 -14.71
C ALA B 364 4.52 -11.09 -13.73
N LYS B 365 4.51 -12.10 -12.88
CA LYS B 365 5.51 -12.24 -11.82
C LYS B 365 6.96 -12.33 -12.33
N LEU B 366 7.16 -12.88 -13.52
CA LEU B 366 8.51 -13.07 -14.05
C LEU B 366 9.23 -11.74 -14.30
N TYR B 367 8.47 -10.74 -14.73
CA TYR B 367 9.07 -9.43 -15.02
C TYR B 367 9.63 -8.79 -13.74
N GLU B 368 9.07 -9.16 -12.60
CA GLU B 368 9.55 -8.66 -11.32
C GLU B 368 10.84 -9.37 -10.91
N ILE B 369 11.02 -10.60 -11.40
CA ILE B 369 12.23 -11.37 -11.11
C ILE B 369 13.43 -10.85 -11.87
N GLU B 375 15.30 -5.55 -5.86
CA GLU B 375 16.44 -5.03 -5.10
C GLU B 375 17.51 -4.48 -6.04
N ILE B 376 17.87 -5.26 -7.04
CA ILE B 376 18.93 -4.87 -7.97
C ILE B 376 18.54 -3.66 -8.82
N ARG B 377 17.27 -3.60 -9.21
CA ARG B 377 16.79 -2.45 -9.98
C ARG B 377 16.76 -1.17 -9.13
N ARG B 378 16.28 -1.29 -7.90
CA ARG B 378 16.21 -0.13 -7.02
C ARG B 378 17.59 0.34 -6.56
N MET B 379 18.52 -0.59 -6.41
CA MET B 379 19.86 -0.22 -5.97
C MET B 379 20.66 0.39 -7.12
N LEU B 380 20.35 -0.04 -8.34
CA LEU B 380 20.98 0.53 -9.53
C LEU B 380 20.55 1.97 -9.73
N ILE B 381 19.25 2.21 -9.56
CA ILE B 381 18.69 3.56 -9.71
C ILE B 381 19.21 4.51 -8.64
N GLY B 382 19.18 4.06 -7.38
CA GLY B 382 19.66 4.87 -6.27
C GLY B 382 21.14 5.21 -6.36
N ARG B 383 21.95 4.22 -6.70
CA ARG B 383 23.39 4.42 -6.87
C ARG B 383 23.69 5.41 -7.99
N GLU B 384 22.96 5.27 -9.09
CA GLU B 384 23.15 6.11 -10.26
C GLU B 384 22.75 7.56 -10.00
N LEU B 385 21.63 7.73 -9.30
CA LEU B 385 21.16 9.05 -8.93
C LEU B 385 22.15 9.73 -7.98
N PHE B 386 22.68 8.93 -7.07
CA PHE B 386 23.63 9.42 -6.07
C PHE B 386 24.92 9.94 -6.71
N GLN B 387 25.45 9.19 -7.68
CA GLN B 387 26.72 9.53 -8.28
C GLN B 387 26.62 10.73 -9.20
N GLU B 388 25.45 10.92 -9.80
CA GLU B 388 25.21 12.07 -10.65
C GLU B 388 25.04 13.35 -9.84
N THR B 389 24.55 13.20 -8.61
CA THR B 389 24.25 14.35 -7.75
C THR B 389 25.34 14.58 -6.70
N ARG B 390 26.52 14.01 -6.94
CA ARG B 390 27.64 14.20 -6.02
C ARG B 390 28.15 15.63 -6.06
N HIS C 5 13.25 -23.59 13.17
CA HIS C 5 12.35 -22.45 12.96
C HIS C 5 12.19 -21.62 14.23
N HIS C 6 12.53 -20.35 14.14
CA HIS C 6 12.40 -19.44 15.27
C HIS C 6 11.68 -18.16 14.87
N HIS C 7 10.71 -18.28 13.97
CA HIS C 7 9.94 -17.13 13.51
C HIS C 7 8.52 -17.13 14.06
N HIS C 8 8.28 -17.96 15.07
CA HIS C 8 7.00 -17.97 15.78
C HIS C 8 7.08 -17.31 17.14
N MET C 9 6.32 -16.22 17.32
CA MET C 9 6.14 -15.63 18.64
C MET C 9 5.23 -16.54 19.47
N ASN C 10 5.52 -16.63 20.76
CA ASN C 10 4.70 -17.42 21.67
C ASN C 10 3.59 -16.58 22.31
N PHE C 11 2.36 -17.07 22.25
CA PHE C 11 1.22 -16.32 22.77
C PHE C 11 0.73 -16.83 24.12
N GLY C 12 1.48 -17.75 24.72
CA GLY C 12 1.14 -18.27 26.04
C GLY C 12 -0.27 -18.81 26.15
N LEU C 13 -0.64 -19.70 25.23
CA LEU C 13 -2.03 -20.15 25.11
C LEU C 13 -2.37 -21.33 26.01
N GLY C 14 -1.39 -21.82 26.77
CA GLY C 14 -1.64 -22.91 27.70
C GLY C 14 -1.18 -24.26 27.18
N GLU C 15 -0.96 -25.18 28.11
CA GLU C 15 -0.37 -26.49 27.81
C GLU C 15 -1.20 -27.31 26.83
N GLU C 16 -2.52 -27.22 26.94
CA GLU C 16 -3.41 -28.04 26.12
C GLU C 16 -3.39 -27.62 24.65
N ILE C 17 -3.43 -26.33 24.39
CA ILE C 17 -3.37 -25.81 23.03
C ILE C 17 -1.97 -26.01 22.44
N GLU C 18 -0.94 -25.81 23.27
CA GLU C 18 0.45 -26.02 22.82
C GLU C 18 0.72 -27.50 22.52
N ALA C 19 0.04 -28.38 23.24
CA ALA C 19 0.19 -29.82 23.00
C ALA C 19 -0.47 -30.19 21.69
N LEU C 20 -1.63 -29.59 21.42
CA LEU C 20 -2.34 -29.81 20.17
C LEU C 20 -1.51 -29.31 18.98
N ARG C 21 -0.96 -28.09 19.10
CA ARG C 21 -0.14 -27.51 18.05
C ARG C 21 1.03 -28.42 17.68
N ASP C 22 1.75 -28.89 18.69
CA ASP C 22 2.92 -29.73 18.48
C ASP C 22 2.54 -31.06 17.83
N THR C 23 1.41 -31.62 18.27
CA THR C 23 0.92 -32.88 17.71
C THR C 23 0.60 -32.74 16.23
N VAL C 24 -0.13 -31.69 15.89
CA VAL C 24 -0.52 -31.44 14.50
C VAL C 24 0.69 -31.09 13.63
N ARG C 25 1.58 -30.27 14.17
CA ARG C 25 2.80 -29.87 13.47
C ARG C 25 3.69 -31.06 13.09
N ARG C 26 3.90 -31.97 14.04
CA ARG C 26 4.74 -33.14 13.79
C ARG C 26 4.07 -34.08 12.78
N PHE C 27 2.74 -34.19 12.85
CA PHE C 27 1.99 -34.96 11.88
C PHE C 27 2.08 -34.33 10.49
N ALA C 28 1.85 -33.03 10.42
CA ALA C 28 1.86 -32.29 9.16
C ALA C 28 3.22 -32.39 8.48
N GLU C 29 4.28 -32.31 9.28
CA GLU C 29 5.65 -32.38 8.79
C GLU C 29 5.97 -33.72 8.14
N SER C 30 5.46 -34.80 8.73
CA SER C 30 5.80 -36.14 8.27
C SER C 30 4.82 -36.72 7.26
N ARG C 31 3.54 -36.36 7.39
CA ARG C 31 2.51 -37.00 6.58
C ARG C 31 1.85 -36.07 5.55
N ILE C 32 2.00 -34.77 5.72
CA ILE C 32 1.35 -33.83 4.80
C ILE C 32 2.33 -33.09 3.90
N ALA C 33 3.33 -32.45 4.51
CA ALA C 33 4.31 -31.65 3.78
C ALA C 33 4.98 -32.38 2.61
N PRO C 34 5.38 -33.66 2.80
CA PRO C 34 5.98 -34.35 1.65
C PRO C 34 5.04 -34.53 0.46
N LEU C 35 3.74 -34.50 0.71
CA LEU C 35 2.75 -34.74 -0.34
C LEU C 35 2.16 -33.45 -0.94
N ALA C 36 2.63 -32.31 -0.47
CA ALA C 36 2.06 -31.02 -0.88
C ALA C 36 2.21 -30.73 -2.38
N ALA C 37 3.43 -30.88 -2.89
CA ALA C 37 3.71 -30.59 -4.30
C ALA C 37 2.96 -31.54 -5.22
N GLU C 38 2.95 -32.83 -4.85
CA GLU C 38 2.29 -33.85 -5.65
C GLU C 38 0.78 -33.66 -5.66
N THR C 39 0.25 -33.19 -4.53
CA THR C 39 -1.18 -32.92 -4.40
C THR C 39 -1.60 -31.81 -5.36
N ASP C 40 -0.78 -30.77 -5.44
CA ASP C 40 -1.03 -29.63 -6.32
C ASP C 40 -0.91 -30.01 -7.79
N ARG C 41 0.09 -30.83 -8.10
CA ARG C 41 0.35 -31.24 -9.47
C ARG C 41 -0.76 -32.13 -10.01
N ASN C 42 -1.20 -33.09 -9.21
CA ASN C 42 -2.21 -34.05 -9.63
C ASN C 42 -3.64 -33.52 -9.53
N ASN C 43 -3.80 -32.40 -8.83
CA ASN C 43 -5.11 -31.81 -8.58
C ASN C 43 -6.05 -32.83 -7.92
N GLN C 44 -5.48 -33.63 -7.02
CA GLN C 44 -6.23 -34.69 -6.34
C GLN C 44 -5.91 -34.75 -4.86
N PHE C 45 -6.95 -34.82 -4.03
CA PHE C 45 -6.76 -35.01 -2.60
C PHE C 45 -6.29 -36.42 -2.28
N PRO C 46 -5.25 -36.54 -1.45
CA PRO C 46 -4.80 -37.85 -0.99
C PRO C 46 -5.78 -38.41 0.04
N MET C 47 -6.62 -39.34 -0.41
CA MET C 47 -7.77 -39.81 0.37
C MET C 47 -7.39 -40.52 1.66
N HIS C 48 -6.18 -41.05 1.72
CA HIS C 48 -5.71 -41.76 2.90
C HIS C 48 -5.60 -40.88 4.14
N LEU C 49 -5.56 -39.57 3.93
CA LEU C 49 -5.40 -38.62 5.03
C LEU C 49 -6.63 -38.51 5.94
N TRP C 50 -7.81 -38.80 5.39
CA TRP C 50 -9.06 -38.65 6.15
C TRP C 50 -9.08 -39.55 7.38
N ARG C 51 -8.70 -40.81 7.18
CA ARG C 51 -8.64 -41.77 8.28
C ARG C 51 -7.49 -41.45 9.23
N GLU C 52 -6.40 -40.93 8.68
CA GLU C 52 -5.25 -40.54 9.49
C GLU C 52 -5.56 -39.30 10.33
N PHE C 53 -6.28 -38.35 9.73
CA PHE C 53 -6.78 -37.20 10.46
C PHE C 53 -7.68 -37.63 11.61
N GLY C 54 -8.55 -38.60 11.33
CA GLY C 54 -9.47 -39.12 12.32
C GLY C 54 -8.80 -39.73 13.53
N GLU C 55 -7.82 -40.59 13.31
CA GLU C 55 -7.09 -41.22 14.40
C GLU C 55 -6.22 -40.22 15.16
N LEU C 56 -5.85 -39.13 14.48
CA LEU C 56 -5.09 -38.07 15.12
C LEU C 56 -6.01 -37.30 16.06
N GLY C 57 -7.30 -37.33 15.75
CA GLY C 57 -8.30 -36.69 16.59
C GLY C 57 -8.50 -35.22 16.30
N VAL C 58 -8.33 -34.83 15.05
CA VAL C 58 -8.40 -33.42 14.68
C VAL C 58 -9.60 -33.08 13.79
N LEU C 59 -10.39 -34.08 13.45
CA LEU C 59 -11.56 -33.85 12.59
C LEU C 59 -12.76 -33.38 13.38
N GLY C 60 -12.68 -33.48 14.70
CA GLY C 60 -13.75 -33.06 15.58
C GLY C 60 -13.24 -32.20 16.73
N ILE C 61 -12.38 -31.24 16.42
CA ILE C 61 -11.75 -30.40 17.43
C ILE C 61 -12.77 -29.71 18.34
N THR C 62 -13.81 -29.14 17.74
CA THR C 62 -14.84 -28.45 18.50
C THR C 62 -16.08 -29.32 18.71
N ALA C 63 -15.95 -30.61 18.43
CA ALA C 63 -17.04 -31.54 18.62
C ALA C 63 -16.97 -32.17 20.01
N PRO C 64 -18.14 -32.50 20.59
CA PRO C 64 -18.19 -33.12 21.93
C PRO C 64 -17.47 -34.46 21.98
N GLU C 65 -16.90 -34.78 23.13
CA GLU C 65 -16.17 -36.04 23.28
C GLU C 65 -17.12 -37.25 23.23
N ASP C 66 -18.41 -36.99 23.41
CA ASP C 66 -19.40 -38.06 23.38
C ASP C 66 -19.55 -38.66 21.97
N TYR C 67 -19.11 -37.92 20.97
CA TYR C 67 -19.14 -38.41 19.59
C TYR C 67 -17.73 -38.62 19.05
N GLY C 68 -16.74 -38.60 19.93
CA GLY C 68 -15.36 -38.81 19.53
C GLY C 68 -14.59 -37.52 19.32
N GLY C 69 -15.22 -36.39 19.57
CA GLY C 69 -14.57 -35.10 19.41
C GLY C 69 -13.57 -34.79 20.50
N ALA C 70 -12.85 -33.68 20.35
CA ALA C 70 -11.84 -33.29 21.32
C ALA C 70 -12.42 -32.38 22.40
N GLY C 71 -13.57 -31.79 22.11
CA GLY C 71 -14.23 -30.90 23.06
C GLY C 71 -13.42 -29.64 23.33
N MET C 72 -12.68 -29.20 22.33
CA MET C 72 -11.88 -27.98 22.45
C MET C 72 -12.60 -26.81 21.77
N GLY C 73 -11.91 -25.68 21.63
CA GLY C 73 -12.54 -24.48 21.13
C GLY C 73 -12.04 -24.05 19.76
N TYR C 74 -12.49 -22.88 19.33
CA TYR C 74 -12.16 -22.36 18.00
C TYR C 74 -10.73 -21.85 17.89
N LEU C 75 -10.18 -21.42 19.02
CA LEU C 75 -8.77 -21.02 19.04
C LEU C 75 -7.88 -22.21 18.74
N ALA C 76 -8.16 -23.32 19.41
CA ALA C 76 -7.46 -24.58 19.17
C ALA C 76 -7.63 -25.05 17.72
N HIS C 77 -8.85 -24.96 17.22
CA HIS C 77 -9.15 -25.40 15.86
C HIS C 77 -8.45 -24.53 14.82
N CYS C 78 -8.43 -23.22 15.07
CA CYS C 78 -7.75 -22.29 14.19
C CYS C 78 -6.26 -22.66 14.04
N ILE C 79 -5.66 -23.07 15.14
CA ILE C 79 -4.25 -23.40 15.16
C ILE C 79 -4.00 -24.76 14.50
N ALA C 80 -4.94 -25.69 14.66
CA ALA C 80 -4.89 -26.96 13.94
C ALA C 80 -4.94 -26.69 12.43
N MET C 81 -5.86 -25.81 12.03
CA MET C 81 -5.98 -25.38 10.64
C MET C 81 -4.69 -24.75 10.14
N GLU C 82 -4.09 -23.91 10.97
CA GLU C 82 -2.85 -23.22 10.66
C GLU C 82 -1.69 -24.18 10.37
N GLU C 83 -1.46 -25.12 11.27
CA GLU C 83 -0.32 -26.03 11.16
C GLU C 83 -0.49 -27.00 9.99
N ILE C 84 -1.73 -27.37 9.71
CA ILE C 84 -2.02 -28.22 8.56
C ILE C 84 -1.84 -27.46 7.26
N SER C 85 -2.37 -26.25 7.20
CA SER C 85 -2.25 -25.39 6.01
C SER C 85 -0.80 -25.01 5.76
N ARG C 86 -0.02 -24.94 6.83
CA ARG C 86 1.41 -24.65 6.76
C ARG C 86 2.13 -25.67 5.89
N ALA C 87 1.71 -26.92 5.98
CA ALA C 87 2.29 -28.01 5.20
C ALA C 87 1.68 -28.09 3.80
N SER C 88 0.36 -27.88 3.73
CA SER C 88 -0.35 -27.88 2.46
C SER C 88 -1.65 -27.09 2.58
N ALA C 89 -1.74 -25.99 1.82
CA ALA C 89 -2.90 -25.11 1.87
C ALA C 89 -4.16 -25.80 1.33
N SER C 90 -3.99 -26.59 0.27
CA SER C 90 -5.11 -27.33 -0.31
C SER C 90 -5.74 -28.29 0.70
N ILE C 91 -4.88 -29.09 1.34
CA ILE C 91 -5.33 -30.07 2.33
C ILE C 91 -5.92 -29.36 3.54
N GLY C 92 -5.33 -28.22 3.90
CA GLY C 92 -5.86 -27.40 4.98
C GLY C 92 -7.28 -26.93 4.69
N LEU C 93 -7.53 -26.48 3.47
CA LEU C 93 -8.85 -26.00 3.08
C LEU C 93 -9.90 -27.11 3.14
N SER C 94 -9.56 -28.28 2.61
CA SER C 94 -10.45 -29.44 2.66
C SER C 94 -10.71 -29.84 4.11
N TYR C 95 -9.65 -29.81 4.91
CA TYR C 95 -9.76 -30.14 6.34
C TYR C 95 -10.70 -29.17 7.05
N GLY C 96 -10.58 -27.89 6.70
CA GLY C 96 -11.40 -26.86 7.31
C GLY C 96 -12.88 -27.00 6.97
N ALA C 97 -13.16 -27.29 5.70
CA ALA C 97 -14.54 -27.48 5.26
C ALA C 97 -15.19 -28.68 5.94
N HIS C 98 -14.39 -29.71 6.18
CA HIS C 98 -14.88 -30.93 6.83
C HIS C 98 -15.07 -30.71 8.32
N SER C 99 -13.96 -30.42 9.01
CA SER C 99 -13.93 -30.36 10.46
C SER C 99 -14.66 -29.16 11.05
N ASN C 100 -14.76 -28.08 10.28
CA ASN C 100 -15.39 -26.86 10.79
C ASN C 100 -16.72 -26.54 10.13
N LEU C 101 -16.72 -26.41 8.81
CA LEU C 101 -17.93 -26.03 8.09
C LEU C 101 -19.05 -27.06 8.26
N CYS C 102 -18.70 -28.34 8.10
CA CYS C 102 -19.70 -29.40 8.21
C CYS C 102 -19.92 -29.87 9.64
N VAL C 103 -18.87 -30.42 10.25
CA VAL C 103 -18.94 -31.02 11.58
C VAL C 103 -19.45 -30.07 12.67
N ASN C 104 -18.89 -28.86 12.73
CA ASN C 104 -19.28 -27.92 13.77
C ASN C 104 -20.72 -27.42 13.58
N GLN C 105 -21.18 -27.44 12.34
CA GLN C 105 -22.58 -27.09 12.06
C GLN C 105 -23.55 -28.12 12.62
N ILE C 106 -23.22 -29.40 12.44
CA ILE C 106 -24.04 -30.48 12.98
C ILE C 106 -23.95 -30.47 14.50
N THR C 107 -22.75 -30.19 15.01
CA THR C 107 -22.51 -30.09 16.44
C THR C 107 -23.40 -29.01 17.07
N ARG C 108 -23.45 -27.85 16.44
CA ARG C 108 -24.17 -26.70 16.99
C ARG C 108 -25.68 -26.75 16.75
N ASN C 109 -26.09 -27.20 15.56
CA ASN C 109 -27.49 -27.09 15.17
C ASN C 109 -28.23 -28.41 15.07
N GLY C 110 -27.50 -29.52 15.19
CA GLY C 110 -28.11 -30.83 15.06
C GLY C 110 -28.85 -31.28 16.31
N SER C 111 -29.94 -32.01 16.12
CA SER C 111 -30.64 -32.65 17.22
C SER C 111 -29.77 -33.78 17.76
N PRO C 112 -30.03 -34.23 19.00
CA PRO C 112 -29.25 -35.34 19.58
C PRO C 112 -29.19 -36.58 18.67
N GLU C 113 -30.29 -36.88 17.99
CA GLU C 113 -30.33 -38.01 17.08
C GLU C 113 -29.45 -37.76 15.86
N GLN C 114 -29.47 -36.53 15.35
CA GLN C 114 -28.69 -36.17 14.17
C GLN C 114 -27.19 -36.22 14.48
N ARG C 115 -26.82 -35.78 15.67
CA ARG C 115 -25.43 -35.81 16.10
C ARG C 115 -24.96 -37.25 16.30
N ALA C 116 -25.80 -38.05 16.95
CA ALA C 116 -25.48 -39.45 17.20
C ALA C 116 -25.36 -40.26 15.90
N LYS C 117 -26.07 -39.82 14.86
CA LYS C 117 -26.09 -40.54 13.60
C LYS C 117 -24.93 -40.18 12.67
N TYR C 118 -24.62 -38.89 12.57
CA TYR C 118 -23.71 -38.41 11.53
C TYR C 118 -22.28 -38.08 12.01
N LEU C 119 -22.17 -37.58 13.23
CA LEU C 119 -20.86 -37.13 13.74
C LEU C 119 -19.77 -38.21 13.88
N PRO C 120 -20.10 -39.39 14.47
CA PRO C 120 -19.04 -40.38 14.70
C PRO C 120 -18.19 -40.74 13.48
N LYS C 121 -18.84 -40.96 12.34
CA LYS C 121 -18.11 -41.35 11.13
C LYS C 121 -17.39 -40.18 10.49
N LEU C 122 -17.91 -38.97 10.67
CA LEU C 122 -17.24 -37.77 10.19
C LEU C 122 -15.98 -37.49 10.99
N ILE C 123 -16.07 -37.69 12.31
CA ILE C 123 -14.96 -37.43 13.21
C ILE C 123 -13.88 -38.51 13.05
N SER C 124 -14.30 -39.72 12.70
CA SER C 124 -13.37 -40.81 12.51
C SER C 124 -12.66 -40.71 11.15
N GLY C 125 -13.28 -39.98 10.23
CA GLY C 125 -12.73 -39.82 8.90
C GLY C 125 -13.26 -40.84 7.91
N GLU C 126 -14.17 -41.69 8.37
CA GLU C 126 -14.78 -42.68 7.48
C GLU C 126 -15.73 -42.00 6.51
N HIS C 127 -16.34 -40.90 6.95
CA HIS C 127 -17.16 -40.07 6.06
C HIS C 127 -16.51 -38.71 5.85
N VAL C 128 -16.65 -38.17 4.65
CA VAL C 128 -16.16 -36.83 4.35
C VAL C 128 -17.33 -35.86 4.35
N GLY C 129 -17.14 -34.69 4.95
CA GLY C 129 -18.21 -33.71 5.08
C GLY C 129 -18.00 -32.46 4.26
N ALA C 130 -19.09 -31.78 3.96
CA ALA C 130 -19.04 -30.53 3.21
C ALA C 130 -20.17 -29.59 3.63
N LEU C 131 -20.05 -28.32 3.26
CA LEU C 131 -21.08 -27.34 3.56
C LEU C 131 -21.43 -26.58 2.27
N ALA C 132 -22.73 -26.42 2.03
CA ALA C 132 -23.20 -25.72 0.84
C ALA C 132 -24.04 -24.51 1.19
N MET C 133 -23.39 -23.35 1.28
CA MET C 133 -24.07 -22.11 1.63
C MET C 133 -24.62 -21.43 0.39
N SER C 134 -23.77 -21.25 -0.61
CA SER C 134 -24.17 -20.58 -1.85
C SER C 134 -23.26 -20.99 -3.01
N MET C 145 -32.75 -18.17 -3.33
CA MET C 145 -31.42 -18.43 -3.84
C MET C 145 -31.44 -19.40 -5.01
N LYS C 146 -30.40 -20.20 -5.14
CA LYS C 146 -30.25 -21.11 -6.27
C LYS C 146 -30.87 -22.48 -5.99
N LEU C 147 -31.24 -22.73 -4.75
CA LEU C 147 -31.79 -24.03 -4.36
C LEU C 147 -33.12 -23.89 -3.63
N ALA C 148 -34.12 -24.64 -4.08
CA ALA C 148 -35.46 -24.56 -3.47
C ALA C 148 -35.89 -25.91 -2.90
N ALA C 149 -36.53 -25.86 -1.74
CA ALA C 149 -37.06 -27.05 -1.09
C ALA C 149 -38.56 -26.93 -0.84
N GLU C 150 -39.28 -28.02 -1.08
CA GLU C 150 -40.73 -28.04 -0.92
C GLU C 150 -41.17 -29.20 -0.04
N LYS C 151 -41.90 -28.89 1.03
CA LYS C 151 -42.39 -29.91 1.94
C LYS C 151 -43.46 -30.77 1.31
N ARG C 152 -43.29 -32.08 1.41
CA ARG C 152 -44.26 -33.03 0.89
C ARG C 152 -44.54 -34.11 1.94
N GLY C 153 -45.29 -33.73 2.97
CA GLY C 153 -45.62 -34.67 4.03
C GLY C 153 -44.41 -35.07 4.82
N ASP C 154 -44.04 -36.35 4.70
CA ASP C 154 -42.91 -36.91 5.43
C ASP C 154 -41.56 -36.49 4.85
N ARG C 155 -41.55 -36.08 3.58
CA ARG C 155 -40.28 -35.78 2.92
C ARG C 155 -40.21 -34.37 2.31
N TYR C 156 -38.98 -33.95 2.03
CA TYR C 156 -38.71 -32.71 1.29
C TYR C 156 -38.20 -33.03 -0.11
N VAL C 157 -38.60 -32.22 -1.09
CA VAL C 157 -38.14 -32.39 -2.46
C VAL C 157 -37.34 -31.16 -2.90
N LEU C 158 -36.05 -31.37 -3.16
CA LEU C 158 -35.13 -30.28 -3.48
C LEU C 158 -34.80 -30.19 -4.97
N ASN C 159 -34.84 -28.98 -5.52
CA ASN C 159 -34.37 -28.75 -6.88
C ASN C 159 -33.53 -27.48 -7.00
N GLY C 160 -32.52 -27.54 -7.87
CA GLY C 160 -31.58 -26.46 -8.03
C GLY C 160 -30.15 -26.96 -7.95
N ASN C 161 -29.20 -26.04 -7.79
CA ASN C 161 -27.80 -26.41 -7.71
C ASN C 161 -27.02 -25.56 -6.72
N LYS C 162 -25.86 -26.06 -6.28
CA LYS C 162 -24.96 -25.32 -5.41
C LYS C 162 -23.55 -25.39 -5.98
N MET C 163 -22.94 -24.22 -6.19
CA MET C 163 -21.62 -24.17 -6.82
C MET C 163 -20.49 -23.98 -5.82
N TRP C 164 -19.29 -24.37 -6.25
CA TRP C 164 -18.06 -24.11 -5.50
C TRP C 164 -18.06 -24.75 -4.11
N ILE C 165 -18.38 -26.03 -4.05
CA ILE C 165 -18.43 -26.73 -2.76
C ILE C 165 -17.17 -27.56 -2.51
N THR C 166 -16.43 -27.19 -1.47
CA THR C 166 -15.23 -27.91 -1.09
C THR C 166 -15.61 -29.30 -0.57
N ASN C 167 -14.83 -30.30 -0.97
CA ASN C 167 -15.08 -31.71 -0.66
C ASN C 167 -16.34 -32.24 -1.34
N GLY C 168 -16.92 -31.42 -2.21
CA GLY C 168 -18.10 -31.77 -2.97
C GLY C 168 -18.11 -33.15 -3.62
N PRO C 169 -17.09 -33.47 -4.42
CA PRO C 169 -17.06 -34.77 -5.11
C PRO C 169 -16.93 -35.98 -4.17
N ASP C 170 -16.39 -35.78 -2.98
CA ASP C 170 -16.08 -36.89 -2.08
C ASP C 170 -16.99 -36.98 -0.87
N ALA C 171 -17.80 -35.94 -0.65
CA ALA C 171 -18.59 -35.82 0.58
C ALA C 171 -19.66 -36.90 0.72
N ASP C 172 -19.64 -37.58 1.87
CA ASP C 172 -20.68 -38.55 2.21
C ASP C 172 -21.82 -37.85 2.93
N VAL C 173 -21.49 -36.80 3.67
CA VAL C 173 -22.47 -36.00 4.40
C VAL C 173 -22.30 -34.53 4.07
N LEU C 174 -23.40 -33.87 3.73
CA LEU C 174 -23.33 -32.46 3.34
C LEU C 174 -24.40 -31.65 4.06
N VAL C 175 -24.00 -30.52 4.64
CA VAL C 175 -24.96 -29.59 5.20
C VAL C 175 -25.30 -28.59 4.11
N VAL C 176 -26.58 -28.51 3.76
CA VAL C 176 -27.02 -27.74 2.61
C VAL C 176 -28.11 -26.75 2.98
N TYR C 177 -28.01 -25.53 2.45
CA TYR C 177 -29.01 -24.50 2.68
C TYR C 177 -29.93 -24.37 1.47
N ALA C 178 -31.24 -24.30 1.71
CA ALA C 178 -32.21 -24.19 0.64
C ALA C 178 -33.34 -23.23 0.99
N LYS C 179 -34.08 -22.81 -0.03
CA LYS C 179 -35.19 -21.89 0.17
C LYS C 179 -36.47 -22.68 0.43
N THR C 180 -37.29 -22.19 1.35
CA THR C 180 -38.54 -22.88 1.71
C THR C 180 -39.73 -22.17 1.07
N ASP C 181 -39.74 -20.83 1.18
CA ASP C 181 -40.69 -20.00 0.44
C ASP C 181 -40.12 -19.77 -0.95
N ILE C 189 -35.66 -19.62 4.16
CA ILE C 189 -34.45 -20.42 4.03
C ILE C 189 -34.40 -21.51 5.12
N SER C 190 -34.04 -22.71 4.72
CA SER C 190 -33.89 -23.82 5.66
C SER C 190 -32.60 -24.59 5.39
N ALA C 191 -32.09 -25.29 6.40
CA ALA C 191 -30.88 -26.09 6.25
C ALA C 191 -31.21 -27.57 6.35
N PHE C 192 -30.48 -28.38 5.59
CA PHE C 192 -30.73 -29.83 5.54
C PHE C 192 -29.42 -30.62 5.62
N ILE C 193 -29.51 -31.83 6.16
CA ILE C 193 -28.39 -32.77 6.14
C ILE C 193 -28.57 -33.74 4.98
N ILE C 194 -27.66 -33.69 4.02
CA ILE C 194 -27.76 -34.51 2.82
C ILE C 194 -26.76 -35.67 2.82
N GLU C 195 -27.23 -36.84 2.42
CA GLU C 195 -26.35 -37.98 2.21
C GLU C 195 -26.12 -38.19 0.72
N LYS C 196 -24.94 -38.66 0.36
CA LYS C 196 -24.56 -38.89 -1.03
C LYS C 196 -25.53 -39.84 -1.72
N GLY C 197 -26.07 -40.78 -0.95
CA GLY C 197 -26.95 -41.81 -1.48
C GLY C 197 -28.40 -41.37 -1.67
N PHE C 198 -28.71 -40.13 -1.35
CA PHE C 198 -30.07 -39.63 -1.51
C PHE C 198 -30.44 -39.55 -2.99
N LYS C 199 -31.61 -40.06 -3.34
CA LYS C 199 -32.10 -40.02 -4.70
C LYS C 199 -32.30 -38.58 -5.15
N GLY C 200 -31.80 -38.24 -6.34
CA GLY C 200 -31.91 -36.90 -6.85
C GLY C 200 -30.68 -36.03 -6.60
N PHE C 201 -29.75 -36.52 -5.79
CA PHE C 201 -28.53 -35.80 -5.50
C PHE C 201 -27.37 -36.27 -6.37
N SER C 202 -26.71 -35.33 -7.04
CA SER C 202 -25.59 -35.66 -7.91
C SER C 202 -24.54 -34.56 -7.89
N THR C 203 -23.32 -34.89 -8.32
CA THR C 203 -22.23 -33.92 -8.36
C THR C 203 -21.60 -33.84 -9.75
N ALA C 204 -21.24 -32.63 -10.17
CA ALA C 204 -20.61 -32.43 -11.46
C ALA C 204 -19.10 -32.64 -11.37
N GLN C 205 -18.42 -32.56 -12.52
CA GLN C 205 -16.98 -32.71 -12.59
C GLN C 205 -16.26 -31.66 -11.76
N LYS C 206 -15.22 -32.07 -11.04
CA LYS C 206 -14.49 -31.17 -10.15
C LYS C 206 -13.75 -30.08 -10.90
N LEU C 207 -13.53 -28.95 -10.23
CA LEU C 207 -12.94 -27.77 -10.86
C LEU C 207 -11.45 -27.89 -11.14
N ASP C 208 -11.00 -27.19 -12.16
CA ASP C 208 -9.59 -27.07 -12.49
C ASP C 208 -9.17 -25.65 -12.11
N LYS C 209 -8.70 -25.49 -10.87
CA LYS C 209 -8.46 -24.16 -10.30
C LYS C 209 -7.01 -23.69 -10.40
N LEU C 210 -6.83 -22.37 -10.28
CA LEU C 210 -5.49 -21.77 -10.26
C LEU C 210 -4.66 -22.28 -9.09
N GLY C 211 -5.30 -22.35 -7.93
CA GLY C 211 -4.65 -22.81 -6.71
C GLY C 211 -5.60 -23.67 -5.92
N MET C 212 -5.17 -24.05 -4.71
CA MET C 212 -5.91 -25.01 -3.88
C MET C 212 -6.22 -26.27 -4.67
N ARG C 213 -5.27 -26.65 -5.52
CA ARG C 213 -5.39 -27.84 -6.33
C ARG C 213 -5.20 -29.06 -5.45
N GLY C 214 -6.08 -30.04 -5.59
CA GLY C 214 -6.07 -31.19 -4.71
C GLY C 214 -7.06 -31.00 -3.59
N SER C 215 -7.70 -29.82 -3.57
CA SER C 215 -8.87 -29.61 -2.73
C SER C 215 -10.09 -29.72 -3.63
N ASN C 216 -10.72 -30.90 -3.61
CA ASN C 216 -11.76 -31.22 -4.59
C ASN C 216 -12.99 -30.33 -4.45
N THR C 217 -13.24 -29.54 -5.49
CA THR C 217 -14.32 -28.58 -5.49
C THR C 217 -15.24 -28.82 -6.68
N CYS C 218 -16.55 -28.84 -6.44
CA CYS C 218 -17.50 -29.10 -7.53
C CYS C 218 -18.89 -28.55 -7.27
N GLU C 219 -19.72 -28.63 -8.31
CA GLU C 219 -21.12 -28.24 -8.26
C GLU C 219 -21.99 -29.36 -7.70
N LEU C 220 -22.92 -29.01 -6.81
CA LEU C 220 -23.93 -29.95 -6.34
C LEU C 220 -25.18 -29.81 -7.19
N VAL C 221 -25.77 -30.92 -7.60
CA VAL C 221 -26.96 -30.86 -8.44
C VAL C 221 -28.13 -31.60 -7.80
N PHE C 222 -29.25 -30.89 -7.67
CA PHE C 222 -30.45 -31.46 -7.06
C PHE C 222 -31.59 -31.53 -8.07
N GLU C 223 -32.01 -32.74 -8.39
CA GLU C 223 -33.13 -32.97 -9.30
C GLU C 223 -34.17 -33.82 -8.61
N ASP C 224 -35.21 -33.19 -8.08
CA ASP C 224 -36.22 -33.87 -7.28
C ASP C 224 -35.57 -34.69 -6.17
N CYS C 225 -34.62 -34.06 -5.46
CA CYS C 225 -33.88 -34.76 -4.43
C CYS C 225 -34.75 -34.95 -3.19
N GLU C 226 -34.97 -36.21 -2.84
CA GLU C 226 -35.84 -36.56 -1.73
C GLU C 226 -35.08 -36.57 -0.41
N VAL C 227 -35.47 -35.65 0.48
CA VAL C 227 -34.85 -35.55 1.79
C VAL C 227 -35.89 -35.77 2.89
N PRO C 228 -35.62 -36.73 3.79
CA PRO C 228 -36.52 -37.04 4.90
C PRO C 228 -36.69 -35.82 5.82
N ALA C 229 -37.84 -35.72 6.48
CA ALA C 229 -38.11 -34.63 7.40
C ALA C 229 -37.16 -34.70 8.61
N GLU C 230 -36.69 -35.91 8.91
CA GLU C 230 -35.77 -36.12 10.00
C GLU C 230 -34.39 -35.53 9.75
N ASN C 231 -34.14 -35.12 8.51
CA ASN C 231 -32.85 -34.54 8.14
C ASN C 231 -32.86 -33.02 8.03
N LEU C 232 -34.00 -32.42 8.39
CA LEU C 232 -34.07 -30.96 8.45
C LEU C 232 -33.21 -30.43 9.60
N LEU C 233 -32.33 -29.48 9.28
CA LEU C 233 -31.46 -28.89 10.28
C LEU C 233 -32.12 -27.65 10.87
N GLY C 234 -32.14 -27.56 12.20
CA GLY C 234 -32.86 -26.53 12.92
C GLY C 234 -34.27 -26.26 12.43
N THR C 235 -34.77 -25.06 12.71
CA THR C 235 -36.15 -24.72 12.39
C THR C 235 -36.33 -24.26 10.95
N GLU C 236 -37.43 -24.70 10.34
CA GLU C 236 -37.77 -24.30 8.96
C GLU C 236 -38.08 -22.81 8.87
N GLY C 237 -37.45 -22.13 7.93
CA GLY C 237 -37.64 -20.70 7.75
C GLY C 237 -36.63 -19.87 8.52
N LYS C 238 -35.88 -20.52 9.39
CA LYS C 238 -34.83 -19.86 10.16
C LYS C 238 -33.46 -20.36 9.73
N GLY C 239 -33.26 -20.46 8.42
CA GLY C 239 -32.01 -20.94 7.86
C GLY C 239 -30.96 -19.85 7.76
N VAL C 240 -31.41 -18.60 7.65
CA VAL C 240 -30.51 -17.47 7.58
C VAL C 240 -29.73 -17.34 8.88
N ASN C 241 -30.39 -17.67 9.99
CA ASN C 241 -29.74 -17.63 11.30
C ASN C 241 -28.74 -18.77 11.47
N VAL C 242 -29.04 -19.92 10.87
CA VAL C 242 -28.09 -21.03 10.86
C VAL C 242 -26.88 -20.68 9.98
N LEU C 243 -27.16 -20.11 8.81
CA LEU C 243 -26.11 -19.69 7.89
C LEU C 243 -25.19 -18.63 8.47
N MET C 244 -25.77 -17.54 8.96
CA MET C 244 -25.01 -16.45 9.56
C MET C 244 -24.16 -16.90 10.75
N SER C 245 -24.75 -17.73 11.61
CA SER C 245 -24.06 -18.33 12.74
C SER C 245 -22.74 -18.98 12.38
N GLY C 246 -22.75 -19.85 11.39
CA GLY C 246 -21.57 -20.63 11.07
C GLY C 246 -20.55 -19.78 10.35
N LEU C 247 -21.03 -18.84 9.55
CA LEU C 247 -20.17 -17.99 8.73
C LEU C 247 -19.13 -17.27 9.59
N ASP C 248 -19.55 -16.76 10.75
CA ASP C 248 -18.66 -16.07 11.66
C ASP C 248 -17.57 -17.00 12.19
N TYR C 249 -17.99 -18.13 12.74
CA TYR C 249 -17.06 -19.14 13.24
C TYR C 249 -16.21 -19.70 12.10
N GLU C 250 -16.83 -19.82 10.92
CA GLU C 250 -16.13 -20.31 9.75
C GLU C 250 -15.01 -19.37 9.32
N ARG C 251 -15.30 -18.08 9.28
CA ARG C 251 -14.29 -17.09 8.90
C ARG C 251 -13.10 -17.09 9.85
N VAL C 252 -13.37 -17.34 11.14
CA VAL C 252 -12.31 -17.30 12.14
C VAL C 252 -11.40 -18.54 12.09
N VAL C 253 -12.00 -19.73 12.01
CA VAL C 253 -11.21 -20.96 11.94
C VAL C 253 -10.45 -21.04 10.62
N LEU C 254 -11.12 -20.69 9.52
CA LEU C 254 -10.51 -20.73 8.20
C LEU C 254 -9.44 -19.66 8.02
N ALA C 255 -9.43 -18.68 8.90
CA ALA C 255 -8.38 -17.66 8.92
C ALA C 255 -7.03 -18.31 9.22
N GLY C 256 -7.08 -19.51 9.79
CA GLY C 256 -5.88 -20.32 9.99
C GLY C 256 -5.20 -20.65 8.68
N GLY C 257 -5.98 -20.63 7.59
CA GLY C 257 -5.44 -20.87 6.26
C GLY C 257 -4.36 -19.86 5.88
N PRO C 258 -4.73 -18.58 5.76
CA PRO C 258 -3.77 -17.49 5.52
C PRO C 258 -2.62 -17.48 6.52
N LEU C 259 -2.89 -17.79 7.79
CA LEU C 259 -1.85 -17.86 8.80
C LEU C 259 -0.83 -18.94 8.48
N GLY C 260 -1.34 -20.10 8.07
CA GLY C 260 -0.49 -21.23 7.70
C GLY C 260 0.37 -20.93 6.48
N ILE C 261 -0.24 -20.27 5.50
CA ILE C 261 0.47 -19.89 4.28
C ILE C 261 1.60 -18.91 4.58
N MET C 262 1.33 -17.95 5.46
CA MET C 262 2.36 -17.00 5.87
C MET C 262 3.48 -17.72 6.62
N ALA C 263 3.10 -18.68 7.47
CA ALA C 263 4.08 -19.52 8.15
C ALA C 263 4.93 -20.29 7.14
N ALA C 264 4.28 -20.82 6.11
CA ALA C 264 4.96 -21.56 5.05
C ALA C 264 5.93 -20.68 4.27
N CYS C 265 5.56 -19.42 4.09
CA CYS C 265 6.42 -18.45 3.42
C CYS C 265 7.74 -18.29 4.18
N LEU C 266 7.64 -18.15 5.49
CA LEU C 266 8.81 -18.00 6.34
C LEU C 266 9.62 -19.29 6.42
N ASP C 267 8.92 -20.43 6.41
CA ASP C 267 9.58 -21.73 6.40
C ASP C 267 10.51 -21.88 5.19
N VAL C 268 10.14 -21.27 4.07
CA VAL C 268 10.94 -21.33 2.86
C VAL C 268 12.05 -20.28 2.83
N VAL C 269 11.68 -19.04 3.10
CA VAL C 269 12.58 -17.90 2.91
C VAL C 269 13.76 -17.88 3.90
N VAL C 270 13.48 -18.12 5.18
CA VAL C 270 14.51 -18.02 6.21
C VAL C 270 15.69 -18.99 5.97
N PRO C 271 15.42 -20.28 5.72
CA PRO C 271 16.58 -21.13 5.42
C PRO C 271 17.28 -20.79 4.10
N TYR C 272 16.53 -20.29 3.13
CA TYR C 272 17.10 -20.00 1.81
C TYR C 272 18.11 -18.87 1.84
N VAL C 273 17.81 -17.81 2.59
CA VAL C 273 18.72 -16.67 2.69
C VAL C 273 20.04 -17.07 3.36
N HIS C 274 19.98 -18.06 4.24
CA HIS C 274 21.19 -18.62 4.86
C HIS C 274 22.07 -19.32 3.83
N GLU C 275 21.46 -20.16 3.00
CA GLU C 275 22.19 -20.89 1.98
C GLU C 275 22.83 -19.94 0.97
N ARG C 276 22.16 -18.82 0.69
CA ARG C 276 22.63 -17.86 -0.28
C ARG C 276 23.66 -16.92 0.35
N GLY C 284 25.76 -5.34 -0.44
CA GLY C 284 24.78 -4.62 0.36
C GLY C 284 23.40 -5.26 0.28
N GLU C 285 23.29 -6.36 -0.44
CA GLU C 285 22.02 -7.04 -0.68
C GLU C 285 21.51 -7.74 0.57
N PHE C 286 22.44 -8.17 1.42
CA PHE C 286 22.12 -8.90 2.63
C PHE C 286 21.28 -8.06 3.60
N GLN C 287 21.60 -6.78 3.67
CA GLN C 287 20.94 -5.88 4.59
C GLN C 287 19.48 -5.64 4.21
N LEU C 288 19.23 -5.57 2.91
CA LEU C 288 17.87 -5.41 2.38
C LEU C 288 17.02 -6.66 2.64
N MET C 289 17.67 -7.83 2.57
CA MET C 289 17.00 -9.10 2.82
C MET C 289 16.53 -9.20 4.27
N GLN C 290 17.36 -8.71 5.19
CA GLN C 290 17.02 -8.73 6.61
C GLN C 290 15.81 -7.84 6.91
N CYS C 291 15.73 -6.70 6.24
CA CYS C 291 14.59 -5.81 6.40
C CYS C 291 13.32 -6.45 5.86
N LYS C 292 13.44 -7.15 4.74
CA LYS C 292 12.33 -7.87 4.16
C LYS C 292 11.87 -8.99 5.08
N LEU C 293 12.84 -9.68 5.70
CA LEU C 293 12.56 -10.73 6.66
C LEU C 293 11.77 -10.20 7.85
N ALA C 294 12.20 -9.04 8.34
CA ALA C 294 11.55 -8.40 9.48
C ALA C 294 10.09 -8.09 9.20
N ASP C 295 9.80 -7.56 8.02
CA ASP C 295 8.44 -7.22 7.63
C ASP C 295 7.56 -8.47 7.58
N MET C 296 8.13 -9.56 7.05
CA MET C 296 7.41 -10.83 6.98
C MET C 296 7.10 -11.34 8.39
N TYR C 297 8.09 -11.27 9.26
CA TYR C 297 7.95 -11.72 10.64
C TYR C 297 6.86 -10.93 11.38
N VAL C 298 6.90 -9.61 11.24
CA VAL C 298 5.95 -8.73 11.93
C VAL C 298 4.53 -8.93 11.41
N THR C 299 4.38 -8.96 10.09
CA THR C 299 3.08 -9.17 9.46
C THR C 299 2.46 -10.49 9.91
N PHE C 300 3.28 -11.52 9.95
CA PHE C 300 2.86 -12.87 10.35
C PHE C 300 2.31 -12.92 11.77
N ASN C 301 3.07 -12.40 12.72
CA ASN C 301 2.69 -12.47 14.13
C ASN C 301 1.61 -11.47 14.50
N ALA C 302 1.55 -10.35 13.79
CA ALA C 302 0.46 -9.39 13.97
C ALA C 302 -0.85 -10.01 13.51
N SER C 303 -0.80 -10.73 12.40
CA SER C 303 -1.97 -11.44 11.88
C SER C 303 -2.41 -12.51 12.87
N ARG C 304 -1.46 -13.29 13.39
CA ARG C 304 -1.74 -14.31 14.38
C ARG C 304 -2.39 -13.71 15.63
N ALA C 305 -1.81 -12.62 16.12
CA ALA C 305 -2.31 -11.94 17.31
C ALA C 305 -3.78 -11.55 17.14
N TYR C 306 -4.08 -10.97 15.98
CA TYR C 306 -5.45 -10.52 15.69
C TYR C 306 -6.41 -11.69 15.55
N VAL C 307 -6.04 -12.68 14.74
CA VAL C 307 -6.89 -13.86 14.52
C VAL C 307 -7.11 -14.66 15.80
N TYR C 308 -6.03 -14.91 16.54
CA TYR C 308 -6.12 -15.66 17.80
C TYR C 308 -7.03 -14.96 18.79
N ALA C 309 -6.95 -13.63 18.84
CA ALA C 309 -7.76 -12.84 19.74
C ALA C 309 -9.25 -12.97 19.42
N VAL C 310 -9.59 -12.93 18.15
CA VAL C 310 -10.98 -13.07 17.71
C VAL C 310 -11.47 -14.48 18.01
N ALA C 311 -10.62 -15.47 17.78
CA ALA C 311 -10.93 -16.86 18.07
C ALA C 311 -11.20 -17.06 19.56
N ALA C 312 -10.36 -16.44 20.40
CA ALA C 312 -10.52 -16.53 21.84
C ALA C 312 -11.82 -15.89 22.28
N ALA C 313 -12.20 -14.80 21.61
CA ALA C 313 -13.46 -14.13 21.86
C ALA C 313 -14.65 -15.03 21.55
N CYS C 314 -14.53 -15.81 20.47
CA CYS C 314 -15.56 -16.78 20.11
C CYS C 314 -15.73 -17.82 21.21
N ASP C 315 -14.60 -18.29 21.74
CA ASP C 315 -14.62 -19.27 22.82
C ASP C 315 -15.23 -18.68 24.09
N ARG C 316 -15.13 -17.37 24.25
CA ARG C 316 -15.76 -16.70 25.40
C ARG C 316 -17.25 -16.53 25.18
N GLY C 317 -17.71 -16.75 23.95
CA GLY C 317 -19.11 -16.62 23.62
C GLY C 317 -19.47 -15.19 23.26
N GLU C 318 -18.44 -14.39 23.00
CA GLU C 318 -18.60 -12.98 22.65
C GLU C 318 -18.75 -12.79 21.14
N THR C 319 -19.98 -12.48 20.71
CA THR C 319 -20.25 -12.27 19.29
C THR C 319 -19.37 -11.18 18.70
N THR C 320 -18.77 -11.48 17.55
CA THR C 320 -17.83 -10.56 16.92
C THR C 320 -17.98 -10.55 15.40
N ARG C 321 -19.11 -10.05 14.91
CA ARG C 321 -19.42 -10.14 13.48
C ARG C 321 -18.41 -9.39 12.63
N LYS C 322 -18.12 -8.15 13.02
CA LYS C 322 -17.18 -7.31 12.28
C LYS C 322 -15.73 -7.76 12.49
N ASP C 323 -15.43 -8.27 13.69
CA ASP C 323 -14.08 -8.71 13.99
C ASP C 323 -13.75 -10.05 13.33
N ALA C 324 -14.76 -10.91 13.19
CA ALA C 324 -14.59 -12.16 12.46
C ALA C 324 -14.24 -11.86 11.01
N ALA C 325 -15.05 -11.02 10.39
CA ALA C 325 -14.80 -10.57 9.03
C ALA C 325 -13.49 -9.81 8.95
N GLY C 326 -13.18 -9.06 10.01
CA GLY C 326 -11.99 -8.25 10.06
C GLY C 326 -10.69 -9.03 10.03
N CYS C 327 -10.61 -10.10 10.82
CA CYS C 327 -9.36 -10.85 10.96
C CYS C 327 -9.09 -11.75 9.75
N ILE C 328 -10.15 -12.27 9.12
CA ILE C 328 -9.97 -13.05 7.91
C ILE C 328 -9.59 -12.12 6.75
N LEU C 329 -10.22 -10.96 6.68
CA LEU C 329 -9.90 -9.94 5.68
C LEU C 329 -8.43 -9.54 5.77
N TYR C 330 -7.99 -9.23 6.99
CA TYR C 330 -6.64 -8.79 7.25
C TYR C 330 -5.59 -9.85 6.90
N SER C 331 -5.76 -11.05 7.45
CA SER C 331 -4.80 -12.14 7.26
C SER C 331 -4.75 -12.64 5.82
N ALA C 332 -5.90 -12.70 5.15
CA ALA C 332 -5.95 -13.16 3.77
C ALA C 332 -5.15 -12.26 2.83
N GLU C 333 -5.33 -10.96 2.97
CA GLU C 333 -4.62 -10.00 2.12
C GLU C 333 -3.13 -10.03 2.42
N ASN C 334 -2.78 -10.18 3.69
CA ASN C 334 -1.39 -10.28 4.11
C ASN C 334 -0.68 -11.50 3.54
N ALA C 335 -1.39 -12.62 3.51
CA ALA C 335 -0.83 -13.88 3.02
C ALA C 335 -0.45 -13.83 1.54
N THR C 336 -1.33 -13.25 0.73
CA THR C 336 -1.10 -13.14 -0.71
C THR C 336 0.12 -12.28 -1.02
N GLN C 337 0.20 -11.12 -0.36
CA GLN C 337 1.31 -10.20 -0.58
C GLN C 337 2.63 -10.81 -0.09
N MET C 338 2.56 -11.58 0.99
CA MET C 338 3.76 -12.23 1.54
C MET C 338 4.25 -13.33 0.60
N ALA C 339 3.30 -14.00 -0.06
CA ALA C 339 3.63 -15.04 -1.02
C ALA C 339 4.40 -14.47 -2.20
N LEU C 340 4.00 -13.28 -2.66
CA LEU C 340 4.71 -12.58 -3.72
C LEU C 340 6.15 -12.26 -3.31
N GLN C 341 6.30 -11.88 -2.04
CA GLN C 341 7.62 -11.54 -1.51
C GLN C 341 8.49 -12.77 -1.34
N ALA C 342 7.86 -13.89 -1.00
CA ALA C 342 8.58 -15.17 -0.86
C ALA C 342 9.15 -15.62 -2.20
N ILE C 343 8.36 -15.50 -3.25
CA ILE C 343 8.81 -15.81 -4.61
C ILE C 343 9.99 -14.93 -4.99
N GLN C 344 9.86 -13.64 -4.70
CA GLN C 344 10.89 -12.65 -4.99
C GLN C 344 12.22 -12.99 -4.30
N SER C 345 12.14 -13.44 -3.05
CA SER C 345 13.33 -13.69 -2.25
C SER C 345 14.16 -14.84 -2.79
N LEU C 346 13.49 -15.83 -3.38
CA LEU C 346 14.16 -17.00 -3.94
C LEU C 346 14.65 -16.73 -5.36
N GLY C 347 14.23 -15.60 -5.93
CA GLY C 347 14.63 -15.24 -7.27
C GLY C 347 14.17 -16.23 -8.32
N GLY C 348 15.08 -16.61 -9.21
CA GLY C 348 14.78 -17.58 -10.25
C GLY C 348 14.15 -18.86 -9.74
N ASN C 349 14.71 -19.40 -8.67
CA ASN C 349 14.18 -20.62 -8.05
C ASN C 349 12.73 -20.47 -7.57
N GLY C 350 12.37 -19.27 -7.14
CA GLY C 350 11.02 -19.02 -6.66
C GLY C 350 9.99 -19.12 -7.77
N TYR C 351 10.46 -19.04 -9.01
CA TYR C 351 9.60 -19.06 -10.18
C TYR C 351 9.57 -20.44 -10.82
N ILE C 352 10.24 -21.39 -10.17
CA ILE C 352 10.30 -22.76 -10.65
C ILE C 352 9.28 -23.64 -9.92
N ASN C 353 8.59 -24.49 -10.67
CA ASN C 353 7.54 -25.35 -10.09
C ASN C 353 8.09 -26.37 -9.09
N ASP C 354 9.40 -26.60 -9.11
CA ASP C 354 10.02 -27.46 -8.12
C ASP C 354 9.87 -26.84 -6.73
N TYR C 355 10.14 -25.54 -6.62
CA TYR C 355 10.01 -24.84 -5.36
C TYR C 355 8.55 -24.53 -5.05
N PRO C 356 8.19 -24.44 -3.76
CA PRO C 356 6.79 -24.28 -3.37
C PRO C 356 6.24 -22.84 -3.35
N THR C 357 7.08 -21.86 -3.66
CA THR C 357 6.65 -20.46 -3.57
C THR C 357 5.57 -20.09 -4.58
N GLY C 358 5.64 -20.66 -5.78
CA GLY C 358 4.61 -20.45 -6.78
C GLY C 358 3.25 -20.91 -6.31
N ARG C 359 3.21 -22.05 -5.65
CA ARG C 359 1.96 -22.63 -5.14
C ARG C 359 1.34 -21.78 -4.03
N LEU C 360 2.19 -21.24 -3.16
CA LEU C 360 1.72 -20.44 -2.02
C LEU C 360 0.94 -19.23 -2.49
N LEU C 361 1.42 -18.59 -3.55
CA LEU C 361 0.72 -17.45 -4.14
C LEU C 361 -0.62 -17.84 -4.71
N ARG C 362 -0.63 -18.92 -5.48
CA ARG C 362 -1.83 -19.43 -6.11
C ARG C 362 -2.87 -19.84 -5.06
N ASP C 363 -2.40 -20.48 -3.99
CA ASP C 363 -3.27 -20.89 -2.89
C ASP C 363 -3.85 -19.72 -2.10
N ALA C 364 -3.00 -18.76 -1.75
CA ALA C 364 -3.38 -17.63 -0.92
C ALA C 364 -4.53 -16.80 -1.50
N LYS C 365 -4.53 -16.65 -2.82
CA LYS C 365 -5.51 -15.81 -3.52
C LYS C 365 -6.97 -16.22 -3.28
N LEU C 366 -7.21 -17.51 -3.06
CA LEU C 366 -8.57 -18.00 -2.90
C LEU C 366 -9.24 -17.43 -1.65
N TYR C 367 -8.46 -17.26 -0.58
CA TYR C 367 -9.01 -16.75 0.67
C TYR C 367 -9.46 -15.31 0.51
N GLU C 368 -8.88 -14.57 -0.43
CA GLU C 368 -9.32 -13.21 -0.68
C GLU C 368 -10.64 -13.25 -1.44
N ILE C 369 -10.79 -14.28 -2.27
CA ILE C 369 -12.03 -14.51 -3.00
C ILE C 369 -13.09 -15.20 -2.15
N GLY C 370 -12.67 -16.29 -1.49
CA GLY C 370 -13.58 -17.17 -0.77
C GLY C 370 -14.21 -16.64 0.51
N ALA C 371 -15.27 -17.31 0.95
CA ALA C 371 -16.00 -16.97 2.17
C ALA C 371 -16.44 -15.51 2.16
N GLY C 372 -16.77 -15.02 0.96
CA GLY C 372 -17.11 -13.62 0.78
C GLY C 372 -15.84 -12.86 0.44
N THR C 373 -15.92 -12.05 -0.62
CA THR C 373 -14.75 -11.30 -1.08
C THR C 373 -14.33 -10.23 -0.08
N SER C 374 -13.19 -9.61 -0.32
CA SER C 374 -12.68 -8.55 0.54
C SER C 374 -13.62 -7.34 0.54
N GLU C 375 -14.28 -7.13 -0.59
CA GLU C 375 -15.24 -6.03 -0.74
C GLU C 375 -16.40 -6.21 0.21
N ILE C 376 -16.99 -7.40 0.21
CA ILE C 376 -18.15 -7.69 1.05
C ILE C 376 -17.76 -7.65 2.52
N ARG C 377 -16.53 -8.08 2.81
CA ARG C 377 -16.02 -8.04 4.17
C ARG C 377 -15.84 -6.63 4.71
N ARG C 378 -15.30 -5.73 3.89
CA ARG C 378 -15.11 -4.35 4.34
C ARG C 378 -16.43 -3.61 4.53
N MET C 379 -17.40 -3.93 3.69
CA MET C 379 -18.68 -3.26 3.77
C MET C 379 -19.52 -3.79 4.92
N LEU C 380 -19.31 -5.07 5.25
CA LEU C 380 -19.99 -5.68 6.38
C LEU C 380 -19.52 -5.04 7.67
N ILE C 381 -18.21 -4.83 7.77
CA ILE C 381 -17.61 -4.20 8.95
C ILE C 381 -18.06 -2.75 9.09
N GLY C 382 -17.94 -2.00 8.00
CA GLY C 382 -18.33 -0.60 7.99
C GLY C 382 -19.79 -0.37 8.29
N ARG C 383 -20.65 -1.17 7.67
CA ARG C 383 -22.09 -1.08 7.91
C ARG C 383 -22.42 -1.40 9.36
N GLU C 384 -21.79 -2.43 9.90
CA GLU C 384 -22.04 -2.84 11.28
C GLU C 384 -21.55 -1.78 12.26
N LEU C 385 -20.39 -1.21 11.98
CA LEU C 385 -19.81 -0.16 12.81
C LEU C 385 -20.68 1.10 12.80
N PHE C 386 -21.22 1.43 11.64
CA PHE C 386 -22.05 2.62 11.49
C PHE C 386 -23.35 2.53 12.31
N GLN C 387 -24.02 1.39 12.27
CA GLN C 387 -25.31 1.25 12.96
C GLN C 387 -25.15 1.15 14.48
N GLU C 388 -24.00 0.66 14.94
CA GLU C 388 -23.76 0.59 16.37
C GLU C 388 -23.54 1.98 16.96
N THR C 389 -23.02 2.88 16.15
CA THR C 389 -22.70 4.22 16.60
C THR C 389 -23.77 5.22 16.18
N ARG C 390 -24.94 4.70 15.82
CA ARG C 390 -26.07 5.53 15.42
C ARG C 390 -26.63 6.32 16.59
N HIS D 5 21.03 19.45 -9.09
CA HIS D 5 19.87 18.57 -9.06
C HIS D 5 19.81 17.73 -10.34
N HIS D 6 19.83 16.41 -10.19
CA HIS D 6 19.78 15.51 -11.34
C HIS D 6 18.72 14.43 -11.19
N HIS D 7 17.60 14.76 -10.55
CA HIS D 7 16.52 13.81 -10.36
C HIS D 7 15.34 14.12 -11.26
N HIS D 8 15.57 14.96 -12.28
CA HIS D 8 14.56 15.24 -13.28
C HIS D 8 14.88 14.53 -14.60
N MET D 9 13.99 13.62 -15.00
CA MET D 9 14.08 13.02 -16.32
C MET D 9 13.69 14.05 -17.38
N ASN D 10 14.37 14.00 -18.53
CA ASN D 10 14.04 14.91 -19.63
C ASN D 10 13.01 14.30 -20.56
N PHE D 11 11.95 15.05 -20.84
CA PHE D 11 10.85 14.55 -21.65
C PHE D 11 10.88 15.09 -23.08
N GLY D 12 11.95 15.79 -23.42
CA GLY D 12 12.13 16.33 -24.76
C GLY D 12 10.97 17.19 -25.22
N LEU D 13 10.59 18.15 -24.39
CA LEU D 13 9.39 18.94 -24.62
C LEU D 13 9.65 20.15 -25.53
N GLY D 14 10.89 20.32 -25.95
CA GLY D 14 11.24 21.41 -26.85
C GLY D 14 11.90 22.57 -26.13
N GLU D 15 12.65 23.37 -26.88
CA GLU D 15 13.47 24.45 -26.33
C GLU D 15 12.66 25.49 -25.58
N GLU D 16 11.46 25.79 -26.06
CA GLU D 16 10.63 26.85 -25.48
C GLU D 16 10.10 26.51 -24.09
N ILE D 17 9.61 25.29 -23.91
CA ILE D 17 9.12 24.86 -22.61
C ILE D 17 10.29 24.68 -21.63
N GLU D 18 11.41 24.16 -22.12
CA GLU D 18 12.60 23.99 -21.28
C GLU D 18 13.16 25.34 -20.84
N ALA D 19 13.00 26.34 -21.70
CA ALA D 19 13.43 27.70 -21.36
C ALA D 19 12.50 28.29 -20.32
N LEU D 20 11.21 28.00 -20.47
CA LEU D 20 10.20 28.44 -19.50
C LEU D 20 10.48 27.82 -18.14
N ARG D 21 10.72 26.51 -18.11
CA ARG D 21 11.01 25.81 -16.88
C ARG D 21 12.22 26.41 -16.17
N ASP D 22 13.29 26.63 -16.93
CA ASP D 22 14.53 27.16 -16.38
C ASP D 22 14.35 28.59 -15.86
N THR D 23 13.58 29.39 -16.61
CA THR D 23 13.30 30.77 -16.20
C THR D 23 12.53 30.83 -14.90
N VAL D 24 11.48 30.02 -14.78
CA VAL D 24 10.66 29.99 -13.58
C VAL D 24 11.45 29.45 -12.39
N ARG D 25 12.26 28.42 -12.64
CA ARG D 25 13.10 27.84 -11.60
C ARG D 25 14.06 28.86 -10.97
N ARG D 26 14.72 29.65 -11.82
CA ARG D 26 15.68 30.63 -11.32
C ARG D 26 14.98 31.71 -10.52
N PHE D 27 13.79 32.10 -10.97
CA PHE D 27 12.98 33.07 -10.26
C PHE D 27 12.51 32.53 -8.91
N ALA D 28 11.99 31.32 -8.92
CA ALA D 28 11.47 30.68 -7.71
C ALA D 28 12.56 30.53 -6.65
N GLU D 29 13.75 30.14 -7.10
CA GLU D 29 14.88 29.91 -6.20
C GLU D 29 15.33 31.20 -5.51
N SER D 30 15.30 32.31 -6.26
CA SER D 30 15.79 33.58 -5.74
C SER D 30 14.70 34.41 -5.07
N ARG D 31 13.47 34.33 -5.56
CA ARG D 31 12.41 35.21 -5.10
C ARG D 31 11.30 34.52 -4.29
N ILE D 32 11.21 33.19 -4.39
CA ILE D 32 10.14 32.48 -3.69
C ILE D 32 10.65 31.63 -2.52
N ALA D 33 11.61 30.76 -2.80
CA ALA D 33 12.16 29.84 -1.79
C ALA D 33 12.59 30.49 -0.46
N PRO D 34 13.29 31.64 -0.52
CA PRO D 34 13.68 32.25 0.77
C PRO D 34 12.52 32.68 1.66
N LEU D 35 11.35 32.92 1.08
CA LEU D 35 10.17 33.40 1.82
CA LEU D 35 10.22 33.37 1.90
C LEU D 35 9.17 32.28 2.07
N ALA D 36 9.50 31.07 1.65
CA ALA D 36 8.59 29.93 1.77
C ALA D 36 8.24 29.61 3.22
N ALA D 37 9.27 29.53 4.08
CA ALA D 37 9.06 29.19 5.49
C ALA D 37 8.28 30.26 6.23
N GLU D 38 8.62 31.52 5.98
CA GLU D 38 7.97 32.63 6.66
C GLU D 38 6.51 32.75 6.21
N THR D 39 6.25 32.41 4.96
CA THR D 39 4.90 32.44 4.40
C THR D 39 4.00 31.44 5.13
N ASP D 40 4.53 30.25 5.39
CA ASP D 40 3.78 29.22 6.09
C ASP D 40 3.51 29.59 7.55
N ARG D 41 4.53 30.14 8.21
CA ARG D 41 4.41 30.50 9.62
C ARG D 41 3.47 31.69 9.84
N ASN D 42 3.61 32.73 9.02
CA ASN D 42 2.81 33.94 9.17
C ASN D 42 1.43 33.85 8.54
N ASN D 43 1.21 32.80 7.74
CA ASN D 43 -0.06 32.60 7.03
C ASN D 43 -0.43 33.79 6.15
N GLN D 44 0.56 34.37 5.46
CA GLN D 44 0.31 35.52 4.61
C GLN D 44 1.03 35.42 3.26
N PHE D 45 0.30 35.68 2.19
CA PHE D 45 0.90 35.76 0.86
C PHE D 45 1.69 37.05 0.72
N PRO D 46 2.94 36.95 0.24
CA PRO D 46 3.72 38.16 -0.04
C PRO D 46 3.21 38.82 -1.32
N MET D 47 2.44 39.90 -1.16
CA MET D 47 1.70 40.49 -2.27
C MET D 47 2.57 41.07 -3.38
N HIS D 48 3.83 41.39 -3.06
CA HIS D 48 4.74 41.96 -4.03
C HIS D 48 5.07 40.98 -5.17
N LEU D 49 4.79 39.70 -4.94
CA LEU D 49 5.09 38.67 -5.94
C LEU D 49 4.20 38.75 -7.19
N TRP D 50 3.00 39.31 -7.04
CA TRP D 50 2.05 39.36 -8.15
C TRP D 50 2.60 40.17 -9.33
N ARG D 51 3.17 41.32 -9.04
CA ARG D 51 3.75 42.16 -10.08
C ARG D 51 5.02 41.54 -10.67
N GLU D 52 5.77 40.82 -9.83
CA GLU D 52 6.98 40.15 -10.28
C GLU D 52 6.65 38.95 -11.17
N PHE D 53 5.59 38.23 -10.82
CA PHE D 53 5.08 37.16 -11.67
C PHE D 53 4.69 37.71 -13.04
N GLY D 54 4.02 38.85 -13.03
CA GLY D 54 3.60 39.50 -14.26
C GLY D 54 4.76 39.87 -15.17
N GLU D 55 5.78 40.49 -14.60
CA GLU D 55 6.95 40.89 -15.36
C GLU D 55 7.77 39.69 -15.81
N LEU D 56 7.63 38.58 -15.09
CA LEU D 56 8.28 37.34 -15.47
C LEU D 56 7.55 36.75 -16.68
N GLY D 57 6.29 37.12 -16.83
CA GLY D 57 5.48 36.70 -17.95
C GLY D 57 4.80 35.35 -17.80
N VAL D 58 4.43 35.00 -16.57
CA VAL D 58 3.85 33.69 -16.28
C VAL D 58 2.39 33.72 -15.81
N LEU D 59 1.80 34.90 -15.68
CA LEU D 59 0.43 35.00 -15.18
C LEU D 59 -0.60 34.77 -16.27
N GLY D 60 -0.15 34.75 -17.52
CA GLY D 60 -1.05 34.52 -18.65
C GLY D 60 -0.49 33.50 -19.63
N ILE D 61 0.02 32.39 -19.11
CA ILE D 61 0.67 31.37 -19.93
C ILE D 61 -0.21 30.88 -21.09
N THR D 62 -1.47 30.58 -20.79
CA THR D 62 -2.39 30.10 -21.81
C THR D 62 -3.31 31.21 -22.34
N ALA D 63 -2.97 32.45 -22.01
CA ALA D 63 -3.75 33.60 -22.48
C ALA D 63 -3.17 34.15 -23.78
N PRO D 64 -4.04 34.74 -24.63
CA PRO D 64 -3.58 35.30 -25.92
C PRO D 64 -2.55 36.41 -25.74
N GLU D 65 -1.64 36.54 -26.69
CA GLU D 65 -0.61 37.56 -26.63
C GLU D 65 -1.19 38.96 -26.83
N ASP D 66 -2.41 39.05 -27.38
CA ASP D 66 -3.04 40.35 -27.60
C ASP D 66 -3.40 41.03 -26.28
N TYR D 67 -3.46 40.26 -25.20
CA TYR D 67 -3.73 40.82 -23.89
C TYR D 67 -2.51 40.72 -22.97
N GLY D 68 -1.37 40.41 -23.55
CA GLY D 68 -0.13 40.31 -22.80
C GLY D 68 0.23 38.89 -22.39
N GLY D 69 -0.59 37.93 -22.79
CA GLY D 69 -0.33 36.54 -22.47
C GLY D 69 0.81 35.93 -23.28
N ALA D 70 1.19 34.71 -22.94
CA ALA D 70 2.29 34.03 -23.63
C ALA D 70 1.80 33.23 -24.83
N GLY D 71 0.50 32.96 -24.87
CA GLY D 71 -0.09 32.19 -25.96
C GLY D 71 0.42 30.77 -26.02
N MET D 72 0.75 30.21 -24.87
CA MET D 72 1.23 28.83 -24.79
C MET D 72 0.11 27.89 -24.34
N GLY D 73 0.46 26.64 -24.03
CA GLY D 73 -0.55 25.64 -23.73
C GLY D 73 -0.56 25.18 -22.29
N TYR D 74 -1.37 24.16 -22.02
CA TYR D 74 -1.57 23.65 -20.66
C TYR D 74 -0.37 22.84 -20.16
N LEU D 75 0.37 22.24 -21.09
CA LEU D 75 1.61 21.55 -20.72
C LEU D 75 2.61 22.53 -20.16
N ALA D 76 2.80 23.65 -20.86
CA ALA D 76 3.68 24.72 -20.42
C ALA D 76 3.25 25.28 -19.06
N HIS D 77 1.94 25.50 -18.90
CA HIS D 77 1.41 26.07 -17.67
C HIS D 77 1.58 25.11 -16.49
N CYS D 78 1.35 23.82 -16.73
CA CYS D 78 1.52 22.80 -15.70
C CYS D 78 2.93 22.82 -15.14
N ILE D 79 3.91 23.01 -16.02
CA ILE D 79 5.31 23.00 -15.63
C ILE D 79 5.69 24.29 -14.90
N ALA D 80 5.12 25.41 -15.31
CA ALA D 80 5.29 26.67 -14.59
C ALA D 80 4.74 26.53 -13.18
N MET D 81 3.55 25.92 -13.08
CA MET D 81 2.91 25.61 -11.81
C MET D 81 3.81 24.71 -10.97
N GLU D 82 4.41 23.71 -11.61
CA GLU D 82 5.31 22.77 -10.95
C GLU D 82 6.52 23.46 -10.30
N GLU D 83 7.23 24.27 -11.08
CA GLU D 83 8.45 24.91 -10.60
C GLU D 83 8.18 25.94 -9.51
N ILE D 84 7.03 26.61 -9.59
CA ILE D 84 6.64 27.56 -8.54
C ILE D 84 6.28 26.83 -7.25
N SER D 85 5.48 25.77 -7.39
CA SER D 85 5.06 24.97 -6.23
C SER D 85 6.25 24.28 -5.57
N ARG D 86 7.27 24.00 -6.37
CA ARG D 86 8.51 23.40 -5.89
C ARG D 86 9.18 24.25 -4.82
N ALA D 87 9.12 25.57 -4.98
CA ALA D 87 9.71 26.49 -4.02
C ALA D 87 8.75 26.77 -2.86
N SER D 88 7.46 26.88 -3.18
CA SER D 88 6.43 27.09 -2.17
C SER D 88 5.08 26.62 -2.70
N ALA D 89 4.51 25.61 -2.06
CA ALA D 89 3.24 25.04 -2.48
C ALA D 89 2.09 26.04 -2.30
N SER D 90 2.15 26.79 -1.21
CA SER D 90 1.15 27.81 -0.92
C SER D 90 1.08 28.84 -2.04
N ILE D 91 2.24 29.39 -2.40
CA ILE D 91 2.34 30.40 -3.45
C ILE D 91 1.96 29.79 -4.79
N GLY D 92 2.34 28.52 -4.99
CA GLY D 92 1.96 27.80 -6.19
C GLY D 92 0.45 27.71 -6.34
N LEU D 93 -0.23 27.43 -5.24
CA LEU D 93 -1.69 27.31 -5.25
C LEU D 93 -2.37 28.63 -5.59
N SER D 94 -1.89 29.72 -4.98
CA SER D 94 -2.41 31.05 -5.26
C SER D 94 -2.17 31.42 -6.71
N TYR D 95 -0.98 31.09 -7.20
CA TYR D 95 -0.62 31.35 -8.59
C TYR D 95 -1.52 30.59 -9.56
N GLY D 96 -1.82 29.34 -9.22
CA GLY D 96 -2.66 28.50 -10.06
C GLY D 96 -4.10 29.01 -10.16
N ALA D 97 -4.65 29.43 -9.02
CA ALA D 97 -6.01 29.94 -8.99
C ALA D 97 -6.14 31.21 -9.84
N HIS D 98 -5.08 32.02 -9.83
CA HIS D 98 -5.06 33.26 -10.59
C HIS D 98 -4.87 33.03 -12.08
N SER D 99 -3.72 32.47 -12.44
CA SER D 99 -3.32 32.35 -13.84
C SER D 99 -4.08 31.28 -14.62
N ASN D 100 -4.60 30.29 -13.90
CA ASN D 100 -5.28 29.17 -14.57
C ASN D 100 -6.79 29.17 -14.35
N LEU D 101 -7.22 29.15 -13.10
CA LEU D 101 -8.66 29.10 -12.79
C LEU D 101 -9.40 30.36 -13.25
N CYS D 102 -8.83 31.52 -12.97
CA CYS D 102 -9.49 32.79 -13.30
C CYS D 102 -9.21 33.25 -14.73
N VAL D 103 -7.93 33.50 -15.03
CA VAL D 103 -7.53 34.06 -16.33
C VAL D 103 -7.96 33.20 -17.51
N ASN D 104 -7.72 31.89 -17.44
CA ASN D 104 -8.07 30.99 -18.54
C ASN D 104 -9.59 30.85 -18.70
N GLN D 105 -10.33 31.05 -17.61
CA GLN D 105 -11.79 31.01 -17.68
C GLN D 105 -12.29 32.20 -18.49
N ILE D 106 -11.73 33.38 -18.22
CA ILE D 106 -12.08 34.60 -18.94
C ILE D 106 -11.58 34.50 -20.38
N THR D 107 -10.40 33.91 -20.55
CA THR D 107 -9.82 33.70 -21.87
C THR D 107 -10.71 32.85 -22.76
N ARG D 108 -11.20 31.74 -22.21
CA ARG D 108 -11.98 30.78 -22.99
C ARG D 108 -13.45 31.18 -23.17
N ASN D 109 -14.04 31.74 -22.13
CA ASN D 109 -15.49 31.95 -22.12
C ASN D 109 -15.89 33.41 -22.20
N GLY D 110 -14.92 34.31 -22.11
CA GLY D 110 -15.20 35.73 -22.14
C GLY D 110 -15.42 36.26 -23.54
N SER D 111 -16.30 37.26 -23.65
CA SER D 111 -16.49 37.97 -24.91
C SER D 111 -15.25 38.80 -25.21
N PRO D 112 -15.06 39.20 -26.48
CA PRO D 112 -13.91 40.05 -26.83
C PRO D 112 -13.81 41.29 -25.94
N GLU D 113 -14.95 41.86 -25.60
CA GLU D 113 -15.00 43.05 -24.74
C GLU D 113 -14.55 42.72 -23.32
N GLN D 114 -14.97 41.56 -22.82
CA GLN D 114 -14.62 41.12 -21.48
C GLN D 114 -13.13 40.81 -21.36
N ARG D 115 -12.56 40.24 -22.42
CA ARG D 115 -11.13 39.91 -22.43
C ARG D 115 -10.27 41.17 -22.43
N ALA D 116 -10.64 42.13 -23.28
CA ALA D 116 -9.92 43.38 -23.41
C ALA D 116 -9.97 44.20 -22.13
N LYS D 117 -11.03 44.04 -21.35
CA LYS D 117 -11.23 44.83 -20.15
C LYS D 117 -10.51 44.26 -18.91
N TYR D 118 -10.59 42.94 -18.74
CA TYR D 118 -10.15 42.34 -17.48
C TYR D 118 -8.79 41.64 -17.55
N LEU D 119 -8.47 41.03 -18.69
CA LEU D 119 -7.23 40.25 -18.81
C LEU D 119 -5.91 41.03 -18.66
N PRO D 120 -5.76 42.21 -19.32
CA PRO D 120 -4.47 42.90 -19.27
C PRO D 120 -3.92 43.14 -17.86
N LYS D 121 -4.76 43.59 -16.94
CA LYS D 121 -4.33 43.89 -15.59
C LYS D 121 -4.09 42.63 -14.77
N LEU D 122 -4.82 41.57 -15.09
CA LEU D 122 -4.64 40.28 -14.43
C LEU D 122 -3.31 39.65 -14.83
N ILE D 123 -2.99 39.76 -16.12
CA ILE D 123 -1.77 39.16 -16.67
C ILE D 123 -0.53 39.95 -16.24
N SER D 124 -0.69 41.26 -16.04
CA SER D 124 0.43 42.09 -15.59
C SER D 124 0.67 41.92 -14.09
N GLY D 125 -0.35 41.46 -13.38
CA GLY D 125 -0.25 41.29 -11.94
C GLY D 125 -0.73 42.44 -11.08
N GLU D 126 -1.24 43.51 -11.69
CA GLU D 126 -1.76 44.62 -10.90
C GLU D 126 -3.08 44.20 -10.27
N HIS D 127 -3.80 43.32 -10.95
CA HIS D 127 -5.01 42.74 -10.40
C HIS D 127 -4.80 41.28 -10.04
N VAL D 128 -5.41 40.87 -8.93
CA VAL D 128 -5.40 39.48 -8.50
C VAL D 128 -6.73 38.84 -8.84
N GLY D 129 -6.70 37.61 -9.35
CA GLY D 129 -7.91 36.93 -9.77
C GLY D 129 -8.25 35.72 -8.91
N ALA D 130 -9.53 35.35 -8.92
CA ALA D 130 -9.98 34.17 -8.19
C ALA D 130 -11.16 33.51 -8.90
N LEU D 131 -11.42 32.26 -8.55
CA LEU D 131 -12.54 31.51 -9.11
C LEU D 131 -13.37 30.84 -8.02
N ALA D 132 -14.69 30.97 -8.12
CA ALA D 132 -15.58 30.33 -7.17
C ALA D 132 -16.53 29.40 -7.90
N MET D 133 -16.12 28.15 -8.07
CA MET D 133 -16.93 27.17 -8.79
C MET D 133 -17.84 26.39 -7.86
N SER D 134 -17.25 25.78 -6.82
CA SER D 134 -17.99 24.96 -5.87
C SER D 134 -17.26 24.88 -4.53
N MET D 145 -26.19 24.31 -4.72
CA MET D 145 -25.61 25.62 -5.03
C MET D 145 -25.92 26.63 -3.92
N LYS D 146 -24.88 27.26 -3.41
CA LYS D 146 -25.01 28.20 -2.29
C LYS D 146 -25.23 29.64 -2.76
N LEU D 147 -25.09 29.87 -4.06
CA LEU D 147 -25.21 31.22 -4.61
C LEU D 147 -26.26 31.30 -5.71
N ALA D 148 -27.16 32.27 -5.59
CA ALA D 148 -28.26 32.44 -6.54
C ALA D 148 -28.21 33.81 -7.20
N ALA D 149 -28.51 33.86 -8.49
CA ALA D 149 -28.55 35.12 -9.23
C ALA D 149 -29.93 35.35 -9.83
N GLU D 150 -30.40 36.58 -9.76
CA GLU D 150 -31.74 36.92 -10.23
C GLU D 150 -31.73 38.12 -11.17
N LYS D 151 -32.27 37.92 -12.37
CA LYS D 151 -32.36 38.98 -13.36
C LYS D 151 -33.39 40.03 -12.95
N ARG D 152 -32.97 41.29 -12.97
CA ARG D 152 -33.86 42.41 -12.65
C ARG D 152 -33.68 43.50 -13.71
N GLY D 153 -34.24 43.26 -14.88
CA GLY D 153 -34.13 44.18 -16.00
C GLY D 153 -32.72 44.24 -16.56
N ASP D 154 -32.09 45.41 -16.42
CA ASP D 154 -30.75 45.62 -16.96
C ASP D 154 -29.65 44.93 -16.15
N ARG D 155 -29.93 44.64 -14.89
CA ARG D 155 -28.90 44.10 -14.00
C ARG D 155 -29.27 42.75 -13.37
N TYR D 156 -28.26 42.08 -12.82
CA TYR D 156 -28.45 40.86 -12.05
C TYR D 156 -28.26 41.13 -10.57
N VAL D 157 -29.04 40.45 -9.72
CA VAL D 157 -28.93 40.60 -8.28
C VAL D 157 -28.51 39.28 -7.61
N LEU D 158 -27.34 39.29 -7.00
CA LEU D 158 -26.78 38.07 -6.40
C LEU D 158 -26.90 38.02 -4.88
N ASN D 159 -27.34 36.87 -4.38
CA ASN D 159 -27.34 36.59 -2.94
C ASN D 159 -26.88 35.17 -2.66
N GLY D 160 -26.20 34.98 -1.53
CA GLY D 160 -25.63 33.71 -1.17
C GLY D 160 -24.17 33.81 -0.77
N ASN D 161 -23.49 32.67 -0.69
CA ASN D 161 -22.10 32.64 -0.26
C ASN D 161 -21.27 31.59 -1.00
N LYS D 162 -19.95 31.79 -1.00
CA LYS D 162 -19.03 30.81 -1.54
C LYS D 162 -17.87 30.59 -0.57
N MET D 163 -17.63 29.34 -0.21
CA MET D 163 -16.61 29.01 0.78
C MET D 163 -15.32 28.55 0.11
N TRP D 164 -14.22 28.67 0.85
CA TRP D 164 -12.94 28.09 0.44
C TRP D 164 -12.43 28.62 -0.91
N ILE D 165 -12.40 29.93 -1.07
CA ILE D 165 -11.95 30.54 -2.31
C ILE D 165 -10.52 31.04 -2.23
N THR D 166 -9.64 30.47 -3.05
CA THR D 166 -8.24 30.88 -3.11
C THR D 166 -8.14 32.30 -3.68
N ASN D 167 -7.28 33.11 -3.06
CA ASN D 167 -7.09 34.53 -3.40
C ASN D 167 -8.31 35.39 -3.09
N GLY D 168 -9.30 34.79 -2.43
CA GLY D 168 -10.51 35.48 -2.04
C GLY D 168 -10.36 36.88 -1.43
N PRO D 169 -9.54 37.00 -0.36
CA PRO D 169 -9.39 38.32 0.29
C PRO D 169 -8.74 39.38 -0.58
N ASP D 170 -7.94 38.97 -1.56
CA ASP D 170 -7.13 39.93 -2.32
C ASP D 170 -7.62 40.13 -3.76
N ALA D 171 -8.55 39.28 -4.19
CA ALA D 171 -8.98 39.26 -5.58
C ALA D 171 -9.69 40.54 -6.01
N ASP D 172 -9.21 41.15 -7.09
CA ASP D 172 -9.86 42.31 -7.68
C ASP D 172 -10.90 41.87 -8.69
N VAL D 173 -10.65 40.74 -9.35
CA VAL D 173 -11.57 40.18 -10.33
C VAL D 173 -11.86 38.73 -9.99
N LEU D 174 -13.14 38.37 -9.95
CA LEU D 174 -13.54 37.03 -9.57
C LEU D 174 -14.57 36.43 -10.53
N VAL D 175 -14.32 35.21 -10.98
CA VAL D 175 -15.31 34.48 -11.75
C VAL D 175 -16.15 33.62 -10.80
N VAL D 176 -17.46 33.86 -10.80
CA VAL D 176 -18.34 33.21 -9.83
C VAL D 176 -19.51 32.52 -10.51
N TYR D 177 -19.86 31.33 -10.02
CA TYR D 177 -21.00 30.60 -10.54
C TYR D 177 -22.20 30.70 -9.60
N ALA D 178 -23.37 30.95 -10.18
CA ALA D 178 -24.60 31.07 -9.40
C ALA D 178 -25.75 30.40 -10.12
N LYS D 179 -26.83 30.12 -9.39
CA LYS D 179 -27.99 29.48 -9.99
C LYS D 179 -28.96 30.54 -10.50
N THR D 180 -29.50 30.30 -11.70
CA THR D 180 -30.45 31.22 -12.31
C THR D 180 -31.87 30.66 -12.29
N GLY D 188 -29.92 26.58 -15.89
CA GLY D 188 -30.07 26.69 -14.44
C GLY D 188 -28.84 27.29 -13.77
N ILE D 189 -27.72 27.29 -14.49
CA ILE D 189 -26.47 27.81 -13.95
C ILE D 189 -25.87 28.88 -14.87
N SER D 190 -25.38 29.97 -14.27
CA SER D 190 -24.71 31.01 -15.03
C SER D 190 -23.42 31.46 -14.32
N ALA D 191 -22.49 32.01 -15.10
CA ALA D 191 -21.23 32.50 -14.54
C ALA D 191 -21.16 34.02 -14.66
N PHE D 192 -20.52 34.66 -13.68
CA PHE D 192 -20.43 36.11 -13.65
C PHE D 192 -19.02 36.61 -13.35
N ILE D 193 -18.70 37.79 -13.86
CA ILE D 193 -17.45 38.46 -13.52
C ILE D 193 -17.70 39.51 -12.45
N ILE D 194 -17.08 39.31 -11.29
CA ILE D 194 -17.28 40.20 -10.15
C ILE D 194 -16.06 41.08 -9.93
N GLU D 195 -16.30 42.36 -9.64
CA GLU D 195 -15.23 43.26 -9.25
C GLU D 195 -15.27 43.48 -7.74
N LYS D 196 -14.11 43.68 -7.15
CA LYS D 196 -13.97 43.87 -5.71
C LYS D 196 -14.81 45.06 -5.23
N GLY D 197 -14.94 46.07 -6.09
CA GLY D 197 -15.65 47.29 -5.75
C GLY D 197 -17.17 47.23 -5.88
N PHE D 198 -17.70 46.09 -6.29
CA PHE D 198 -19.15 45.93 -6.46
C PHE D 198 -19.88 46.00 -5.12
N LYS D 199 -20.93 46.80 -5.08
CA LYS D 199 -21.77 46.90 -3.89
C LYS D 199 -22.49 45.58 -3.62
N GLY D 200 -22.44 45.14 -2.37
CA GLY D 200 -23.05 43.88 -1.98
C GLY D 200 -22.06 42.73 -1.94
N PHE D 201 -20.87 42.97 -2.46
CA PHE D 201 -19.81 41.97 -2.43
C PHE D 201 -18.84 42.21 -1.28
N SER D 202 -18.62 41.18 -0.47
CA SER D 202 -17.71 41.27 0.65
C SER D 202 -17.02 39.94 0.91
N THR D 203 -15.92 39.97 1.65
CA THR D 203 -15.17 38.77 1.98
C THR D 203 -14.99 38.66 3.49
N ALA D 204 -15.13 37.44 4.01
CA ALA D 204 -14.97 37.20 5.44
C ALA D 204 -13.50 37.01 5.78
N GLN D 205 -13.22 36.84 7.07
CA GLN D 205 -11.85 36.63 7.54
C GLN D 205 -11.24 35.39 6.91
N LYS D 206 -9.98 35.50 6.50
CA LYS D 206 -9.30 34.40 5.82
C LYS D 206 -9.08 33.21 6.76
N LEU D 207 -9.00 32.02 6.18
CA LEU D 207 -8.89 30.80 6.96
C LEU D 207 -7.51 30.61 7.58
N ASP D 208 -7.49 29.92 8.71
CA ASP D 208 -6.25 29.53 9.36
C ASP D 208 -6.10 28.03 9.14
N LYS D 209 -5.40 27.65 8.07
CA LYS D 209 -5.37 26.25 7.65
C LYS D 209 -4.18 25.48 8.19
N LEU D 210 -4.32 24.15 8.20
CA LEU D 210 -3.24 23.24 8.58
C LEU D 210 -2.04 23.37 7.65
N GLY D 211 -2.32 23.46 6.36
CA GLY D 211 -1.28 23.61 5.36
C GLY D 211 -1.72 24.60 4.30
N MET D 212 -0.91 24.77 3.27
CA MET D 212 -1.12 25.81 2.26
C MET D 212 -1.31 27.16 2.92
N ARG D 213 -0.58 27.37 4.02
CA ARG D 213 -0.61 28.62 4.75
C ARG D 213 0.12 29.71 3.98
N GLY D 214 -0.51 30.88 3.88
CA GLY D 214 0.04 31.96 3.09
C GLY D 214 -0.60 31.96 1.71
N SER D 215 -1.47 30.99 1.48
CA SER D 215 -2.36 31.04 0.33
C SER D 215 -3.72 31.50 0.83
N ASN D 216 -4.00 32.80 0.65
CA ASN D 216 -5.16 33.41 1.29
C ASN D 216 -6.48 32.85 0.79
N THR D 217 -7.20 32.21 1.70
CA THR D 217 -8.46 31.53 1.39
C THR D 217 -9.56 32.08 2.29
N CYS D 218 -10.70 32.41 1.71
CA CYS D 218 -11.80 32.97 2.49
C CYS D 218 -13.17 32.76 1.86
N GLU D 219 -14.19 33.13 2.62
CA GLU D 219 -15.58 33.10 2.16
C GLU D 219 -15.95 34.35 1.36
N LEU D 220 -16.65 34.15 0.26
CA LEU D 220 -17.24 35.25 -0.49
C LEU D 220 -18.68 35.47 -0.03
N VAL D 221 -19.06 36.74 0.19
CA VAL D 221 -20.40 37.04 0.65
C VAL D 221 -21.14 38.00 -0.29
N PHE D 222 -22.31 37.56 -0.75
CA PHE D 222 -23.13 38.37 -1.66
C PHE D 222 -24.48 38.69 -1.03
N GLU D 223 -24.73 39.98 -0.78
CA GLU D 223 -26.00 40.42 -0.24
C GLU D 223 -26.62 41.50 -1.13
N ASP D 224 -27.57 41.09 -1.98
CA ASP D 224 -28.17 41.97 -2.98
C ASP D 224 -27.12 42.65 -3.83
N CYS D 225 -26.15 41.85 -4.29
CA CYS D 225 -25.05 42.36 -5.10
C CYS D 225 -25.49 42.63 -6.53
N GLU D 226 -25.36 43.89 -6.96
CA GLU D 226 -25.78 44.29 -8.29
C GLU D 226 -24.68 44.05 -9.32
N VAL D 227 -24.97 43.17 -10.28
CA VAL D 227 -24.02 42.86 -11.35
C VAL D 227 -24.60 43.22 -12.71
N PRO D 228 -23.86 44.03 -13.48
CA PRO D 228 -24.31 44.44 -14.83
C PRO D 228 -24.48 43.25 -15.77
N ALA D 229 -25.38 43.39 -16.74
CA ALA D 229 -25.63 42.33 -17.70
C ALA D 229 -24.42 42.09 -18.59
N GLU D 230 -23.59 43.12 -18.76
CA GLU D 230 -22.38 43.02 -19.55
C GLU D 230 -21.32 42.16 -18.86
N ASN D 231 -21.55 41.84 -17.59
CA ASN D 231 -20.61 41.04 -16.82
C ASN D 231 -21.03 39.58 -16.74
N LEU D 232 -22.12 39.23 -17.43
CA LEU D 232 -22.51 37.84 -17.56
C LEU D 232 -21.49 37.11 -18.43
N LEU D 233 -20.98 35.99 -17.91
CA LEU D 233 -20.00 35.21 -18.65
C LEU D 233 -20.74 34.16 -19.47
N GLY D 234 -20.40 34.04 -20.75
CA GLY D 234 -21.12 33.20 -21.69
C GLY D 234 -22.63 33.32 -21.63
N THR D 235 -23.32 32.27 -22.07
CA THR D 235 -24.78 32.29 -22.18
C THR D 235 -25.46 31.98 -20.85
N GLU D 236 -26.53 32.72 -20.54
CA GLU D 236 -27.31 32.51 -19.33
C GLU D 236 -28.02 31.15 -19.33
N GLY D 237 -27.87 30.40 -18.24
CA GLY D 237 -28.47 29.08 -18.12
C GLY D 237 -27.52 28.00 -18.60
N LYS D 238 -26.46 28.46 -19.24
CA LYS D 238 -25.41 27.59 -19.77
C LYS D 238 -24.11 27.78 -19.01
N GLY D 239 -24.21 27.76 -17.68
CA GLY D 239 -23.02 27.88 -16.85
C GLY D 239 -22.29 26.58 -16.58
N VAL D 240 -23.00 25.45 -16.58
CA VAL D 240 -22.38 24.15 -16.32
C VAL D 240 -21.41 23.74 -17.43
N ASN D 241 -21.77 24.05 -18.66
CA ASN D 241 -20.87 23.78 -19.76
C ASN D 241 -19.71 24.76 -19.71
N VAL D 242 -19.95 25.96 -19.19
CA VAL D 242 -18.86 26.89 -18.93
C VAL D 242 -17.97 26.33 -17.82
N LEU D 243 -18.59 25.77 -16.77
CA LEU D 243 -17.82 25.10 -15.71
C LEU D 243 -17.04 23.92 -16.28
N MET D 244 -17.75 23.03 -16.93
CA MET D 244 -17.18 21.85 -17.57
C MET D 244 -16.10 22.17 -18.60
N SER D 245 -16.26 23.26 -19.37
CA SER D 245 -15.30 23.65 -20.40
C SER D 245 -13.85 23.61 -19.92
N GLY D 246 -13.49 24.49 -19.00
CA GLY D 246 -12.13 24.66 -18.53
C GLY D 246 -11.69 23.66 -17.48
N LEU D 247 -12.67 23.19 -16.71
CA LEU D 247 -12.42 22.38 -15.52
C LEU D 247 -11.50 21.21 -15.78
N ASP D 248 -11.68 20.52 -16.89
CA ASP D 248 -10.80 19.41 -17.21
C ASP D 248 -9.38 19.89 -17.45
N TYR D 249 -9.24 20.88 -18.34
CA TYR D 249 -7.93 21.44 -18.66
C TYR D 249 -7.27 22.17 -17.49
N GLU D 250 -8.08 22.93 -16.73
CA GLU D 250 -7.56 23.67 -15.59
C GLU D 250 -7.10 22.74 -14.47
N ARG D 251 -7.88 21.70 -14.22
CA ARG D 251 -7.56 20.72 -13.19
C ARG D 251 -6.21 20.02 -13.45
N VAL D 252 -5.86 19.87 -14.73
CA VAL D 252 -4.60 19.23 -15.11
C VAL D 252 -3.43 20.14 -14.76
N VAL D 253 -3.61 21.44 -14.97
CA VAL D 253 -2.57 22.42 -14.64
C VAL D 253 -2.29 22.40 -13.14
N LEU D 254 -3.36 22.28 -12.35
CA LEU D 254 -3.23 22.26 -10.90
C LEU D 254 -2.55 21.00 -10.39
N ALA D 255 -2.48 19.97 -11.22
CA ALA D 255 -1.73 18.76 -10.89
C ALA D 255 -0.24 19.07 -10.76
N GLY D 256 0.17 20.20 -11.33
CA GLY D 256 1.53 20.69 -11.18
C GLY D 256 1.91 20.97 -9.74
N GLY D 257 0.90 21.21 -8.90
CA GLY D 257 1.10 21.41 -7.48
C GLY D 257 1.76 20.21 -6.82
N PRO D 258 1.07 19.05 -6.82
CA PRO D 258 1.64 17.79 -6.35
C PRO D 258 2.99 17.45 -6.99
N LEU D 259 3.14 17.74 -8.27
CA LEU D 259 4.41 17.51 -8.96
C LEU D 259 5.53 18.33 -8.33
N GLY D 260 5.23 19.60 -8.06
CA GLY D 260 6.18 20.51 -7.44
C GLY D 260 6.57 20.08 -6.04
N ILE D 261 5.59 19.62 -5.27
CA ILE D 261 5.84 19.15 -3.91
C ILE D 261 6.75 17.92 -3.92
N MET D 262 6.51 17.02 -4.87
CA MET D 262 7.36 15.84 -5.01
C MET D 262 8.78 16.24 -5.37
N ALA D 263 8.91 17.23 -6.25
CA ALA D 263 10.22 17.79 -6.59
C ALA D 263 10.91 18.34 -5.34
N ALA D 264 10.13 19.02 -4.51
CA ALA D 264 10.65 19.59 -3.26
C ALA D 264 11.10 18.50 -2.30
N CYS D 265 10.41 17.36 -2.31
CA CYS D 265 10.78 16.22 -1.47
C CYS D 265 12.17 15.72 -1.84
N LEU D 266 12.42 15.59 -3.14
CA LEU D 266 13.71 15.14 -3.64
C LEU D 266 14.80 16.20 -3.40
N ASP D 267 14.41 17.47 -3.49
CA ASP D 267 15.33 18.58 -3.19
C ASP D 267 15.90 18.46 -1.78
N VAL D 268 15.11 17.92 -0.86
CA VAL D 268 15.54 17.76 0.52
C VAL D 268 16.32 16.46 0.73
N VAL D 269 15.76 15.35 0.26
CA VAL D 269 16.30 14.02 0.56
C VAL D 269 17.66 13.74 -0.11
N VAL D 270 17.80 14.11 -1.38
CA VAL D 270 19.02 13.81 -2.13
C VAL D 270 20.28 14.43 -1.50
N PRO D 271 20.27 15.74 -1.16
CA PRO D 271 21.46 16.26 -0.50
C PRO D 271 21.67 15.65 0.88
N TYR D 272 20.59 15.26 1.54
CA TYR D 272 20.67 14.68 2.87
C TYR D 272 21.38 13.34 2.84
N VAL D 273 21.09 12.53 1.82
CA VAL D 273 21.73 11.23 1.68
C VAL D 273 23.23 11.39 1.45
N HIS D 274 23.61 12.46 0.77
CA HIS D 274 25.01 12.79 0.56
C HIS D 274 25.70 13.18 1.86
N GLU D 275 25.07 14.07 2.62
CA GLU D 275 25.62 14.52 3.89
C GLU D 275 25.76 13.37 4.88
N ARG D 276 24.83 12.43 4.82
CA ARG D 276 24.80 11.30 5.74
C ARG D 276 25.71 10.14 5.36
N LYS D 277 26.18 10.08 4.11
CA LYS D 277 27.05 8.98 3.73
C LYS D 277 28.43 9.13 4.35
N GLN D 278 28.67 8.35 5.40
CA GLN D 278 29.91 8.43 6.17
C GLN D 278 30.31 7.04 6.63
N PHE D 279 31.55 6.91 7.09
CA PHE D 279 32.04 5.64 7.61
C PHE D 279 31.33 5.27 8.91
N ASP D 280 30.91 6.29 9.66
CA ASP D 280 30.28 6.10 10.96
C ASP D 280 28.78 5.82 10.80
N GLN D 281 28.34 5.82 9.55
CA GLN D 281 26.95 5.51 9.23
C GLN D 281 26.69 4.02 9.44
N PRO D 282 25.55 3.68 10.08
CA PRO D 282 25.16 2.29 10.36
C PRO D 282 25.31 1.38 9.14
N ILE D 283 25.69 0.13 9.39
CA ILE D 283 26.11 -0.82 8.36
C ILE D 283 25.26 -0.82 7.09
N GLY D 284 23.94 -0.74 7.25
CA GLY D 284 23.05 -0.91 6.12
C GLY D 284 22.20 0.28 5.75
N GLU D 285 22.37 1.40 6.44
CA GLU D 285 21.47 2.53 6.22
C GLU D 285 21.68 3.16 4.85
N PHE D 286 22.89 3.11 4.31
CA PHE D 286 23.15 3.69 2.99
C PHE D 286 22.39 2.99 1.88
N GLN D 287 22.44 1.65 1.84
CA GLN D 287 21.76 0.92 0.78
C GLN D 287 20.24 1.08 0.89
N LEU D 288 19.72 1.13 2.11
CA LEU D 288 18.28 1.35 2.30
C LEU D 288 17.88 2.77 1.87
N MET D 289 18.77 3.73 2.09
CA MET D 289 18.52 5.11 1.66
C MET D 289 18.44 5.20 0.14
N GLN D 290 19.33 4.47 -0.53
CA GLN D 290 19.37 4.45 -1.98
C GLN D 290 18.11 3.85 -2.59
N CYS D 291 17.58 2.81 -1.95
CA CYS D 291 16.34 2.18 -2.39
C CYS D 291 15.16 3.12 -2.20
N LYS D 292 15.16 3.86 -1.10
CA LYS D 292 14.14 4.86 -0.85
C LYS D 292 14.22 5.97 -1.89
N LEU D 293 15.45 6.35 -2.23
CA LEU D 293 15.69 7.34 -3.27
C LEU D 293 15.13 6.88 -4.61
N ALA D 294 15.38 5.61 -4.94
CA ALA D 294 14.91 5.03 -6.19
C ALA D 294 13.40 5.09 -6.33
N ASP D 295 12.69 4.70 -5.27
CA ASP D 295 11.23 4.73 -5.28
C ASP D 295 10.70 6.16 -5.44
N MET D 296 11.31 7.10 -4.73
CA MET D 296 10.94 8.50 -4.85
C MET D 296 11.18 9.00 -6.26
N TYR D 297 12.34 8.67 -6.81
CA TYR D 297 12.71 9.08 -8.16
C TYR D 297 11.72 8.54 -9.19
N VAL D 298 11.41 7.25 -9.08
CA VAL D 298 10.50 6.60 -10.03
C VAL D 298 9.09 7.16 -9.93
N THR D 299 8.57 7.26 -8.72
CA THR D 299 7.23 7.80 -8.48
C THR D 299 7.10 9.22 -9.01
N PHE D 300 8.13 10.03 -8.77
CA PHE D 300 8.16 11.42 -9.22
C PHE D 300 8.05 11.53 -10.73
N ASN D 301 8.90 10.80 -11.44
CA ASN D 301 8.96 10.88 -12.89
C ASN D 301 7.83 10.14 -13.60
N ALA D 302 7.29 9.10 -12.96
CA ALA D 302 6.12 8.42 -13.50
C ALA D 302 4.90 9.34 -13.45
N SER D 303 4.77 10.07 -12.34
CA SER D 303 3.69 11.04 -12.18
C SER D 303 3.81 12.16 -13.21
N ARG D 304 5.03 12.67 -13.38
CA ARG D 304 5.30 13.71 -14.38
C ARG D 304 4.91 13.23 -15.77
N ALA D 305 5.33 12.02 -16.11
CA ALA D 305 5.02 11.42 -17.40
C ALA D 305 3.52 11.37 -17.66
N TYR D 306 2.77 10.93 -16.65
CA TYR D 306 1.32 10.80 -16.78
C TYR D 306 0.65 12.16 -16.93
N VAL D 307 0.98 13.09 -16.03
CA VAL D 307 0.40 14.43 -16.08
C VAL D 307 0.75 15.18 -17.35
N TYR D 308 2.03 15.14 -17.75
CA TYR D 308 2.48 15.82 -18.96
C TYR D 308 1.75 15.29 -20.19
N ALA D 309 1.57 13.98 -20.24
CA ALA D 309 0.90 13.33 -21.36
C ALA D 309 -0.55 13.79 -21.46
N VAL D 310 -1.22 13.87 -20.32
CA VAL D 310 -2.61 14.32 -20.27
C VAL D 310 -2.70 15.79 -20.65
N ALA D 311 -1.75 16.58 -20.15
CA ALA D 311 -1.67 18.00 -20.49
C ALA D 311 -1.46 18.19 -21.99
N ALA D 312 -0.57 17.39 -22.56
CA ALA D 312 -0.28 17.46 -23.99
C ALA D 312 -1.50 17.06 -24.81
N ALA D 313 -2.26 16.10 -24.30
CA ALA D 313 -3.50 15.67 -24.95
C ALA D 313 -4.52 16.81 -24.95
N CYS D 314 -4.55 17.56 -23.86
CA CYS D 314 -5.41 18.73 -23.76
C CYS D 314 -5.06 19.77 -24.82
N ASP D 315 -3.76 19.97 -25.02
CA ASP D 315 -3.27 20.92 -26.01
C ASP D 315 -3.63 20.49 -27.43
N ARG D 316 -3.77 19.18 -27.62
CA ARG D 316 -4.18 18.64 -28.92
C ARG D 316 -5.69 18.79 -29.13
N GLY D 317 -6.40 19.15 -28.06
CA GLY D 317 -7.84 19.33 -28.15
C GLY D 317 -8.62 18.05 -27.94
N GLU D 318 -7.95 17.04 -27.40
CA GLU D 318 -8.56 15.73 -27.18
C GLU D 318 -9.26 15.61 -25.83
N THR D 319 -10.40 14.94 -25.81
CA THR D 319 -11.14 14.69 -24.58
C THR D 319 -10.28 13.90 -23.60
N THR D 320 -10.23 14.35 -22.36
CA THR D 320 -9.35 13.73 -21.37
C THR D 320 -10.01 13.60 -20.01
N ARG D 321 -11.33 13.39 -19.99
CA ARG D 321 -12.09 13.46 -18.76
C ARG D 321 -11.63 12.45 -17.70
N LYS D 322 -11.46 11.19 -18.11
CA LYS D 322 -11.07 10.16 -17.15
C LYS D 322 -9.61 10.29 -16.72
N ASP D 323 -8.76 10.65 -17.69
CA ASP D 323 -7.32 10.78 -17.43
C ASP D 323 -6.95 12.09 -16.75
N ALA D 324 -7.71 13.16 -17.01
CA ALA D 324 -7.50 14.42 -16.31
C ALA D 324 -7.72 14.20 -14.83
N ALA D 325 -8.88 13.64 -14.48
CA ALA D 325 -9.19 13.30 -13.10
C ALA D 325 -8.19 12.28 -12.57
N GLY D 326 -7.77 11.38 -13.45
CA GLY D 326 -6.85 10.32 -13.09
C GLY D 326 -5.48 10.82 -12.67
N CYS D 327 -4.94 11.78 -13.41
CA CYS D 327 -3.59 12.26 -13.17
C CYS D 327 -3.52 13.16 -11.93
N ILE D 328 -4.61 13.86 -11.63
CA ILE D 328 -4.68 14.68 -10.43
C ILE D 328 -4.75 13.81 -9.19
N LEU D 329 -5.62 12.81 -9.25
CA LEU D 329 -5.79 11.84 -8.18
C LEU D 329 -4.49 11.11 -7.88
N TYR D 330 -3.88 10.59 -8.93
CA TYR D 330 -2.66 9.81 -8.84
C TYR D 330 -1.51 10.64 -8.25
N SER D 331 -1.27 11.82 -8.83
CA SER D 331 -0.17 12.68 -8.40
C SER D 331 -0.37 13.25 -7.00
N ALA D 332 -1.61 13.60 -6.65
CA ALA D 332 -1.90 14.15 -5.34
C ALA D 332 -1.57 13.15 -4.23
N GLU D 333 -1.98 11.90 -4.42
CA GLU D 333 -1.71 10.86 -3.43
C GLU D 333 -0.23 10.52 -3.36
N ASN D 334 0.43 10.53 -4.51
CA ASN D 334 1.87 10.27 -4.56
C ASN D 334 2.66 11.32 -3.80
N ALA D 335 2.22 12.58 -3.93
CA ALA D 335 2.89 13.70 -3.26
C ALA D 335 2.80 13.55 -1.74
N THR D 336 1.62 13.18 -1.26
CA THR D 336 1.40 13.01 0.17
C THR D 336 2.30 11.91 0.75
N GLN D 337 2.30 10.76 0.08
CA GLN D 337 3.10 9.63 0.52
C GLN D 337 4.60 9.91 0.38
N MET D 338 4.99 10.64 -0.65
CA MET D 338 6.41 10.97 -0.83
C MET D 338 6.89 11.94 0.24
N ALA D 339 6.02 12.86 0.65
CA ALA D 339 6.35 13.79 1.72
C ALA D 339 6.57 13.05 3.03
N LEU D 340 5.71 12.07 3.29
CA LEU D 340 5.85 11.22 4.48
C LEU D 340 7.15 10.43 4.44
N GLN D 341 7.52 9.95 3.24
CA GLN D 341 8.75 9.18 3.10
C GLN D 341 9.96 10.08 3.32
N ALA D 342 9.84 11.35 2.92
CA ALA D 342 10.90 12.31 3.14
C ALA D 342 11.11 12.55 4.64
N ILE D 343 10.02 12.72 5.38
CA ILE D 343 10.09 12.86 6.83
C ILE D 343 10.70 11.63 7.48
N GLN D 344 10.24 10.45 7.07
CA GLN D 344 10.76 9.19 7.58
C GLN D 344 12.26 9.07 7.33
N SER D 345 12.70 9.48 6.15
CA SER D 345 14.10 9.34 5.74
C SER D 345 15.05 10.23 6.54
N LEU D 346 14.58 11.41 6.94
CA LEU D 346 15.45 12.34 7.67
C LEU D 346 15.50 12.04 9.16
N GLY D 347 14.55 11.23 9.64
CA GLY D 347 14.52 10.82 11.03
C GLY D 347 14.53 11.96 12.03
N GLY D 348 15.34 11.80 13.07
CA GLY D 348 15.54 12.80 14.09
C GLY D 348 15.97 14.16 13.56
N ASN D 349 16.89 14.14 12.61
CA ASN D 349 17.45 15.35 12.02
C ASN D 349 16.41 16.28 11.38
N GLY D 350 15.35 15.69 10.84
CA GLY D 350 14.29 16.45 10.22
C GLY D 350 13.49 17.28 11.21
N ASP D 354 13.94 21.62 11.63
CA ASP D 354 14.78 22.49 10.81
C ASP D 354 14.38 22.42 9.34
N TYR D 355 14.17 21.20 8.86
CA TYR D 355 13.82 20.95 7.47
C TYR D 355 12.34 21.23 7.16
N PRO D 356 12.04 21.55 5.89
CA PRO D 356 10.69 21.95 5.44
C PRO D 356 9.77 20.76 5.16
N THR D 357 10.24 19.55 5.45
CA THR D 357 9.49 18.33 5.12
C THR D 357 8.12 18.26 5.82
N GLY D 358 8.04 18.78 7.04
CA GLY D 358 6.78 18.87 7.74
C GLY D 358 5.75 19.67 6.97
N ARG D 359 6.18 20.79 6.40
CA ARG D 359 5.30 21.66 5.63
C ARG D 359 4.81 20.98 4.36
N LEU D 360 5.70 20.22 3.72
CA LEU D 360 5.38 19.55 2.46
C LEU D 360 4.24 18.56 2.63
N LEU D 361 4.25 17.82 3.73
CA LEU D 361 3.18 16.86 4.03
C LEU D 361 1.86 17.57 4.25
N ARG D 362 1.89 18.62 5.07
CA ARG D 362 0.69 19.40 5.38
C ARG D 362 0.10 20.03 4.12
N ASP D 363 0.98 20.54 3.25
CA ASP D 363 0.56 21.14 1.99
C ASP D 363 -0.05 20.11 1.04
N ALA D 364 0.61 18.96 0.93
CA ALA D 364 0.20 17.90 0.01
C ALA D 364 -1.24 17.43 0.27
N LYS D 365 -1.62 17.39 1.54
CA LYS D 365 -2.93 16.89 1.93
C LYS D 365 -4.10 17.66 1.33
N LEU D 366 -3.91 18.96 1.09
CA LEU D 366 -5.01 19.77 0.56
C LEU D 366 -5.38 19.33 -0.85
N TYR D 367 -4.38 18.98 -1.65
CA TYR D 367 -4.65 18.53 -3.01
C TYR D 367 -5.36 17.18 -3.02
N GLU D 368 -5.09 16.37 -2.00
CA GLU D 368 -5.71 15.07 -1.90
C GLU D 368 -7.16 15.22 -1.42
N ILE D 369 -7.41 16.29 -0.66
CA ILE D 369 -8.78 16.61 -0.25
C ILE D 369 -9.56 17.20 -1.41
N ARG D 378 -12.73 9.00 -7.88
CA ARG D 378 -12.50 7.67 -8.41
C ARG D 378 -13.74 7.04 -9.02
N MET D 379 -14.89 7.38 -8.48
CA MET D 379 -16.13 6.83 -8.97
C MET D 379 -16.49 7.50 -10.28
N LEU D 380 -16.08 8.75 -10.44
CA LEU D 380 -16.33 9.48 -11.68
C LEU D 380 -15.59 8.82 -12.84
N ILE D 381 -14.33 8.43 -12.59
CA ILE D 381 -13.53 7.76 -13.60
C ILE D 381 -14.13 6.41 -13.96
N GLY D 382 -14.43 5.62 -12.93
CA GLY D 382 -15.01 4.31 -13.11
C GLY D 382 -16.39 4.33 -13.75
N ARG D 383 -17.23 5.25 -13.31
CA ARG D 383 -18.59 5.37 -13.86
C ARG D 383 -18.58 5.70 -15.35
N GLU D 384 -17.74 6.65 -15.72
CA GLU D 384 -17.65 7.06 -17.12
C GLU D 384 -17.04 5.95 -17.97
N LEU D 385 -16.03 5.27 -17.45
CA LEU D 385 -15.41 4.16 -18.16
C LEU D 385 -16.44 3.04 -18.37
N PHE D 386 -17.26 2.78 -17.36
CA PHE D 386 -18.27 1.74 -17.44
C PHE D 386 -19.33 2.10 -18.49
N GLN D 387 -19.76 3.35 -18.48
CA GLN D 387 -20.84 3.80 -19.35
C GLN D 387 -20.39 3.90 -20.81
N GLU D 388 -19.10 4.17 -21.02
CA GLU D 388 -18.54 4.24 -22.37
C GLU D 388 -18.43 2.85 -23.00
N THR D 389 -18.27 1.84 -22.16
CA THR D 389 -18.06 0.47 -22.63
C THR D 389 -19.32 -0.37 -22.57
N ARG D 390 -20.47 0.28 -22.46
CA ARG D 390 -21.75 -0.42 -22.42
C ARG D 390 -22.08 -1.05 -23.78
CA CA E . -1.91 -7.34 42.80
C1 PG5 F . 5.04 13.15 -28.75
O1 PG5 F . 6.08 12.21 -28.98
C2 PG5 F . 6.64 11.70 -27.84
C3 PG5 F . 5.63 10.84 -27.10
O2 PG5 F . 6.17 10.40 -25.90
C4 PG5 F . 5.21 9.81 -24.98
C5 PG5 F . 5.67 10.06 -23.57
O3 PG5 F . 4.65 10.67 -22.83
C6 PG5 F . 5.09 11.72 -21.93
C7 PG5 F . 4.25 12.99 -22.18
O4 PG5 F . 5.02 13.97 -22.79
C8 PG5 F . 4.27 14.91 -23.59
C1 PG5 G . -6.61 -16.37 26.18
O1 PG5 G . -5.68 -16.33 25.11
C2 PG5 G . -5.90 -15.30 24.21
C3 PG5 G . -5.06 -15.52 22.96
O2 PG5 G . -5.10 -14.38 22.17
C4 PG5 G . -3.82 -13.67 22.07
C5 PG5 G . -4.02 -12.40 21.27
O3 PG5 G . -4.51 -11.39 22.09
C6 PG5 G . -3.52 -10.83 23.00
C7 PG5 G . -4.25 -10.12 24.17
O4 PG5 G . -3.46 -10.18 25.31
C8 PG5 G . -3.87 -11.20 26.26
C1 PG5 H . 31.12 4.09 -1.99
O1 PG5 H . 31.78 4.24 -0.74
C2 PG5 H . 31.26 3.49 0.27
C3 PG5 H . 31.90 3.90 1.60
O2 PG5 H . 31.22 5.02 2.10
C4 PG5 H . 31.89 5.66 3.23
C5 PG5 H . 31.61 7.15 3.17
O3 PG5 H . 32.15 7.68 1.99
C6 PG5 H . 32.11 9.12 1.92
C7 PG5 H . 31.38 9.54 0.61
O4 PG5 H . 31.90 8.80 -0.46
C8 PG5 H . 31.27 9.08 -1.73
#